data_4GV7
#
_entry.id   4GV7
#
_cell.length_a   87.050
_cell.length_b   49.430
_cell.length_c   183.510
_cell.angle_alpha   90.00
_cell.angle_beta   101.82
_cell.angle_gamma   90.00
#
_symmetry.space_group_name_H-M   'P 1 21 1'
#
loop_
_entity.id
_entity.type
_entity.pdbx_description
1 polymer 'Poly [ADP-ribose] polymerase 1'
2 non-polymer 2-methylquinazolin-4(3H)-one
#
_entity_poly.entity_id   1
_entity_poly.type   'polypeptide(L)'
_entity_poly.pdbx_seq_one_letter_code
;MKSKLPKPVQDLIKMIFDVESMKKAMVEYEIDLQKMPLGKLSKRQIQAAYSILSEVQQAVSQGSSDSQILDLSNRFYTLI
PHDFGMKKPPLLNNADSVQAKAEMLDNLLDIEVAYSLLRGGSDDSSKDPIDVNYEKLKTDIKVVDRDSEEAEIIRKYVKN
THATTHNAYDLEVIDIFKIEREGECQRYKPFKQLHNRRLLWHGSRTTNFAGILSQGLRIAPPEAPVTGYMFGKGIYFADM
VSKSANYCHTSQGDPIGLILLGEVALGNMYELKHASHISKLPKGKHSVKGLGKTTPDPSANISLDGVDVPLGTGISSGVN
DTSLLYNEYIVYDIAQVNLKYLLKLKFNFKTAHHHHHH
;
_entity_poly.pdbx_strand_id   A,B,C,D
#
# COMPACT_ATOMS: atom_id res chain seq x y z
N SER A 3 -25.99 -48.59 -3.56
CA SER A 3 -27.18 -49.36 -3.86
C SER A 3 -28.29 -49.06 -2.80
N LYS A 4 -27.95 -49.17 -1.49
CA LYS A 4 -28.85 -49.05 -0.32
C LYS A 4 -29.28 -47.58 0.08
N LEU A 5 -29.00 -46.55 -0.76
CA LEU A 5 -29.44 -45.17 -0.47
C LEU A 5 -30.69 -44.82 -1.31
N PRO A 6 -31.59 -43.89 -0.88
CA PRO A 6 -32.73 -43.53 -1.75
C PRO A 6 -32.24 -42.90 -3.06
N LYS A 7 -32.90 -43.21 -4.20
CA LYS A 7 -32.51 -42.68 -5.54
C LYS A 7 -32.18 -41.18 -5.49
N PRO A 8 -33.06 -40.26 -4.93
CA PRO A 8 -32.73 -38.83 -4.90
C PRO A 8 -31.42 -38.51 -4.17
N VAL A 9 -31.17 -39.16 -3.01
CA VAL A 9 -29.93 -39.00 -2.24
C VAL A 9 -28.74 -39.45 -3.13
N GLN A 10 -28.85 -40.62 -3.79
CA GLN A 10 -27.82 -41.11 -4.71
C GLN A 10 -27.62 -40.11 -5.84
N ASP A 11 -28.71 -39.78 -6.58
CA ASP A 11 -28.74 -38.82 -7.69
C ASP A 11 -27.98 -37.55 -7.35
N LEU A 12 -28.04 -37.11 -6.08
CA LEU A 12 -27.37 -35.91 -5.57
C LEU A 12 -25.85 -36.13 -5.41
N ILE A 13 -25.42 -37.32 -4.91
CA ILE A 13 -23.99 -37.63 -4.67
C ILE A 13 -23.22 -37.63 -6.01
N LYS A 14 -23.62 -38.50 -6.96
CA LYS A 14 -23.03 -38.61 -8.31
C LYS A 14 -22.97 -37.22 -8.96
N MET A 15 -23.99 -36.40 -8.69
CA MET A 15 -24.14 -35.04 -9.19
C MET A 15 -23.10 -34.11 -8.58
N ILE A 16 -22.96 -34.10 -7.23
CA ILE A 16 -21.99 -33.22 -6.57
C ILE A 16 -20.57 -33.78 -6.70
N PHE A 17 -20.41 -35.10 -6.90
CA PHE A 17 -19.05 -35.64 -6.98
C PHE A 17 -18.58 -35.87 -8.43
N ASP A 18 -19.32 -35.32 -9.42
CA ASP A 18 -18.95 -35.48 -10.82
C ASP A 18 -17.65 -34.73 -11.10
N VAL A 19 -16.61 -35.49 -11.50
CA VAL A 19 -15.27 -35.02 -11.83
C VAL A 19 -15.33 -34.33 -13.23
N GLU A 20 -16.28 -34.77 -14.10
CA GLU A 20 -16.53 -34.24 -15.45
C GLU A 20 -17.12 -32.82 -15.37
N SER A 21 -18.01 -32.58 -14.37
CA SER A 21 -18.63 -31.27 -14.07
C SER A 21 -17.57 -30.30 -13.56
N MET A 22 -16.62 -30.82 -12.74
CA MET A 22 -15.48 -30.06 -12.20
C MET A 22 -14.64 -29.54 -13.36
N LYS A 23 -14.30 -30.44 -14.31
CA LYS A 23 -13.51 -30.14 -15.51
C LYS A 23 -14.19 -29.06 -16.36
N LYS A 24 -15.54 -29.14 -16.53
CA LYS A 24 -16.40 -28.20 -17.30
C LYS A 24 -16.18 -26.75 -16.80
N ALA A 25 -16.27 -26.54 -15.46
CA ALA A 25 -16.05 -25.27 -14.76
C ALA A 25 -14.66 -24.67 -15.06
N MET A 26 -13.57 -25.48 -14.91
CA MET A 26 -12.18 -25.09 -15.21
C MET A 26 -12.09 -24.47 -16.59
N VAL A 27 -12.58 -25.24 -17.62
CA VAL A 27 -12.64 -24.87 -19.04
C VAL A 27 -13.44 -23.54 -19.18
N GLU A 28 -14.59 -23.41 -18.46
CA GLU A 28 -15.42 -22.20 -18.51
C GLU A 28 -14.68 -20.97 -17.93
N TYR A 29 -13.62 -21.18 -17.12
CA TYR A 29 -12.80 -20.11 -16.55
C TYR A 29 -11.57 -19.88 -17.42
N GLU A 30 -11.49 -20.61 -18.54
CA GLU A 30 -10.43 -20.60 -19.55
C GLU A 30 -9.09 -21.05 -18.95
N ILE A 31 -9.14 -22.02 -18.02
CA ILE A 31 -7.94 -22.59 -17.39
C ILE A 31 -7.35 -23.65 -18.34
N ASP A 32 -6.01 -23.65 -18.47
CA ASP A 32 -5.28 -24.61 -19.30
C ASP A 32 -5.21 -25.95 -18.55
N LEU A 33 -6.11 -26.88 -18.85
CA LEU A 33 -6.17 -28.17 -18.16
C LEU A 33 -4.97 -29.11 -18.52
N GLN A 34 -4.14 -28.75 -19.51
CA GLN A 34 -2.95 -29.56 -19.85
C GLN A 34 -1.82 -29.22 -18.87
N LYS A 35 -1.67 -27.92 -18.56
CA LYS A 35 -0.67 -27.37 -17.64
C LYS A 35 -1.20 -27.33 -16.20
N MET A 36 -2.51 -27.15 -16.04
CA MET A 36 -3.16 -27.08 -14.75
C MET A 36 -4.29 -28.09 -14.71
N PRO A 37 -4.01 -29.40 -14.58
CA PRO A 37 -5.13 -30.37 -14.49
C PRO A 37 -5.84 -30.27 -13.15
N LEU A 38 -6.97 -31.00 -12.99
CA LEU A 38 -7.74 -31.04 -11.75
C LEU A 38 -6.87 -31.52 -10.56
N GLY A 39 -5.93 -32.41 -10.87
CA GLY A 39 -5.03 -33.02 -9.90
C GLY A 39 -3.84 -32.20 -9.47
N LYS A 40 -3.58 -31.06 -10.16
CA LYS A 40 -2.47 -30.16 -9.83
C LYS A 40 -2.91 -29.08 -8.81
N LEU A 41 -4.21 -28.69 -8.84
CA LEU A 41 -4.85 -27.71 -7.96
C LEU A 41 -4.54 -27.97 -6.48
N SER A 42 -3.81 -27.06 -5.80
CA SER A 42 -3.49 -27.20 -4.37
C SER A 42 -3.93 -25.96 -3.59
N LYS A 43 -4.13 -26.11 -2.28
CA LYS A 43 -4.60 -25.06 -1.36
C LYS A 43 -3.64 -23.87 -1.30
N ARG A 44 -2.32 -24.14 -1.23
CA ARG A 44 -1.28 -23.13 -1.10
C ARG A 44 -1.08 -22.36 -2.39
N GLN A 45 -1.43 -23.01 -3.53
CA GLN A 45 -1.42 -22.47 -4.88
C GLN A 45 -2.59 -21.48 -5.01
N ILE A 46 -3.80 -21.89 -4.59
CA ILE A 46 -4.99 -21.02 -4.59
C ILE A 46 -4.81 -19.94 -3.52
N GLN A 47 -4.13 -20.27 -2.39
CA GLN A 47 -3.86 -19.32 -1.32
C GLN A 47 -2.95 -18.20 -1.83
N ALA A 48 -1.97 -18.58 -2.68
CA ALA A 48 -1.02 -17.69 -3.36
C ALA A 48 -1.75 -16.83 -4.37
N ALA A 49 -2.73 -17.43 -5.07
CA ALA A 49 -3.52 -16.75 -6.09
C ALA A 49 -4.37 -15.62 -5.49
N TYR A 50 -4.85 -15.79 -4.22
CA TYR A 50 -5.62 -14.79 -3.49
C TYR A 50 -4.75 -13.59 -3.14
N SER A 51 -3.55 -13.84 -2.56
CA SER A 51 -2.60 -12.81 -2.13
C SER A 51 -2.18 -11.91 -3.27
N ILE A 52 -2.01 -12.46 -4.51
CA ILE A 52 -1.68 -11.72 -5.75
C ILE A 52 -2.86 -10.76 -6.08
N LEU A 53 -4.12 -11.26 -6.02
CA LEU A 53 -5.31 -10.44 -6.26
C LEU A 53 -5.38 -9.30 -5.24
N SER A 54 -5.10 -9.61 -3.94
CA SER A 54 -5.01 -8.61 -2.87
C SER A 54 -3.84 -7.63 -3.13
N GLU A 55 -2.72 -8.11 -3.75
CA GLU A 55 -1.56 -7.30 -4.16
C GLU A 55 -1.91 -6.43 -5.35
N VAL A 56 -2.78 -6.94 -6.24
CA VAL A 56 -3.26 -6.23 -7.43
C VAL A 56 -4.19 -5.07 -7.00
N GLN A 57 -5.22 -5.38 -6.18
CA GLN A 57 -6.19 -4.38 -5.72
C GLN A 57 -5.49 -3.28 -4.89
N GLN A 58 -4.39 -3.62 -4.18
CA GLN A 58 -3.63 -2.63 -3.41
C GLN A 58 -2.81 -1.73 -4.32
N ALA A 59 -2.16 -2.32 -5.37
CA ALA A 59 -1.35 -1.62 -6.37
C ALA A 59 -2.19 -0.62 -7.16
N VAL A 60 -3.32 -1.09 -7.73
CA VAL A 60 -4.25 -0.26 -8.49
C VAL A 60 -4.68 0.92 -7.60
N SER A 61 -5.07 0.65 -6.31
CA SER A 61 -5.46 1.68 -5.32
C SER A 61 -4.34 2.70 -5.09
N GLN A 62 -3.13 2.21 -4.73
CA GLN A 62 -1.95 3.01 -4.47
C GLN A 62 -1.46 3.72 -5.75
N GLY A 63 -2.03 3.35 -6.89
CA GLY A 63 -1.70 3.89 -8.20
C GLY A 63 -0.32 3.43 -8.62
N SER A 64 -0.24 2.27 -9.27
CA SER A 64 1.04 1.74 -9.69
C SER A 64 1.34 2.02 -11.19
N SER A 65 2.52 1.59 -11.64
CA SER A 65 3.04 1.73 -12.98
C SER A 65 2.67 0.50 -13.81
N ASP A 66 2.43 0.66 -15.12
CA ASP A 66 2.04 -0.36 -16.11
C ASP A 66 2.76 -1.70 -15.93
N SER A 67 4.11 -1.69 -15.85
CA SER A 67 4.96 -2.89 -15.71
C SER A 67 4.81 -3.58 -14.37
N GLN A 68 4.83 -2.83 -13.24
CA GLN A 68 4.73 -3.43 -11.90
C GLN A 68 3.34 -4.03 -11.71
N ILE A 69 2.32 -3.41 -12.33
CA ILE A 69 0.96 -3.93 -12.31
C ILE A 69 0.93 -5.17 -13.24
N LEU A 70 1.65 -5.10 -14.40
CA LEU A 70 1.77 -6.17 -15.43
C LEU A 70 2.47 -7.39 -14.86
N ASP A 71 3.41 -7.17 -13.93
CA ASP A 71 4.18 -8.23 -13.29
C ASP A 71 3.28 -9.19 -12.53
N LEU A 72 2.32 -8.64 -11.75
CA LEU A 72 1.35 -9.37 -10.94
C LEU A 72 0.35 -10.12 -11.82
N SER A 73 0.05 -9.55 -13.00
CA SER A 73 -0.83 -10.18 -13.98
C SER A 73 -0.17 -11.47 -14.53
N ASN A 74 1.15 -11.37 -14.88
CA ASN A 74 1.97 -12.46 -15.39
C ASN A 74 2.13 -13.52 -14.33
N ARG A 75 2.45 -13.09 -13.08
CA ARG A 75 2.66 -13.93 -11.90
C ARG A 75 1.40 -14.79 -11.60
N PHE A 76 0.20 -14.16 -11.62
CA PHE A 76 -1.10 -14.82 -11.42
C PHE A 76 -1.33 -15.89 -12.48
N TYR A 77 -1.09 -15.56 -13.76
CA TYR A 77 -1.31 -16.51 -14.86
C TYR A 77 -0.23 -17.59 -14.87
N THR A 78 0.98 -17.31 -14.34
CA THR A 78 2.10 -18.25 -14.27
C THR A 78 1.78 -19.29 -13.24
N LEU A 79 1.03 -18.90 -12.19
CA LEU A 79 0.59 -19.72 -11.07
C LEU A 79 -0.66 -20.53 -11.43
N ILE A 80 -1.66 -19.91 -12.05
CA ILE A 80 -2.91 -20.55 -12.51
C ILE A 80 -2.90 -20.53 -14.05
N PRO A 81 -2.27 -21.53 -14.71
CA PRO A 81 -2.22 -21.54 -16.18
C PRO A 81 -3.58 -21.36 -16.84
N HIS A 82 -3.70 -20.29 -17.62
CA HIS A 82 -4.90 -19.98 -18.38
C HIS A 82 -4.63 -20.17 -19.86
N ASP A 83 -5.69 -20.49 -20.63
CA ASP A 83 -5.62 -20.65 -22.09
C ASP A 83 -6.66 -19.75 -22.73
N PHE A 84 -6.18 -18.75 -23.50
CA PHE A 84 -7.03 -17.77 -24.17
C PHE A 84 -7.01 -17.95 -25.69
N GLY A 85 -6.29 -18.97 -26.17
CA GLY A 85 -6.17 -19.29 -27.59
C GLY A 85 -5.35 -18.27 -28.36
N MET A 86 -6.02 -17.49 -29.22
CA MET A 86 -5.38 -16.45 -30.05
C MET A 86 -5.66 -15.06 -29.45
N LYS A 87 -6.70 -14.96 -28.58
CA LYS A 87 -7.09 -13.75 -27.86
C LYS A 87 -5.97 -13.38 -26.86
N LYS A 88 -5.60 -12.09 -26.79
CA LYS A 88 -4.52 -11.61 -25.91
C LYS A 88 -4.91 -11.74 -24.41
N PRO A 89 -3.96 -12.16 -23.52
CA PRO A 89 -4.29 -12.31 -22.08
C PRO A 89 -4.78 -11.02 -21.43
N PRO A 90 -5.98 -11.03 -20.82
CA PRO A 90 -6.49 -9.79 -20.22
C PRO A 90 -5.77 -9.41 -18.92
N LEU A 91 -5.26 -8.17 -18.88
CA LEU A 91 -4.58 -7.54 -17.73
C LEU A 91 -5.47 -7.51 -16.52
N LEU A 92 -4.97 -7.88 -15.34
CA LEU A 92 -5.76 -7.81 -14.10
C LEU A 92 -5.36 -6.53 -13.40
N ASN A 93 -6.06 -5.44 -13.76
CA ASN A 93 -5.78 -4.08 -13.32
C ASN A 93 -7.03 -3.26 -12.99
N ASN A 94 -8.19 -3.93 -12.85
CA ASN A 94 -9.46 -3.24 -12.54
C ASN A 94 -10.32 -4.14 -11.65
N ALA A 95 -11.40 -3.57 -11.12
CA ALA A 95 -12.34 -4.20 -10.21
C ALA A 95 -13.07 -5.36 -10.87
N ASP A 96 -13.45 -5.19 -12.14
CA ASP A 96 -14.16 -6.23 -12.89
C ASP A 96 -13.23 -7.41 -13.11
N SER A 97 -11.95 -7.13 -13.42
CA SER A 97 -10.89 -8.11 -13.66
C SER A 97 -10.59 -8.93 -12.42
N VAL A 98 -10.50 -8.27 -11.24
CA VAL A 98 -10.19 -8.97 -9.99
C VAL A 98 -11.41 -9.77 -9.47
N GLN A 99 -12.64 -9.19 -9.53
CA GLN A 99 -13.91 -9.82 -9.11
C GLN A 99 -14.11 -11.15 -9.83
N ALA A 100 -13.83 -11.18 -11.14
CA ALA A 100 -14.00 -12.34 -12.00
C ALA A 100 -12.98 -13.42 -11.67
N LYS A 101 -11.74 -13.02 -11.29
CA LYS A 101 -10.72 -13.99 -10.91
C LYS A 101 -10.96 -14.45 -9.47
N ALA A 102 -11.40 -13.53 -8.60
CA ALA A 102 -11.74 -13.86 -7.22
C ALA A 102 -12.93 -14.81 -7.18
N GLU A 103 -13.91 -14.68 -8.13
CA GLU A 103 -15.10 -15.55 -8.26
C GLU A 103 -14.66 -16.99 -8.57
N MET A 104 -13.68 -17.10 -9.50
CA MET A 104 -13.08 -18.34 -9.95
C MET A 104 -12.41 -19.11 -8.80
N LEU A 105 -11.58 -18.42 -7.99
CA LEU A 105 -10.84 -19.04 -6.88
C LEU A 105 -11.76 -19.64 -5.84
N ASP A 106 -12.92 -18.97 -5.58
CA ASP A 106 -13.94 -19.47 -4.66
C ASP A 106 -14.42 -20.86 -5.11
N ASN A 107 -14.79 -20.97 -6.39
CA ASN A 107 -15.18 -22.21 -7.03
C ASN A 107 -14.02 -23.20 -7.02
N LEU A 108 -12.77 -22.75 -7.38
CA LEU A 108 -11.59 -23.64 -7.43
C LEU A 108 -11.22 -24.18 -6.06
N LEU A 109 -11.49 -23.40 -5.00
CA LEU A 109 -11.25 -23.74 -3.60
C LEU A 109 -12.11 -24.95 -3.23
N ASP A 110 -13.46 -24.85 -3.50
CA ASP A 110 -14.49 -25.88 -3.24
C ASP A 110 -14.41 -27.04 -4.25
N ILE A 111 -13.76 -26.81 -5.42
CA ILE A 111 -13.52 -27.84 -6.43
C ILE A 111 -12.34 -28.72 -5.93
N GLU A 112 -11.31 -28.10 -5.31
CA GLU A 112 -10.15 -28.79 -4.73
C GLU A 112 -10.61 -29.64 -3.53
N VAL A 113 -11.28 -29.01 -2.55
CA VAL A 113 -11.86 -29.63 -1.35
C VAL A 113 -12.68 -30.88 -1.73
N ALA A 114 -13.36 -30.85 -2.89
CA ALA A 114 -14.16 -31.98 -3.40
C ALA A 114 -13.30 -33.05 -4.09
N TYR A 115 -12.38 -32.64 -5.00
CA TYR A 115 -11.53 -33.59 -5.71
C TYR A 115 -10.56 -34.27 -4.77
N SER A 116 -10.18 -33.58 -3.67
CA SER A 116 -9.30 -34.14 -2.66
C SER A 116 -10.01 -35.28 -1.94
N LEU A 117 -11.33 -35.09 -1.63
CA LEU A 117 -12.18 -36.08 -0.96
C LEU A 117 -12.26 -37.37 -1.76
N LEU A 118 -12.48 -37.26 -3.07
CA LEU A 118 -12.61 -38.33 -4.02
C LEU A 118 -11.37 -39.26 -4.05
N ARG A 119 -10.17 -38.66 -4.10
CA ARG A 119 -8.92 -39.44 -4.14
C ARG A 119 -8.57 -39.97 -2.73
N GLY A 120 -9.02 -39.23 -1.70
CA GLY A 120 -8.87 -39.58 -0.30
C GLY A 120 -9.78 -40.73 0.10
N GLY A 121 -9.36 -41.51 1.09
CA GLY A 121 -10.10 -42.67 1.58
C GLY A 121 -9.56 -43.97 1.01
N SER A 122 -10.01 -45.11 1.55
CA SER A 122 -9.54 -46.42 1.09
C SER A 122 -10.51 -47.03 0.03
N ASP A 123 -10.72 -46.26 -1.07
CA ASP A 123 -11.61 -46.56 -2.22
C ASP A 123 -10.99 -47.90 -2.69
N ASP A 124 -11.74 -49.01 -2.48
CA ASP A 124 -11.36 -50.39 -2.82
C ASP A 124 -12.24 -50.78 -4.05
N SER A 125 -13.19 -51.75 -3.93
CA SER A 125 -14.00 -52.15 -5.10
C SER A 125 -15.45 -52.58 -4.76
N SER A 126 -15.63 -53.46 -3.75
CA SER A 126 -16.90 -54.06 -3.36
C SER A 126 -18.01 -53.05 -2.96
N LYS A 127 -17.64 -51.92 -2.30
CA LYS A 127 -18.59 -50.91 -1.86
C LYS A 127 -18.93 -49.92 -2.98
N ASP A 128 -20.24 -49.69 -3.15
CA ASP A 128 -20.85 -48.82 -4.16
C ASP A 128 -20.28 -47.40 -4.09
N PRO A 129 -19.74 -46.88 -5.22
CA PRO A 129 -19.17 -45.52 -5.24
C PRO A 129 -19.96 -44.49 -4.43
N ILE A 130 -21.31 -44.52 -4.50
CA ILE A 130 -22.20 -43.60 -3.80
C ILE A 130 -22.01 -43.71 -2.29
N ASP A 131 -22.17 -44.92 -1.74
CA ASP A 131 -22.02 -45.19 -0.30
C ASP A 131 -20.68 -44.65 0.22
N VAL A 132 -19.60 -44.95 -0.49
CA VAL A 132 -18.23 -44.52 -0.20
C VAL A 132 -18.16 -42.96 -0.11
N ASN A 133 -18.65 -42.25 -1.16
CA ASN A 133 -18.59 -40.79 -1.26
C ASN A 133 -19.54 -40.06 -0.27
N TYR A 134 -20.78 -40.57 -0.08
CA TYR A 134 -21.75 -40.00 0.86
C TYR A 134 -21.22 -40.04 2.31
N GLU A 135 -20.44 -41.09 2.65
CA GLU A 135 -19.84 -41.18 3.98
C GLU A 135 -18.82 -40.05 4.15
N LYS A 136 -18.02 -39.77 3.11
CA LYS A 136 -16.96 -38.77 3.09
C LYS A 136 -17.46 -37.31 3.28
N LEU A 137 -18.78 -37.07 3.19
CA LEU A 137 -19.31 -35.72 3.38
C LEU A 137 -19.55 -35.44 4.87
N LYS A 138 -19.59 -36.52 5.67
CA LYS A 138 -19.82 -36.49 7.12
C LYS A 138 -21.16 -35.72 7.39
N THR A 139 -22.18 -36.01 6.55
CA THR A 139 -23.48 -35.36 6.63
C THR A 139 -24.63 -36.35 6.49
N ASP A 140 -25.62 -36.26 7.40
CA ASP A 140 -26.84 -37.04 7.33
C ASP A 140 -27.79 -36.36 6.32
N ILE A 141 -27.87 -36.92 5.12
CA ILE A 141 -28.74 -36.44 4.05
C ILE A 141 -29.96 -37.37 4.03
N LYS A 142 -31.14 -36.81 4.31
CA LYS A 142 -32.37 -37.58 4.34
C LYS A 142 -33.38 -36.89 3.47
N VAL A 143 -34.12 -37.66 2.66
CA VAL A 143 -35.16 -37.12 1.78
C VAL A 143 -36.33 -36.62 2.65
N VAL A 144 -36.86 -35.41 2.38
CA VAL A 144 -38.05 -34.85 3.05
C VAL A 144 -39.24 -35.36 2.24
N ASP A 145 -40.28 -35.90 2.90
CA ASP A 145 -41.43 -36.42 2.15
C ASP A 145 -42.21 -35.29 1.49
N ARG A 146 -42.77 -35.58 0.29
CA ARG A 146 -43.54 -34.67 -0.58
C ARG A 146 -44.73 -34.04 0.14
N ASP A 147 -45.45 -34.86 0.92
CA ASP A 147 -46.66 -34.45 1.62
C ASP A 147 -46.39 -34.02 3.08
N SER A 148 -45.12 -33.77 3.45
CA SER A 148 -44.81 -33.36 4.82
C SER A 148 -45.13 -31.88 5.01
N GLU A 149 -45.17 -31.43 6.28
CA GLU A 149 -45.43 -30.04 6.69
C GLU A 149 -44.38 -29.14 6.07
N GLU A 150 -43.10 -29.44 6.36
CA GLU A 150 -41.95 -28.68 5.89
C GLU A 150 -41.97 -28.60 4.37
N ALA A 151 -42.34 -29.70 3.67
CA ALA A 151 -42.42 -29.71 2.20
C ALA A 151 -43.35 -28.61 1.66
N GLU A 152 -44.53 -28.36 2.28
CA GLU A 152 -45.46 -27.30 1.87
C GLU A 152 -44.89 -25.90 2.14
N ILE A 153 -44.24 -25.72 3.31
CA ILE A 153 -43.58 -24.49 3.75
C ILE A 153 -42.47 -24.11 2.73
N ILE A 154 -41.58 -25.08 2.44
CA ILE A 154 -40.46 -24.91 1.52
C ILE A 154 -40.98 -24.60 0.12
N ARG A 155 -42.07 -25.24 -0.31
CA ARG A 155 -42.65 -24.97 -1.63
C ARG A 155 -43.40 -23.63 -1.66
N LYS A 156 -43.95 -23.17 -0.51
CA LYS A 156 -44.59 -21.86 -0.45
C LYS A 156 -43.49 -20.78 -0.56
N TYR A 157 -42.38 -20.94 0.22
CA TYR A 157 -41.19 -20.07 0.22
C TYR A 157 -40.62 -19.86 -1.20
N VAL A 158 -40.33 -20.97 -1.96
CA VAL A 158 -39.82 -20.96 -3.35
C VAL A 158 -40.77 -20.16 -4.25
N LYS A 159 -42.07 -20.51 -4.23
CA LYS A 159 -43.12 -19.89 -5.04
C LYS A 159 -43.28 -18.38 -4.79
N ASN A 160 -43.45 -17.95 -3.53
CA ASN A 160 -43.77 -16.55 -3.22
C ASN A 160 -42.63 -15.54 -3.24
N THR A 161 -41.37 -15.98 -2.94
CA THR A 161 -40.21 -15.11 -2.84
C THR A 161 -39.42 -15.04 -4.18
N HIS A 162 -39.96 -15.62 -5.26
CA HIS A 162 -39.36 -15.47 -6.58
C HIS A 162 -39.67 -14.05 -7.03
N ALA A 163 -38.62 -13.25 -7.20
CA ALA A 163 -38.66 -11.83 -7.56
C ALA A 163 -39.14 -11.58 -8.98
N THR A 164 -39.87 -10.49 -9.17
CA THR A 164 -40.42 -10.05 -10.47
C THR A 164 -39.28 -9.70 -11.47
N THR A 165 -38.13 -9.17 -10.96
CA THR A 165 -36.91 -8.83 -11.70
C THR A 165 -36.28 -10.07 -12.33
N HIS A 166 -36.33 -11.21 -11.60
CA HIS A 166 -35.76 -12.49 -12.02
C HIS A 166 -36.74 -13.28 -12.90
N ASN A 167 -37.26 -12.61 -13.93
CA ASN A 167 -38.24 -13.12 -14.87
C ASN A 167 -37.60 -13.90 -16.04
N ALA A 168 -36.44 -14.56 -15.81
CA ALA A 168 -35.77 -15.34 -16.88
C ALA A 168 -35.98 -16.87 -16.72
N TYR A 169 -36.47 -17.31 -15.54
CA TYR A 169 -36.77 -18.71 -15.24
C TYR A 169 -37.92 -18.83 -14.25
N ASP A 170 -38.53 -20.02 -14.21
CA ASP A 170 -39.55 -20.43 -13.26
C ASP A 170 -38.93 -21.53 -12.42
N LEU A 171 -38.95 -21.37 -11.11
CA LEU A 171 -38.36 -22.42 -10.28
C LEU A 171 -39.37 -23.54 -10.04
N GLU A 172 -38.90 -24.79 -10.18
CA GLU A 172 -39.59 -26.07 -10.05
C GLU A 172 -38.81 -26.95 -9.05
N VAL A 173 -39.44 -27.36 -7.92
CA VAL A 173 -38.76 -28.16 -6.88
C VAL A 173 -38.79 -29.64 -7.29
N ILE A 174 -37.61 -30.31 -7.25
CA ILE A 174 -37.45 -31.73 -7.61
C ILE A 174 -37.30 -32.59 -6.35
N ASP A 175 -36.34 -32.21 -5.46
CA ASP A 175 -36.03 -32.92 -4.23
C ASP A 175 -35.70 -31.95 -3.12
N ILE A 176 -36.18 -32.26 -1.91
CA ILE A 176 -35.91 -31.52 -0.67
C ILE A 176 -35.23 -32.48 0.29
N PHE A 177 -34.03 -32.12 0.78
CA PHE A 177 -33.27 -32.96 1.71
C PHE A 177 -33.10 -32.29 3.03
N LYS A 178 -33.45 -33.00 4.11
CA LYS A 178 -33.25 -32.55 5.48
C LYS A 178 -31.82 -32.93 5.82
N ILE A 179 -30.93 -31.94 5.84
CA ILE A 179 -29.52 -32.19 6.13
C ILE A 179 -29.16 -31.77 7.57
N GLU A 180 -28.12 -32.44 8.10
CA GLU A 180 -27.51 -32.17 9.40
C GLU A 180 -26.04 -32.55 9.29
N ARG A 181 -25.17 -31.51 9.24
CA ARG A 181 -23.73 -31.68 9.11
C ARG A 181 -23.13 -32.14 10.42
N GLU A 182 -22.12 -33.05 10.33
CA GLU A 182 -21.45 -33.63 11.50
C GLU A 182 -20.79 -32.52 12.34
N GLY A 183 -21.29 -32.42 13.59
CA GLY A 183 -20.86 -31.46 14.61
C GLY A 183 -21.46 -30.07 14.52
N GLU A 184 -22.17 -29.72 13.41
CA GLU A 184 -22.72 -28.39 13.17
C GLU A 184 -23.63 -27.92 14.30
N CYS A 185 -24.46 -28.80 14.86
CA CYS A 185 -25.37 -28.46 15.95
C CYS A 185 -24.62 -28.24 17.28
N GLN A 186 -23.51 -28.98 17.46
CA GLN A 186 -22.65 -28.82 18.61
C GLN A 186 -21.94 -27.43 18.58
N ARG A 187 -21.58 -26.97 17.36
CA ARG A 187 -20.91 -25.70 17.01
C ARG A 187 -21.88 -24.53 17.07
N TYR A 188 -23.09 -24.74 16.54
CA TYR A 188 -24.16 -23.77 16.49
C TYR A 188 -24.78 -23.53 17.87
N LYS A 189 -24.73 -24.57 18.76
CA LYS A 189 -25.28 -24.60 20.13
C LYS A 189 -25.20 -23.20 20.87
N PRO A 190 -24.06 -22.45 20.85
CA PRO A 190 -24.04 -21.15 21.53
C PRO A 190 -24.98 -20.08 20.95
N PHE A 191 -25.52 -20.29 19.73
CA PHE A 191 -26.36 -19.30 19.06
C PHE A 191 -27.81 -19.75 18.96
N LYS A 192 -28.11 -21.01 19.33
CA LYS A 192 -29.44 -21.57 19.27
C LYS A 192 -30.41 -20.79 20.17
N GLN A 193 -29.90 -20.26 21.29
CA GLN A 193 -30.72 -19.51 22.25
C GLN A 193 -31.05 -18.11 21.72
N LEU A 194 -30.11 -17.49 20.96
CA LEU A 194 -30.23 -16.15 20.36
C LEU A 194 -31.59 -15.90 19.69
N HIS A 195 -32.06 -14.66 19.78
CA HIS A 195 -33.30 -14.23 19.14
C HIS A 195 -33.02 -13.87 17.67
N ASN A 196 -34.09 -13.69 16.89
CA ASN A 196 -34.05 -13.36 15.48
C ASN A 196 -33.28 -14.42 14.68
N ARG A 197 -33.71 -15.68 14.81
CA ARG A 197 -33.16 -16.81 14.05
C ARG A 197 -34.07 -17.01 12.84
N ARG A 198 -33.49 -17.01 11.62
CA ARG A 198 -34.27 -17.10 10.39
C ARG A 198 -33.86 -18.23 9.46
N LEU A 199 -34.85 -18.77 8.71
CA LEU A 199 -34.62 -19.80 7.67
C LEU A 199 -34.44 -19.04 6.36
N LEU A 200 -33.19 -18.98 5.89
CA LEU A 200 -32.85 -18.17 4.73
C LEU A 200 -32.20 -18.96 3.62
N TRP A 201 -32.19 -18.36 2.43
CA TRP A 201 -31.66 -18.95 1.21
C TRP A 201 -30.20 -18.73 1.03
N HIS A 202 -29.57 -19.66 0.29
CA HIS A 202 -28.16 -19.60 -0.11
C HIS A 202 -27.96 -20.42 -1.39
N GLY A 203 -27.77 -19.71 -2.50
CA GLY A 203 -27.52 -20.30 -3.80
C GLY A 203 -26.03 -20.38 -3.96
N SER A 204 -25.55 -21.44 -4.65
CA SER A 204 -24.14 -21.69 -4.93
C SER A 204 -24.03 -22.68 -6.09
N ARG A 205 -22.88 -22.70 -6.82
CA ARG A 205 -22.64 -23.61 -7.94
C ARG A 205 -22.64 -25.02 -7.45
N THR A 206 -23.11 -25.93 -8.30
CA THR A 206 -23.23 -27.34 -7.94
C THR A 206 -21.84 -27.92 -7.52
N THR A 207 -20.74 -27.48 -8.20
CA THR A 207 -19.39 -28.02 -7.94
C THR A 207 -18.84 -27.60 -6.55
N ASN A 208 -19.57 -26.76 -5.83
CA ASN A 208 -19.17 -26.29 -4.51
C ASN A 208 -19.84 -27.05 -3.35
N PHE A 209 -20.95 -27.77 -3.62
CA PHE A 209 -21.72 -28.45 -2.58
C PHE A 209 -20.99 -29.60 -1.87
N ALA A 210 -20.11 -30.37 -2.57
CA ALA A 210 -19.34 -31.42 -1.90
C ALA A 210 -18.44 -30.80 -0.83
N GLY A 211 -18.08 -29.52 -1.02
CA GLY A 211 -17.29 -28.72 -0.09
C GLY A 211 -18.15 -28.06 0.96
N ILE A 212 -19.35 -27.54 0.55
CA ILE A 212 -20.30 -26.88 1.46
C ILE A 212 -20.81 -27.88 2.49
N LEU A 213 -21.06 -29.12 2.08
CA LEU A 213 -21.52 -30.14 3.01
C LEU A 213 -20.31 -30.76 3.77
N SER A 214 -19.10 -30.74 3.17
CA SER A 214 -17.88 -31.28 3.77
C SER A 214 -17.39 -30.37 4.88
N GLN A 215 -17.11 -29.10 4.57
CA GLN A 215 -16.54 -28.13 5.51
C GLN A 215 -17.53 -27.01 5.99
N GLY A 216 -18.78 -27.05 5.52
CA GLY A 216 -19.81 -26.09 5.89
C GLY A 216 -19.70 -24.81 5.11
N LEU A 217 -20.52 -23.81 5.45
CA LEU A 217 -20.46 -22.49 4.83
C LEU A 217 -19.34 -21.73 5.51
N ARG A 218 -18.42 -21.18 4.70
CA ARG A 218 -17.19 -20.51 5.14
C ARG A 218 -17.07 -19.06 4.68
N ILE A 219 -16.20 -18.31 5.36
CA ILE A 219 -15.87 -16.90 5.14
C ILE A 219 -14.56 -16.84 4.34
N ALA A 220 -14.43 -15.83 3.45
CA ALA A 220 -13.23 -15.70 2.66
C ALA A 220 -11.95 -15.59 3.56
N PRO A 221 -10.81 -16.22 3.12
CA PRO A 221 -9.58 -16.15 3.93
C PRO A 221 -8.97 -14.72 3.97
N PRO A 222 -8.08 -14.37 4.92
CA PRO A 222 -7.54 -12.99 4.95
C PRO A 222 -6.85 -12.58 3.64
N GLU A 223 -6.18 -13.53 2.95
CA GLU A 223 -5.48 -13.34 1.68
C GLU A 223 -6.42 -12.91 0.54
N ALA A 224 -7.72 -13.28 0.60
CA ALA A 224 -8.69 -12.97 -0.45
C ALA A 224 -8.86 -11.45 -0.64
N PRO A 225 -9.02 -10.98 -1.90
CA PRO A 225 -9.24 -9.54 -2.11
C PRO A 225 -10.62 -9.19 -1.59
N VAL A 226 -10.84 -7.92 -1.21
CA VAL A 226 -12.13 -7.56 -0.67
C VAL A 226 -12.96 -6.93 -1.84
N THR A 227 -13.60 -7.84 -2.63
CA THR A 227 -14.36 -7.53 -3.84
C THR A 227 -15.60 -8.47 -3.96
N GLY A 228 -16.53 -8.09 -4.84
CA GLY A 228 -17.76 -8.82 -5.13
C GLY A 228 -18.89 -8.57 -4.15
N TYR A 229 -18.61 -8.76 -2.84
CA TYR A 229 -19.56 -8.61 -1.76
C TYR A 229 -19.66 -7.16 -1.26
N MET A 230 -20.90 -6.69 -1.04
CA MET A 230 -21.27 -5.35 -0.59
C MET A 230 -20.92 -5.03 0.90
N PHE A 231 -20.93 -6.03 1.82
CA PHE A 231 -20.68 -5.74 3.25
C PHE A 231 -19.50 -6.49 3.89
N GLY A 232 -18.42 -6.66 3.16
CA GLY A 232 -17.22 -7.33 3.66
C GLY A 232 -17.26 -8.83 3.61
N LYS A 233 -16.20 -9.47 4.14
CA LYS A 233 -16.03 -10.92 4.22
C LYS A 233 -16.89 -11.48 5.36
N GLY A 234 -17.96 -12.17 4.97
CA GLY A 234 -18.93 -12.87 5.82
C GLY A 234 -19.73 -13.83 4.97
N ILE A 235 -20.68 -14.59 5.60
CA ILE A 235 -21.58 -15.52 4.90
C ILE A 235 -22.87 -14.76 4.53
N TYR A 236 -23.23 -14.79 3.22
CA TYR A 236 -24.38 -14.08 2.66
C TYR A 236 -25.56 -14.97 2.39
N PHE A 237 -26.75 -14.44 2.74
CA PHE A 237 -28.05 -15.09 2.56
C PHE A 237 -29.08 -14.13 1.94
N ALA A 238 -30.20 -14.67 1.45
CA ALA A 238 -31.31 -13.89 0.90
C ALA A 238 -32.63 -14.43 1.45
N ASP A 239 -33.69 -13.58 1.47
CA ASP A 239 -35.04 -14.01 1.88
C ASP A 239 -35.86 -14.29 0.59
N MET A 240 -35.33 -13.80 -0.54
CA MET A 240 -35.84 -13.99 -1.89
C MET A 240 -35.10 -15.19 -2.48
N VAL A 241 -35.83 -16.23 -2.87
CA VAL A 241 -35.27 -17.48 -3.39
C VAL A 241 -34.46 -17.25 -4.68
N SER A 242 -35.06 -16.53 -5.64
CA SER A 242 -34.47 -16.21 -6.96
C SER A 242 -33.16 -15.40 -6.84
N LYS A 243 -32.99 -14.59 -5.77
CA LYS A 243 -31.74 -13.88 -5.60
C LYS A 243 -30.60 -14.89 -5.37
N SER A 244 -30.85 -15.91 -4.52
CA SER A 244 -29.87 -16.97 -4.22
C SER A 244 -29.76 -17.93 -5.39
N ALA A 245 -30.91 -18.39 -5.94
CA ALA A 245 -31.03 -19.24 -7.14
C ALA A 245 -30.17 -18.73 -8.33
N ASN A 246 -29.87 -17.41 -8.39
CA ASN A 246 -29.03 -16.77 -9.41
C ASN A 246 -27.58 -17.19 -9.31
N TYR A 247 -27.14 -17.54 -8.10
CA TYR A 247 -25.77 -17.94 -7.83
C TYR A 247 -25.54 -19.44 -8.14
N CYS A 248 -26.55 -20.16 -8.75
CA CYS A 248 -26.43 -21.57 -9.18
C CYS A 248 -25.76 -21.60 -10.56
N HIS A 249 -25.90 -20.47 -11.29
CA HIS A 249 -25.40 -20.19 -12.64
C HIS A 249 -25.89 -21.25 -13.63
N THR A 250 -27.16 -21.63 -13.49
CA THR A 250 -27.79 -22.64 -14.32
C THR A 250 -27.97 -22.11 -15.74
N SER A 251 -27.44 -22.86 -16.70
CA SER A 251 -27.51 -22.56 -18.12
C SER A 251 -28.73 -23.27 -18.70
N GLN A 252 -29.13 -22.91 -19.94
CA GLN A 252 -30.28 -23.55 -20.61
C GLN A 252 -30.00 -25.05 -20.88
N GLY A 253 -28.74 -25.38 -21.14
CA GLY A 253 -28.27 -26.74 -21.37
C GLY A 253 -28.20 -27.57 -20.09
N ASP A 254 -27.89 -26.91 -18.94
CA ASP A 254 -27.84 -27.53 -17.61
C ASP A 254 -28.73 -26.72 -16.64
N PRO A 255 -30.06 -26.98 -16.63
CA PRO A 255 -30.96 -26.19 -15.78
C PRO A 255 -31.17 -26.76 -14.37
N ILE A 256 -30.31 -27.72 -13.98
CA ILE A 256 -30.40 -28.37 -12.68
C ILE A 256 -29.35 -27.79 -11.74
N GLY A 257 -29.84 -27.27 -10.62
CA GLY A 257 -29.01 -26.66 -9.58
C GLY A 257 -29.48 -26.94 -8.16
N LEU A 258 -28.60 -26.69 -7.19
CA LEU A 258 -28.88 -26.91 -5.77
C LEU A 258 -28.82 -25.58 -4.98
N ILE A 259 -29.72 -25.45 -3.97
CA ILE A 259 -29.83 -24.27 -3.10
C ILE A 259 -29.91 -24.71 -1.62
N LEU A 260 -29.71 -23.79 -0.69
CA LEU A 260 -29.71 -24.12 0.73
C LEU A 260 -30.68 -23.31 1.56
N LEU A 261 -31.04 -23.85 2.70
CA LEU A 261 -31.83 -23.20 3.72
C LEU A 261 -31.11 -23.46 5.03
N GLY A 262 -30.57 -22.41 5.60
CA GLY A 262 -29.84 -22.50 6.85
C GLY A 262 -30.48 -21.69 7.95
N GLU A 263 -30.34 -22.18 9.20
CA GLU A 263 -30.77 -21.47 10.39
C GLU A 263 -29.64 -20.50 10.69
N VAL A 264 -29.89 -19.21 10.43
CA VAL A 264 -28.94 -18.13 10.61
C VAL A 264 -29.39 -17.36 11.83
N ALA A 265 -28.54 -17.36 12.87
CA ALA A 265 -28.79 -16.70 14.15
C ALA A 265 -28.39 -15.26 14.01
N LEU A 266 -29.33 -14.43 13.56
CA LEU A 266 -29.06 -13.04 13.24
C LEU A 266 -28.94 -12.11 14.45
N GLY A 267 -29.73 -12.33 15.51
CA GLY A 267 -29.70 -11.44 16.66
C GLY A 267 -30.10 -10.02 16.33
N ASN A 268 -29.34 -9.02 16.85
CA ASN A 268 -29.55 -7.58 16.62
C ASN A 268 -28.89 -7.24 15.35
N MET A 269 -29.65 -6.88 14.34
CA MET A 269 -29.03 -6.64 13.04
C MET A 269 -28.61 -5.20 12.83
N TYR A 270 -27.38 -5.02 12.30
CA TYR A 270 -26.82 -3.74 11.89
C TYR A 270 -27.33 -3.55 10.47
N GLU A 271 -28.48 -2.87 10.37
CA GLU A 271 -29.19 -2.64 9.12
C GLU A 271 -28.60 -1.49 8.32
N LEU A 272 -27.95 -1.82 7.21
CA LEU A 272 -27.33 -0.81 6.36
C LEU A 272 -28.07 -0.70 5.03
N LYS A 273 -27.76 0.34 4.23
CA LYS A 273 -28.45 0.59 2.96
C LYS A 273 -27.49 0.67 1.79
N HIS A 274 -26.22 0.99 2.05
CA HIS A 274 -25.18 1.13 1.02
C HIS A 274 -23.93 0.38 1.43
N ALA A 275 -23.12 -0.05 0.42
CA ALA A 275 -21.86 -0.80 0.61
C ALA A 275 -21.06 -0.28 1.80
N SER A 276 -20.59 -1.19 2.65
CA SER A 276 -19.85 -0.84 3.86
C SER A 276 -19.06 -2.07 4.28
N HIS A 277 -17.72 -2.06 4.13
CA HIS A 277 -16.89 -3.21 4.56
C HIS A 277 -16.70 -3.11 6.05
N ILE A 278 -16.82 -4.21 6.76
CA ILE A 278 -16.67 -4.18 8.21
C ILE A 278 -15.83 -5.28 8.78
N SER A 279 -16.25 -6.49 8.46
CA SER A 279 -15.91 -7.69 9.20
C SER A 279 -16.01 -7.51 10.73
N LYS A 280 -15.64 -6.34 11.26
CA LYS A 280 -15.81 -6.08 12.70
C LYS A 280 -17.04 -5.30 13.16
N LEU A 281 -18.10 -5.99 13.54
CA LEU A 281 -19.37 -5.39 13.85
C LEU A 281 -19.29 -4.45 15.02
N PRO A 282 -20.40 -3.76 15.28
CA PRO A 282 -20.51 -2.82 16.39
C PRO A 282 -20.99 -3.48 17.63
N LYS A 283 -20.89 -2.84 18.77
CA LYS A 283 -21.25 -3.51 20.02
C LYS A 283 -22.74 -3.86 20.05
N GLY A 284 -23.01 -5.06 20.53
CA GLY A 284 -24.36 -5.60 20.63
C GLY A 284 -24.94 -6.13 19.34
N LYS A 285 -24.27 -5.91 18.18
CA LYS A 285 -24.76 -6.41 16.89
C LYS A 285 -24.18 -7.79 16.61
N HIS A 286 -24.99 -8.67 16.00
CA HIS A 286 -24.62 -10.04 15.69
C HIS A 286 -24.58 -10.29 14.19
N SER A 287 -25.20 -9.39 13.42
CA SER A 287 -25.27 -9.52 11.97
C SER A 287 -25.37 -8.16 11.25
N VAL A 288 -25.49 -8.21 9.92
CA VAL A 288 -25.73 -7.09 9.01
C VAL A 288 -26.94 -7.46 8.18
N LYS A 289 -27.85 -6.50 7.96
CA LYS A 289 -29.00 -6.69 7.10
C LYS A 289 -28.96 -5.64 6.01
N GLY A 290 -28.84 -6.11 4.79
CA GLY A 290 -28.88 -5.26 3.62
C GLY A 290 -30.34 -4.95 3.39
N LEU A 291 -30.74 -3.68 3.60
CA LEU A 291 -32.13 -3.26 3.46
C LEU A 291 -32.49 -3.07 1.99
N GLY A 292 -33.37 -3.95 1.51
CA GLY A 292 -33.87 -3.95 0.13
C GLY A 292 -35.17 -3.17 -0.01
N LYS A 293 -35.45 -2.70 -1.25
CA LYS A 293 -36.66 -1.95 -1.62
C LYS A 293 -37.87 -2.87 -1.58
N THR A 294 -37.67 -4.14 -1.94
CA THR A 294 -38.69 -5.19 -1.91
C THR A 294 -38.31 -6.17 -0.79
N THR A 295 -39.31 -6.56 0.02
CA THR A 295 -39.17 -7.48 1.14
C THR A 295 -40.35 -8.48 1.13
N PRO A 296 -40.19 -9.72 1.65
CA PRO A 296 -41.35 -10.60 1.76
C PRO A 296 -42.25 -10.05 2.88
N ASP A 297 -43.58 -10.11 2.67
CA ASP A 297 -44.60 -9.60 3.58
C ASP A 297 -44.29 -10.00 5.02
N PRO A 298 -43.94 -8.98 5.86
CA PRO A 298 -43.63 -9.27 7.28
C PRO A 298 -44.85 -9.78 8.05
N SER A 299 -46.04 -9.38 7.56
CA SER A 299 -47.34 -9.77 8.08
C SER A 299 -47.59 -11.26 7.79
N ALA A 300 -46.90 -11.81 6.77
CA ALA A 300 -47.05 -13.20 6.37
C ALA A 300 -45.86 -14.08 6.80
N ASN A 301 -45.27 -13.78 7.98
CA ASN A 301 -44.20 -14.60 8.54
C ASN A 301 -44.75 -15.90 9.17
N ILE A 302 -43.95 -16.98 9.14
CA ILE A 302 -44.28 -18.30 9.70
C ILE A 302 -43.16 -18.69 10.69
N SER A 303 -43.52 -19.36 11.81
CA SER A 303 -42.49 -19.76 12.79
C SER A 303 -42.28 -21.28 12.77
N LEU A 304 -41.69 -21.77 11.65
CA LEU A 304 -41.37 -23.19 11.43
C LEU A 304 -40.21 -23.59 12.31
N ASP A 305 -40.53 -24.41 13.34
CA ASP A 305 -39.61 -24.97 14.34
C ASP A 305 -39.02 -23.85 15.23
N GLY A 306 -39.86 -22.88 15.57
CA GLY A 306 -39.49 -21.74 16.42
C GLY A 306 -38.49 -20.83 15.75
N VAL A 307 -38.38 -20.96 14.41
CA VAL A 307 -37.48 -20.21 13.53
C VAL A 307 -38.35 -19.44 12.52
N ASP A 308 -38.02 -18.16 12.31
CA ASP A 308 -38.72 -17.26 11.40
C ASP A 308 -38.47 -17.62 9.94
N VAL A 309 -39.58 -17.78 9.20
CA VAL A 309 -39.57 -18.08 7.77
C VAL A 309 -40.33 -16.93 7.03
N PRO A 310 -39.56 -15.98 6.39
CA PRO A 310 -40.21 -14.89 5.62
C PRO A 310 -40.62 -15.35 4.21
N LEU A 311 -41.72 -16.11 4.13
CA LEU A 311 -42.27 -16.68 2.91
C LEU A 311 -43.38 -15.80 2.35
N GLY A 312 -43.54 -14.60 2.92
CA GLY A 312 -44.51 -13.63 2.46
C GLY A 312 -44.34 -13.30 0.99
N THR A 313 -45.42 -12.91 0.32
CA THR A 313 -45.36 -12.54 -1.09
C THR A 313 -44.54 -11.23 -1.19
N GLY A 314 -43.86 -11.06 -2.31
CA GLY A 314 -43.03 -9.89 -2.56
C GLY A 314 -43.82 -8.60 -2.48
N ILE A 315 -43.47 -7.73 -1.51
CA ILE A 315 -44.10 -6.44 -1.28
C ILE A 315 -42.99 -5.40 -1.14
N SER A 316 -43.27 -4.14 -1.45
CA SER A 316 -42.27 -3.09 -1.32
C SER A 316 -42.21 -2.56 0.09
N SER A 317 -41.00 -2.55 0.66
CA SER A 317 -40.72 -1.99 1.99
C SER A 317 -40.73 -0.49 1.90
N GLY A 318 -40.90 0.20 3.00
CA GLY A 318 -40.92 1.65 2.95
C GLY A 318 -39.55 2.33 2.87
N VAL A 319 -38.55 1.66 2.29
CA VAL A 319 -37.18 2.16 2.13
C VAL A 319 -36.96 2.48 0.67
N ASN A 320 -36.41 3.68 0.37
CA ASN A 320 -36.19 4.09 -1.02
C ASN A 320 -34.77 4.70 -1.22
N ASP A 321 -34.11 5.09 -0.11
CA ASP A 321 -32.76 5.67 -0.05
C ASP A 321 -31.74 4.53 0.15
N THR A 322 -31.88 3.43 -0.65
CA THR A 322 -31.01 2.26 -0.53
C THR A 322 -30.45 1.80 -1.89
N SER A 323 -29.20 1.32 -1.88
CA SER A 323 -28.53 0.81 -3.07
C SER A 323 -28.83 -0.70 -3.30
N LEU A 324 -29.84 -1.25 -2.60
CA LEU A 324 -30.22 -2.66 -2.69
C LEU A 324 -31.70 -2.92 -3.12
N LEU A 325 -31.86 -3.69 -4.21
CA LEU A 325 -33.12 -4.14 -4.81
C LEU A 325 -33.90 -5.05 -3.87
N TYR A 326 -33.20 -6.03 -3.26
CA TYR A 326 -33.74 -7.01 -2.33
C TYR A 326 -32.82 -7.15 -1.14
N ASN A 327 -33.39 -7.55 0.01
CA ASN A 327 -32.67 -7.73 1.28
C ASN A 327 -31.58 -8.81 1.18
N GLU A 328 -30.54 -8.65 2.01
CA GLU A 328 -29.49 -9.65 2.15
C GLU A 328 -29.02 -9.64 3.60
N TYR A 329 -28.54 -10.78 4.08
CA TYR A 329 -28.14 -11.00 5.46
C TYR A 329 -26.69 -11.57 5.52
N ILE A 330 -25.84 -11.00 6.41
CA ILE A 330 -24.44 -11.41 6.56
C ILE A 330 -24.04 -11.67 8.04
N VAL A 331 -23.36 -12.79 8.27
CA VAL A 331 -22.81 -13.16 9.58
C VAL A 331 -21.31 -13.39 9.40
N TYR A 332 -20.54 -12.95 10.40
CA TYR A 332 -19.09 -12.95 10.38
C TYR A 332 -18.49 -14.01 11.33
N ASP A 333 -19.33 -14.96 11.76
CA ASP A 333 -18.95 -16.13 12.56
C ASP A 333 -19.63 -17.35 11.92
N ILE A 334 -18.82 -18.29 11.42
CA ILE A 334 -19.34 -19.50 10.77
C ILE A 334 -20.21 -20.36 11.71
N ALA A 335 -20.05 -20.17 13.04
CA ALA A 335 -20.83 -20.88 14.05
C ALA A 335 -22.29 -20.38 14.13
N GLN A 336 -22.61 -19.20 13.55
CA GLN A 336 -23.98 -18.61 13.54
C GLN A 336 -24.90 -19.25 12.45
N VAL A 337 -24.35 -20.14 11.61
CA VAL A 337 -25.08 -20.83 10.54
C VAL A 337 -25.26 -22.31 10.94
N ASN A 338 -26.37 -22.91 10.48
CA ASN A 338 -26.77 -24.30 10.74
C ASN A 338 -27.65 -24.74 9.58
N LEU A 339 -27.05 -25.42 8.58
CA LEU A 339 -27.75 -25.78 7.34
C LEU A 339 -28.79 -26.86 7.62
N LYS A 340 -30.02 -26.58 7.20
CA LYS A 340 -31.16 -27.43 7.45
C LYS A 340 -31.61 -28.19 6.20
N TYR A 341 -31.77 -27.49 5.07
CA TYR A 341 -32.20 -28.18 3.87
C TYR A 341 -31.34 -27.88 2.68
N LEU A 342 -31.32 -28.85 1.75
CA LEU A 342 -30.69 -28.81 0.45
C LEU A 342 -31.78 -29.12 -0.52
N LEU A 343 -31.98 -28.25 -1.51
CA LEU A 343 -33.03 -28.40 -2.50
C LEU A 343 -32.46 -28.59 -3.87
N LYS A 344 -33.03 -29.52 -4.65
CA LYS A 344 -32.66 -29.76 -6.06
C LYS A 344 -33.73 -29.07 -6.92
N LEU A 345 -33.30 -28.00 -7.62
CA LEU A 345 -34.22 -27.16 -8.40
C LEU A 345 -34.01 -27.22 -9.91
N LYS A 346 -35.15 -27.23 -10.65
CA LYS A 346 -35.20 -27.17 -12.10
C LYS A 346 -35.46 -25.71 -12.48
N PHE A 347 -34.71 -25.21 -13.45
CA PHE A 347 -34.85 -23.85 -13.93
C PHE A 347 -35.51 -23.90 -15.31
N ASN A 348 -36.70 -23.29 -15.43
CA ASN A 348 -37.46 -23.29 -16.67
C ASN A 348 -37.37 -21.92 -17.37
N PHE A 349 -36.40 -21.79 -18.28
CA PHE A 349 -36.13 -20.58 -19.02
C PHE A 349 -37.24 -20.22 -20.02
N LYS A 350 -37.59 -18.91 -20.08
CA LYS A 350 -38.63 -18.36 -20.94
C LYS A 350 -38.09 -18.08 -22.35
N SER B 3 -11.64 0.34 54.53
CA SER B 3 -11.50 -0.96 53.88
C SER B 3 -10.95 -2.01 54.85
N LYS B 4 -11.46 -3.26 54.72
CA LYS B 4 -11.06 -4.41 55.55
C LYS B 4 -9.75 -5.06 55.05
N LEU B 5 -9.49 -4.98 53.71
CA LEU B 5 -8.35 -5.52 52.94
C LEU B 5 -6.98 -5.39 53.66
N PRO B 6 -5.98 -6.28 53.41
CA PRO B 6 -4.67 -6.10 54.07
C PRO B 6 -3.83 -5.04 53.37
N LYS B 7 -2.92 -4.38 54.14
CA LYS B 7 -1.99 -3.32 53.68
C LYS B 7 -1.39 -3.61 52.27
N PRO B 8 -0.83 -4.83 51.98
CA PRO B 8 -0.24 -5.05 50.63
C PRO B 8 -1.24 -5.00 49.47
N VAL B 9 -2.47 -5.56 49.63
CA VAL B 9 -3.53 -5.54 48.60
C VAL B 9 -3.95 -4.08 48.38
N GLN B 10 -4.10 -3.32 49.49
CA GLN B 10 -4.47 -1.91 49.52
C GLN B 10 -3.40 -1.03 48.85
N ASP B 11 -2.10 -1.29 49.11
CA ASP B 11 -0.95 -0.57 48.54
C ASP B 11 -0.93 -0.66 47.01
N LEU B 12 -1.25 -1.87 46.51
CA LEU B 12 -1.36 -2.23 45.11
C LEU B 12 -2.51 -1.42 44.45
N ILE B 13 -3.73 -1.45 45.06
CA ILE B 13 -4.94 -0.74 44.60
C ILE B 13 -4.59 0.74 44.35
N LYS B 14 -3.97 1.40 45.36
CA LYS B 14 -3.51 2.80 45.31
C LYS B 14 -2.48 3.00 44.19
N MET B 15 -1.49 2.08 44.11
CA MET B 15 -0.37 2.07 43.18
C MET B 15 -0.80 1.89 41.71
N ILE B 16 -1.81 1.04 41.44
CA ILE B 16 -2.22 0.75 40.06
C ILE B 16 -3.39 1.68 39.57
N PHE B 17 -4.02 2.44 40.48
CA PHE B 17 -5.09 3.38 40.14
C PHE B 17 -4.66 4.86 40.34
N ASP B 18 -3.35 5.11 40.47
CA ASP B 18 -2.85 6.46 40.66
C ASP B 18 -2.94 7.28 39.36
N VAL B 19 -3.65 8.42 39.45
CA VAL B 19 -3.90 9.40 38.39
C VAL B 19 -2.60 10.14 38.09
N GLU B 20 -1.80 10.44 39.13
CA GLU B 20 -0.54 11.16 38.95
C GLU B 20 0.47 10.32 38.15
N SER B 21 0.52 8.99 38.42
CA SER B 21 1.40 8.06 37.70
C SER B 21 0.95 7.96 36.24
N MET B 22 -0.40 8.10 36.01
CA MET B 22 -1.01 8.13 34.67
C MET B 22 -0.47 9.34 33.93
N LYS B 23 -0.54 10.51 34.58
CA LYS B 23 -0.07 11.81 34.11
C LYS B 23 1.43 11.79 33.78
N LYS B 24 2.28 11.25 34.69
CA LYS B 24 3.75 11.13 34.54
C LYS B 24 4.09 10.44 33.26
N ALA B 25 3.39 9.31 32.96
CA ALA B 25 3.55 8.57 31.72
C ALA B 25 3.27 9.50 30.53
N MET B 26 2.08 10.17 30.50
CA MET B 26 1.67 11.14 29.46
C MET B 26 2.75 12.22 29.22
N VAL B 27 3.30 12.79 30.31
CA VAL B 27 4.36 13.81 30.28
C VAL B 27 5.64 13.19 29.69
N GLU B 28 6.02 11.98 30.14
CA GLU B 28 7.20 11.26 29.63
C GLU B 28 7.14 11.04 28.08
N TYR B 29 5.92 10.99 27.52
CA TYR B 29 5.69 10.75 26.10
C TYR B 29 5.63 12.06 25.27
N GLU B 30 5.72 13.23 25.93
CA GLU B 30 5.71 14.60 25.37
C GLU B 30 4.33 14.99 24.91
N ILE B 31 3.29 14.34 25.46
CA ILE B 31 1.90 14.62 25.16
C ILE B 31 1.51 15.98 25.84
N ASP B 32 1.06 16.95 25.01
CA ASP B 32 0.65 18.29 25.42
C ASP B 32 -0.69 18.18 26.18
N LEU B 33 -0.60 18.01 27.52
CA LEU B 33 -1.74 17.86 28.43
C LEU B 33 -2.63 19.08 28.44
N GLN B 34 -2.18 20.19 27.84
CA GLN B 34 -2.99 21.40 27.75
C GLN B 34 -4.12 21.18 26.74
N LYS B 35 -3.86 20.32 25.74
CA LYS B 35 -4.80 19.97 24.66
C LYS B 35 -5.28 18.52 24.80
N MET B 36 -4.50 17.66 25.50
CA MET B 36 -4.82 16.24 25.64
C MET B 36 -4.68 15.72 27.12
N PRO B 37 -5.58 16.14 28.05
CA PRO B 37 -5.51 15.59 29.42
C PRO B 37 -6.12 14.18 29.50
N LEU B 38 -6.01 13.54 30.67
CA LEU B 38 -6.53 12.19 30.92
C LEU B 38 -8.00 12.06 30.56
N GLY B 39 -8.79 13.09 30.85
CA GLY B 39 -10.22 13.13 30.58
C GLY B 39 -10.62 13.40 29.14
N LYS B 40 -9.63 13.70 28.27
CA LYS B 40 -9.87 13.92 26.84
C LYS B 40 -9.40 12.68 26.06
N LEU B 41 -8.62 11.77 26.73
CA LEU B 41 -8.16 10.49 26.16
C LEU B 41 -9.35 9.61 25.79
N SER B 42 -9.38 9.10 24.55
CA SER B 42 -10.50 8.32 24.02
C SER B 42 -10.04 7.03 23.31
N LYS B 43 -10.89 6.00 23.35
CA LYS B 43 -10.61 4.71 22.71
C LYS B 43 -10.73 4.83 21.19
N ARG B 44 -11.59 5.74 20.72
CA ARG B 44 -11.80 6.02 19.30
C ARG B 44 -10.59 6.78 18.73
N GLN B 45 -9.97 7.65 19.55
CA GLN B 45 -8.84 8.45 19.11
C GLN B 45 -7.55 7.60 19.05
N ILE B 46 -7.35 6.66 19.99
CA ILE B 46 -6.20 5.77 20.03
C ILE B 46 -6.30 4.83 18.83
N GLN B 47 -7.51 4.28 18.57
CA GLN B 47 -7.76 3.40 17.42
C GLN B 47 -7.43 4.12 16.07
N ALA B 48 -7.85 5.40 15.94
CA ALA B 48 -7.58 6.19 14.75
C ALA B 48 -6.08 6.50 14.62
N ALA B 49 -5.39 6.65 15.77
CA ALA B 49 -3.94 6.90 15.85
C ALA B 49 -3.14 5.63 15.47
N TYR B 50 -3.71 4.45 15.76
CA TYR B 50 -3.14 3.18 15.36
C TYR B 50 -3.15 3.06 13.83
N SER B 51 -4.24 3.53 13.18
CA SER B 51 -4.48 3.49 11.73
C SER B 51 -3.56 4.45 10.97
N ILE B 52 -3.29 5.62 11.55
CA ILE B 52 -2.39 6.61 10.95
C ILE B 52 -0.97 6.01 10.87
N LEU B 53 -0.50 5.34 11.95
CA LEU B 53 0.79 4.65 12.04
C LEU B 53 0.86 3.50 11.06
N SER B 54 -0.26 2.80 10.90
CA SER B 54 -0.44 1.70 9.96
C SER B 54 -0.33 2.24 8.54
N GLU B 55 -0.94 3.42 8.27
CA GLU B 55 -0.84 4.10 6.97
C GLU B 55 0.60 4.50 6.69
N VAL B 56 1.32 5.01 7.74
CA VAL B 56 2.72 5.42 7.70
C VAL B 56 3.61 4.23 7.33
N GLN B 57 3.41 3.07 7.98
CA GLN B 57 4.30 1.99 7.64
C GLN B 57 4.05 1.50 6.20
N GLN B 58 2.78 1.50 5.77
CA GLN B 58 2.38 1.15 4.41
C GLN B 58 2.98 2.14 3.37
N ALA B 59 3.04 3.44 3.72
CA ALA B 59 3.57 4.49 2.84
C ALA B 59 5.09 4.45 2.75
N VAL B 60 5.79 4.20 3.87
CA VAL B 60 7.25 4.10 3.91
C VAL B 60 7.68 2.83 3.16
N SER B 61 6.90 1.75 3.25
CA SER B 61 7.22 0.51 2.56
C SER B 61 6.92 0.61 1.05
N GLN B 62 5.82 1.30 0.65
CA GLN B 62 5.46 1.52 -0.76
C GLN B 62 6.42 2.55 -1.41
N GLY B 63 7.00 3.42 -0.60
CA GLY B 63 7.91 4.47 -1.07
C GLY B 63 7.14 5.71 -1.45
N SER B 64 6.65 6.44 -0.44
CA SER B 64 5.85 7.64 -0.62
C SER B 64 6.71 8.89 -0.50
N SER B 65 6.16 9.98 -1.06
CA SER B 65 6.70 11.33 -1.16
C SER B 65 6.77 12.02 0.18
N ASP B 66 7.62 13.06 0.31
CA ASP B 66 7.83 13.82 1.56
C ASP B 66 6.50 14.33 2.10
N SER B 67 5.72 15.03 1.23
CA SER B 67 4.39 15.59 1.54
C SER B 67 3.45 14.52 2.12
N GLN B 68 3.40 13.30 1.51
CA GLN B 68 2.59 12.19 1.97
C GLN B 68 2.89 11.87 3.44
N ILE B 69 4.17 11.62 3.75
CA ILE B 69 4.70 11.28 5.09
C ILE B 69 4.54 12.45 6.00
N LEU B 70 4.79 13.67 5.50
CA LEU B 70 4.61 14.91 6.25
C LEU B 70 3.13 15.05 6.67
N ASP B 71 2.20 14.74 5.75
CA ASP B 71 0.77 14.82 6.04
C ASP B 71 0.41 13.87 7.18
N LEU B 72 0.79 12.59 7.03
CA LEU B 72 0.54 11.52 7.98
C LEU B 72 1.02 11.90 9.39
N SER B 73 2.22 12.52 9.50
CA SER B 73 2.75 12.96 10.78
C SER B 73 1.87 14.04 11.37
N ASN B 74 1.54 15.08 10.56
CA ASN B 74 0.69 16.20 10.96
C ASN B 74 -0.66 15.67 11.50
N ARG B 75 -1.25 14.66 10.83
CA ARG B 75 -2.52 14.06 11.27
C ARG B 75 -2.33 13.42 12.66
N PHE B 76 -1.22 12.66 12.87
CA PHE B 76 -0.91 11.98 14.14
C PHE B 76 -0.74 12.97 15.25
N TYR B 77 -0.03 14.07 15.00
CA TYR B 77 0.19 15.08 16.02
C TYR B 77 -1.09 15.92 16.24
N THR B 78 -2.03 15.92 15.29
CA THR B 78 -3.30 16.63 15.49
C THR B 78 -4.20 15.78 16.39
N LEU B 79 -4.34 14.48 16.06
CA LEU B 79 -5.12 13.50 16.82
C LEU B 79 -4.60 13.41 18.25
N ILE B 80 -3.26 13.20 18.39
CA ILE B 80 -2.53 13.16 19.66
C ILE B 80 -1.63 14.41 19.74
N PRO B 81 -2.14 15.53 20.31
CA PRO B 81 -1.30 16.73 20.46
C PRO B 81 -0.10 16.48 21.38
N HIS B 82 1.09 16.90 20.91
CA HIS B 82 2.38 16.80 21.59
C HIS B 82 3.01 18.19 21.81
N ASP B 83 3.92 18.31 22.81
CA ASP B 83 4.68 19.53 23.10
C ASP B 83 6.14 19.18 23.35
N PHE B 84 6.97 19.40 22.32
CA PHE B 84 8.41 19.11 22.34
C PHE B 84 9.17 20.36 22.75
N GLY B 85 8.48 21.50 22.67
CA GLY B 85 8.99 22.82 23.05
C GLY B 85 9.85 23.48 22.01
N MET B 86 11.18 23.37 22.20
CA MET B 86 12.20 23.97 21.32
C MET B 86 12.72 22.94 20.33
N LYS B 87 12.51 21.65 20.62
CA LYS B 87 12.85 20.57 19.69
C LYS B 87 11.82 20.58 18.55
N LYS B 88 12.28 20.41 17.30
CA LYS B 88 11.35 20.35 16.16
C LYS B 88 10.63 18.99 16.20
N PRO B 89 9.33 18.91 15.82
CA PRO B 89 8.59 17.63 15.98
C PRO B 89 9.13 16.48 15.14
N PRO B 90 9.38 15.30 15.76
CA PRO B 90 9.87 14.15 14.98
C PRO B 90 8.97 13.84 13.79
N LEU B 91 9.59 13.48 12.68
CA LEU B 91 8.84 13.10 11.50
C LEU B 91 8.68 11.57 11.57
N LEU B 92 7.48 11.07 11.36
CA LEU B 92 7.25 9.62 11.48
C LEU B 92 7.45 9.04 10.11
N ASN B 93 8.57 8.32 9.94
CA ASN B 93 9.00 7.75 8.66
C ASN B 93 9.98 6.58 8.81
N ASN B 94 10.46 6.32 10.01
CA ASN B 94 11.38 5.22 10.24
C ASN B 94 10.73 4.21 11.18
N ALA B 95 11.28 2.97 11.27
CA ALA B 95 10.77 1.90 12.13
C ALA B 95 10.79 2.31 13.58
N ASP B 96 11.85 3.04 14.01
CA ASP B 96 12.04 3.57 15.36
C ASP B 96 10.96 4.60 15.68
N SER B 97 10.58 5.42 14.67
CA SER B 97 9.53 6.45 14.74
C SER B 97 8.21 5.79 15.02
N VAL B 98 7.79 4.84 14.16
CA VAL B 98 6.52 4.13 14.33
C VAL B 98 6.54 3.35 15.63
N GLN B 99 7.61 2.57 15.89
CA GLN B 99 7.78 1.75 17.09
C GLN B 99 7.54 2.51 18.39
N ALA B 100 8.21 3.67 18.55
CA ALA B 100 8.15 4.53 19.75
C ALA B 100 6.71 4.96 20.04
N LYS B 101 6.06 5.55 19.03
CA LYS B 101 4.70 6.04 19.11
C LYS B 101 3.71 4.85 19.26
N ALA B 102 4.00 3.69 18.65
CA ALA B 102 3.17 2.49 18.82
C ALA B 102 3.19 2.06 20.30
N GLU B 103 4.41 2.03 20.91
CA GLU B 103 4.67 1.69 22.32
C GLU B 103 3.89 2.65 23.22
N MET B 104 3.79 3.93 22.80
CA MET B 104 3.03 4.96 23.51
C MET B 104 1.55 4.58 23.55
N LEU B 105 0.94 4.36 22.37
CA LEU B 105 -0.47 4.04 22.19
C LEU B 105 -0.89 2.78 22.97
N ASP B 106 -0.01 1.78 23.06
CA ASP B 106 -0.25 0.55 23.81
C ASP B 106 -0.47 0.84 25.31
N ASN B 107 0.21 1.88 25.82
CA ASN B 107 0.16 2.35 27.21
C ASN B 107 -1.07 3.21 27.42
N LEU B 108 -1.31 4.17 26.49
CA LEU B 108 -2.48 5.05 26.52
C LEU B 108 -3.74 4.18 26.58
N LEU B 109 -3.83 3.19 25.67
CA LEU B 109 -4.91 2.21 25.59
C LEU B 109 -5.31 1.68 26.98
N ASP B 110 -4.29 1.28 27.79
CA ASP B 110 -4.42 0.72 29.14
C ASP B 110 -4.64 1.81 30.19
N ILE B 111 -4.08 3.00 29.97
CA ILE B 111 -4.30 4.12 30.88
C ILE B 111 -5.79 4.53 30.79
N GLU B 112 -6.33 4.51 29.55
CA GLU B 112 -7.72 4.83 29.22
C GLU B 112 -8.64 3.93 30.04
N VAL B 113 -8.35 2.62 30.07
CA VAL B 113 -9.10 1.61 30.83
C VAL B 113 -9.12 1.98 32.34
N ALA B 114 -7.94 2.34 32.88
CA ALA B 114 -7.80 2.74 34.28
C ALA B 114 -8.62 4.00 34.59
N TYR B 115 -8.51 5.05 33.75
CA TYR B 115 -9.23 6.30 33.99
C TYR B 115 -10.74 6.11 33.81
N SER B 116 -11.19 5.36 32.78
CA SER B 116 -12.61 5.11 32.56
C SER B 116 -13.22 4.42 33.78
N LEU B 117 -12.53 3.39 34.34
CA LEU B 117 -12.94 2.65 35.52
C LEU B 117 -12.99 3.55 36.72
N LEU B 118 -11.94 4.38 36.90
CA LEU B 118 -11.78 5.33 38.00
C LEU B 118 -12.92 6.36 38.04
N ARG B 119 -13.43 6.74 36.86
CA ARG B 119 -14.55 7.68 36.72
C ARG B 119 -15.90 6.94 36.70
N GLY B 120 -15.84 5.65 36.39
CA GLY B 120 -16.98 4.73 36.37
C GLY B 120 -17.40 4.37 37.78
N GLY B 121 -18.62 3.86 37.91
CA GLY B 121 -19.18 3.50 39.20
C GLY B 121 -19.60 4.72 40.00
N SER B 122 -20.24 4.49 41.16
CA SER B 122 -20.70 5.58 42.02
C SER B 122 -19.55 6.13 42.87
N ASP B 123 -18.99 7.28 42.45
CA ASP B 123 -17.91 8.02 43.14
C ASP B 123 -18.55 8.84 44.30
N ASP B 124 -19.07 8.09 45.31
CA ASP B 124 -19.83 8.57 46.48
C ASP B 124 -19.02 8.64 47.80
N SER B 125 -19.74 8.65 48.94
CA SER B 125 -19.22 8.73 50.30
C SER B 125 -19.36 7.40 51.04
N SER B 126 -20.49 6.67 50.81
CA SER B 126 -20.90 5.41 51.43
C SER B 126 -19.77 4.39 51.67
N LYS B 127 -18.85 4.22 50.67
CA LYS B 127 -17.74 3.25 50.78
C LYS B 127 -16.37 3.83 50.38
N ASP B 128 -15.31 3.32 51.06
CA ASP B 128 -13.89 3.64 50.90
C ASP B 128 -13.42 3.45 49.45
N PRO B 129 -12.60 4.38 48.89
CA PRO B 129 -12.17 4.23 47.48
C PRO B 129 -11.39 2.96 47.20
N ILE B 130 -10.50 2.54 48.13
CA ILE B 130 -9.63 1.37 47.98
C ILE B 130 -10.46 0.09 47.69
N ASP B 131 -11.47 -0.24 48.53
CA ASP B 131 -12.30 -1.44 48.35
C ASP B 131 -13.24 -1.34 47.11
N VAL B 132 -13.56 -0.11 46.66
CA VAL B 132 -14.43 0.17 45.50
C VAL B 132 -13.69 -0.17 44.18
N ASN B 133 -12.41 0.23 44.07
CA ASN B 133 -11.54 0.00 42.91
C ASN B 133 -11.18 -1.49 42.77
N TYR B 134 -11.20 -2.23 43.89
CA TYR B 134 -10.94 -3.67 43.99
C TYR B 134 -12.07 -4.44 43.28
N GLU B 135 -13.34 -3.98 43.48
CA GLU B 135 -14.56 -4.52 42.88
C GLU B 135 -14.56 -4.22 41.38
N LYS B 136 -13.99 -3.04 41.00
CA LYS B 136 -13.89 -2.56 39.61
C LYS B 136 -12.95 -3.45 38.81
N LEU B 137 -11.88 -3.96 39.47
CA LEU B 137 -10.91 -4.86 38.84
C LEU B 137 -11.49 -6.24 38.49
N LYS B 138 -12.69 -6.60 39.05
CA LYS B 138 -13.38 -7.88 38.82
C LYS B 138 -12.39 -9.06 38.96
N THR B 139 -11.45 -8.92 39.90
CA THR B 139 -10.39 -9.89 40.17
C THR B 139 -10.26 -10.07 41.68
N ASP B 140 -9.95 -11.31 42.07
CA ASP B 140 -9.74 -11.74 43.44
C ASP B 140 -8.23 -11.86 43.69
N ILE B 141 -7.75 -10.98 44.56
CA ILE B 141 -6.35 -10.89 44.95
C ILE B 141 -6.20 -11.43 46.37
N LYS B 142 -5.22 -12.30 46.56
CA LYS B 142 -4.91 -12.92 47.83
C LYS B 142 -3.42 -12.77 48.09
N VAL B 143 -3.05 -12.41 49.34
CA VAL B 143 -1.65 -12.23 49.69
C VAL B 143 -1.04 -13.61 50.00
N VAL B 144 -0.02 -13.98 49.19
CA VAL B 144 0.72 -15.23 49.33
C VAL B 144 1.70 -15.02 50.48
N ASP B 145 1.71 -15.96 51.44
CA ASP B 145 2.56 -15.93 52.61
C ASP B 145 4.03 -15.92 52.22
N ARG B 146 4.81 -15.07 52.91
CA ARG B 146 6.26 -14.92 52.68
C ARG B 146 6.98 -16.24 52.99
N ASP B 147 6.53 -16.92 54.05
CA ASP B 147 7.08 -18.19 54.53
C ASP B 147 6.44 -19.40 53.82
N SER B 148 5.58 -19.17 52.79
CA SER B 148 4.92 -20.25 52.06
C SER B 148 5.91 -21.00 51.15
N GLU B 149 5.47 -22.17 50.66
CA GLU B 149 6.22 -23.03 49.73
C GLU B 149 6.32 -22.31 48.41
N GLU B 150 5.17 -21.78 47.92
CA GLU B 150 5.03 -21.04 46.66
C GLU B 150 5.99 -19.86 46.61
N ALA B 151 6.07 -19.10 47.73
CA ALA B 151 6.96 -17.94 47.86
C ALA B 151 8.41 -18.35 47.56
N GLU B 152 8.87 -19.44 48.22
CA GLU B 152 10.21 -20.02 48.04
C GLU B 152 10.46 -20.41 46.58
N ILE B 153 9.45 -21.00 45.90
CA ILE B 153 9.51 -21.44 44.49
C ILE B 153 9.65 -20.22 43.53
N ILE B 154 8.78 -19.20 43.73
CA ILE B 154 8.76 -17.98 42.93
C ILE B 154 10.06 -17.18 43.16
N ARG B 155 10.58 -17.16 44.40
CA ARG B 155 11.85 -16.51 44.72
C ARG B 155 13.00 -17.19 43.94
N LYS B 156 12.99 -18.56 43.91
CA LYS B 156 13.97 -19.41 43.20
C LYS B 156 13.86 -19.20 41.68
N TYR B 157 12.64 -18.89 41.19
CA TYR B 157 12.42 -18.60 39.77
C TYR B 157 13.05 -17.24 39.44
N VAL B 158 12.97 -16.26 40.37
CA VAL B 158 13.56 -14.92 40.22
C VAL B 158 15.09 -15.03 40.24
N LYS B 159 15.65 -15.67 41.28
CA LYS B 159 17.08 -15.86 41.50
C LYS B 159 17.76 -16.45 40.26
N ASN B 160 17.44 -17.72 39.96
CA ASN B 160 18.04 -18.52 38.89
C ASN B 160 17.93 -17.96 37.46
N THR B 161 16.77 -17.36 37.09
CA THR B 161 16.53 -16.85 35.72
C THR B 161 16.79 -15.32 35.56
N HIS B 162 17.65 -14.72 36.44
CA HIS B 162 18.03 -13.33 36.30
C HIS B 162 19.22 -13.32 35.34
N ALA B 163 19.00 -12.84 34.10
CA ALA B 163 19.95 -12.78 32.98
C ALA B 163 21.24 -12.00 33.31
N THR B 164 22.40 -12.48 32.79
CA THR B 164 23.72 -11.88 33.01
C THR B 164 23.87 -10.54 32.31
N THR B 165 23.23 -10.39 31.13
CA THR B 165 23.26 -9.16 30.34
C THR B 165 22.50 -8.08 31.09
N HIS B 166 21.45 -8.46 31.83
CA HIS B 166 20.63 -7.51 32.59
C HIS B 166 21.22 -7.25 34.00
N ASN B 167 22.51 -6.84 34.02
CA ASN B 167 23.33 -6.60 35.22
C ASN B 167 23.18 -5.18 35.80
N ALA B 168 22.34 -4.32 35.19
CA ALA B 168 22.12 -2.94 35.62
C ALA B 168 21.33 -2.86 36.94
N TYR B 169 20.53 -3.91 37.25
CA TYR B 169 19.71 -3.98 38.46
C TYR B 169 19.66 -5.38 39.09
N ASP B 170 19.26 -5.44 40.38
CA ASP B 170 19.00 -6.65 41.16
C ASP B 170 17.55 -6.61 41.61
N LEU B 171 16.87 -7.76 41.62
CA LEU B 171 15.47 -7.81 41.99
C LEU B 171 15.27 -8.30 43.39
N GLU B 172 14.41 -7.59 44.13
CA GLU B 172 14.03 -7.86 45.52
C GLU B 172 12.50 -8.06 45.55
N VAL B 173 12.02 -9.31 45.83
CA VAL B 173 10.58 -9.64 45.86
C VAL B 173 9.97 -9.18 47.19
N ILE B 174 9.21 -8.06 47.15
CA ILE B 174 8.57 -7.46 48.32
C ILE B 174 7.29 -8.21 48.67
N ASP B 175 6.43 -8.41 47.65
CA ASP B 175 5.15 -9.07 47.82
C ASP B 175 4.85 -10.07 46.69
N ILE B 176 4.06 -11.11 47.01
CA ILE B 176 3.59 -12.13 46.08
C ILE B 176 2.06 -12.21 46.23
N PHE B 177 1.35 -11.91 45.13
CA PHE B 177 -0.11 -11.97 45.14
C PHE B 177 -0.60 -13.09 44.26
N LYS B 178 -1.62 -13.79 44.78
CA LYS B 178 -2.33 -14.84 44.07
C LYS B 178 -3.51 -14.14 43.43
N ILE B 179 -3.62 -14.21 42.12
CA ILE B 179 -4.74 -13.52 41.50
C ILE B 179 -5.66 -14.48 40.79
N GLU B 180 -6.92 -14.08 40.66
CA GLU B 180 -7.90 -14.86 39.93
C GLU B 180 -8.92 -13.92 39.32
N ARG B 181 -8.75 -13.64 38.02
CA ARG B 181 -9.65 -12.83 37.22
C ARG B 181 -10.98 -13.58 37.10
N GLU B 182 -12.08 -12.88 37.33
CA GLU B 182 -13.41 -13.45 37.17
C GLU B 182 -13.61 -13.80 35.70
N GLY B 183 -14.07 -15.02 35.44
CA GLY B 183 -14.37 -15.52 34.10
C GLY B 183 -13.26 -16.31 33.45
N GLU B 184 -11.99 -15.89 33.70
CA GLU B 184 -10.76 -16.45 33.15
C GLU B 184 -10.62 -17.96 33.38
N CYS B 185 -10.86 -18.47 34.59
CA CYS B 185 -10.76 -19.91 34.93
C CYS B 185 -11.58 -20.75 33.93
N GLN B 186 -12.82 -20.32 33.64
CA GLN B 186 -13.72 -20.96 32.69
C GLN B 186 -13.24 -20.71 31.25
N ARG B 187 -12.74 -19.49 30.96
CA ARG B 187 -12.20 -19.09 29.64
C ARG B 187 -11.02 -19.98 29.23
N TYR B 188 -10.22 -20.38 30.23
CA TYR B 188 -9.02 -21.20 30.11
C TYR B 188 -9.32 -22.70 30.06
N LYS B 189 -10.39 -23.20 30.76
CA LYS B 189 -10.83 -24.61 30.84
C LYS B 189 -10.52 -25.42 29.54
N PRO B 190 -10.87 -24.93 28.30
CA PRO B 190 -10.53 -25.70 27.08
C PRO B 190 -9.05 -26.07 26.91
N PHE B 191 -8.10 -25.25 27.43
CA PHE B 191 -6.66 -25.48 27.28
C PHE B 191 -6.03 -26.11 28.53
N LYS B 192 -6.81 -26.33 29.61
CA LYS B 192 -6.31 -26.92 30.85
C LYS B 192 -5.85 -28.36 30.64
N GLN B 193 -6.43 -28.97 29.63
CA GLN B 193 -6.24 -30.35 29.33
C GLN B 193 -5.04 -30.53 28.47
N LEU B 194 -4.59 -29.44 27.87
CA LEU B 194 -3.58 -29.50 26.85
C LEU B 194 -2.21 -29.49 27.43
N HIS B 195 -1.31 -30.21 26.79
CA HIS B 195 0.00 -30.45 27.25
C HIS B 195 0.89 -29.31 27.06
N ASN B 196 2.03 -29.41 27.69
CA ASN B 196 3.06 -28.36 27.68
C ASN B 196 2.52 -26.96 28.17
N ARG B 197 1.91 -26.95 29.35
CA ARG B 197 1.43 -25.75 30.02
C ARG B 197 2.54 -25.31 30.96
N ARG B 198 3.08 -24.11 30.75
CA ARG B 198 4.20 -23.59 31.55
C ARG B 198 3.82 -22.30 32.31
N LEU B 199 4.54 -22.02 33.43
CA LEU B 199 4.36 -20.82 34.25
C LEU B 199 5.39 -19.79 33.79
N LEU B 200 4.91 -18.76 33.07
CA LEU B 200 5.84 -17.79 32.49
C LEU B 200 5.62 -16.34 32.95
N TRP B 201 6.69 -15.53 32.80
CA TRP B 201 6.75 -14.13 33.17
C TRP B 201 6.20 -13.23 32.10
N HIS B 202 5.59 -12.11 32.51
CA HIS B 202 5.11 -11.03 31.65
C HIS B 202 5.18 -9.73 32.45
N GLY B 203 6.05 -8.84 31.99
CA GLY B 203 6.30 -7.54 32.59
C GLY B 203 5.65 -6.45 31.77
N SER B 204 5.19 -5.40 32.46
CA SER B 204 4.52 -4.25 31.88
C SER B 204 4.64 -3.06 32.83
N ARG B 205 4.48 -1.84 32.30
CA ARG B 205 4.52 -0.61 33.08
C ARG B 205 3.38 -0.68 34.06
N THR B 206 3.65 -0.31 35.33
CA THR B 206 2.70 -0.34 36.46
C THR B 206 1.36 0.39 36.09
N THR B 207 1.42 1.33 35.13
CA THR B 207 0.30 2.11 34.60
C THR B 207 -0.62 1.29 33.64
N ASN B 208 -0.24 0.06 33.28
CA ASN B 208 -1.05 -0.79 32.40
C ASN B 208 -1.82 -1.86 33.20
N PHE B 209 -1.33 -2.17 34.43
CA PHE B 209 -1.85 -3.22 35.30
C PHE B 209 -3.34 -3.04 35.70
N ALA B 210 -3.87 -1.80 35.78
CA ALA B 210 -5.30 -1.62 36.06
C ALA B 210 -6.13 -2.20 34.90
N GLY B 211 -5.68 -1.89 33.65
CA GLY B 211 -6.26 -2.42 32.42
C GLY B 211 -6.16 -3.94 32.33
N ILE B 212 -4.93 -4.49 32.57
CA ILE B 212 -4.60 -5.92 32.52
C ILE B 212 -5.43 -6.78 33.48
N LEU B 213 -5.74 -6.30 34.69
CA LEU B 213 -6.50 -7.09 35.67
C LEU B 213 -7.99 -7.16 35.33
N SER B 214 -8.57 -6.04 34.88
CA SER B 214 -9.99 -5.97 34.57
C SER B 214 -10.33 -6.56 33.20
N GLN B 215 -9.43 -6.40 32.20
CA GLN B 215 -9.64 -6.87 30.81
C GLN B 215 -8.78 -8.10 30.43
N GLY B 216 -7.71 -8.35 31.17
CA GLY B 216 -6.83 -9.48 30.95
C GLY B 216 -5.72 -9.09 30.02
N LEU B 217 -4.84 -10.03 29.67
CA LEU B 217 -3.80 -9.72 28.72
C LEU B 217 -4.42 -9.82 27.32
N ARG B 218 -4.30 -8.75 26.51
CA ARG B 218 -4.91 -8.70 25.18
C ARG B 218 -3.87 -8.68 24.05
N ILE B 219 -4.35 -8.83 22.82
CA ILE B 219 -3.56 -8.83 21.60
C ILE B 219 -3.79 -7.47 20.94
N ALA B 220 -2.76 -6.92 20.30
CA ALA B 220 -2.84 -5.61 19.68
C ALA B 220 -3.98 -5.59 18.64
N PRO B 221 -4.81 -4.50 18.63
CA PRO B 221 -5.91 -4.41 17.65
C PRO B 221 -5.44 -4.58 16.19
N PRO B 222 -6.34 -4.94 15.24
CA PRO B 222 -5.89 -5.09 13.83
C PRO B 222 -5.35 -3.78 13.22
N GLU B 223 -5.76 -2.60 13.77
CA GLU B 223 -5.36 -1.25 13.35
C GLU B 223 -3.89 -0.94 13.66
N ALA B 224 -3.35 -1.46 14.79
CA ALA B 224 -1.96 -1.23 15.23
C ALA B 224 -0.93 -1.71 14.18
N PRO B 225 0.26 -1.04 14.01
CA PRO B 225 1.25 -1.52 13.02
C PRO B 225 1.97 -2.79 13.49
N VAL B 226 2.62 -3.50 12.56
CA VAL B 226 3.31 -4.75 12.86
C VAL B 226 4.62 -4.49 13.66
N THR B 227 5.23 -3.31 13.49
CA THR B 227 6.47 -2.89 14.15
C THR B 227 6.40 -3.10 15.70
N GLY B 228 7.57 -3.41 16.27
CA GLY B 228 7.76 -3.60 17.70
C GLY B 228 8.07 -5.02 18.14
N TYR B 229 7.21 -5.97 17.77
CA TYR B 229 7.37 -7.34 18.19
C TYR B 229 7.98 -8.23 17.09
N MET B 230 8.66 -9.29 17.51
CA MET B 230 9.38 -10.26 16.69
C MET B 230 8.49 -11.25 15.87
N PHE B 231 7.36 -11.72 16.45
CA PHE B 231 6.51 -12.74 15.79
C PHE B 231 5.02 -12.30 15.62
N GLY B 232 4.83 -11.06 15.17
CA GLY B 232 3.50 -10.50 14.94
C GLY B 232 2.78 -10.10 16.21
N LYS B 233 1.43 -10.04 16.14
CA LYS B 233 0.55 -9.68 17.24
C LYS B 233 0.16 -10.95 17.99
N GLY B 234 0.39 -10.96 19.29
CA GLY B 234 0.10 -12.07 20.19
C GLY B 234 0.52 -11.66 21.59
N ILE B 235 0.33 -12.54 22.61
CA ILE B 235 0.70 -12.22 24.00
C ILE B 235 2.05 -12.86 24.31
N TYR B 236 3.07 -11.99 24.54
CA TYR B 236 4.46 -12.37 24.76
C TYR B 236 4.78 -12.62 26.23
N PHE B 237 5.62 -13.66 26.44
CA PHE B 237 6.10 -14.15 27.74
C PHE B 237 7.56 -14.49 27.70
N ALA B 238 8.20 -14.61 28.87
CA ALA B 238 9.63 -14.91 29.02
C ALA B 238 9.87 -15.94 30.15
N ASP B 239 10.90 -16.81 29.99
CA ASP B 239 11.33 -17.79 31.01
C ASP B 239 12.49 -17.21 31.84
N MET B 240 12.89 -15.97 31.49
CA MET B 240 13.93 -15.16 32.12
C MET B 240 13.25 -13.98 32.80
N VAL B 241 13.22 -13.98 34.16
CA VAL B 241 12.57 -12.95 35.00
C VAL B 241 12.99 -11.56 34.54
N SER B 242 14.32 -11.37 34.33
CA SER B 242 15.00 -10.17 33.86
C SER B 242 14.41 -9.62 32.56
N LYS B 243 14.18 -10.49 31.56
CA LYS B 243 13.64 -10.13 30.23
C LYS B 243 12.29 -9.38 30.35
N SER B 244 11.37 -9.90 31.21
CA SER B 244 10.05 -9.30 31.47
C SER B 244 10.23 -8.08 32.32
N ALA B 245 10.99 -8.20 33.43
CA ALA B 245 11.31 -7.12 34.37
C ALA B 245 11.74 -5.85 33.62
N ASN B 246 12.51 -6.00 32.52
CA ASN B 246 12.93 -4.89 31.65
C ASN B 246 11.75 -4.06 31.11
N TYR B 247 10.56 -4.71 30.94
CA TYR B 247 9.35 -4.04 30.44
C TYR B 247 8.60 -3.27 31.55
N CYS B 248 9.12 -3.27 32.80
CA CYS B 248 8.47 -2.54 33.89
C CYS B 248 8.84 -1.07 33.80
N HIS B 249 9.94 -0.76 33.08
CA HIS B 249 10.51 0.57 32.80
C HIS B 249 10.70 1.33 34.09
N THR B 250 11.25 0.62 35.09
CA THR B 250 11.50 1.16 36.42
C THR B 250 12.75 2.01 36.39
N SER B 251 12.62 3.23 36.93
CA SER B 251 13.69 4.22 37.02
C SER B 251 14.39 4.10 38.38
N GLN B 252 15.39 4.97 38.62
CA GLN B 252 16.12 5.05 39.89
C GLN B 252 15.18 5.71 40.91
N GLY B 253 14.40 6.70 40.43
CA GLY B 253 13.40 7.43 41.18
C GLY B 253 12.19 6.57 41.54
N ASP B 254 11.69 5.78 40.57
CA ASP B 254 10.58 4.84 40.77
C ASP B 254 11.14 3.42 40.60
N PRO B 255 11.65 2.80 41.70
CA PRO B 255 12.28 1.49 41.57
C PRO B 255 11.33 0.31 41.79
N ILE B 256 10.05 0.59 42.09
CA ILE B 256 9.03 -0.43 42.33
C ILE B 256 8.29 -0.77 41.00
N GLY B 257 8.21 -2.07 40.72
CA GLY B 257 7.56 -2.60 39.53
C GLY B 257 6.61 -3.75 39.77
N LEU B 258 5.82 -4.09 38.75
CA LEU B 258 4.85 -5.17 38.81
C LEU B 258 5.07 -6.13 37.67
N ILE B 259 5.05 -7.42 37.98
CA ILE B 259 5.29 -8.49 37.02
C ILE B 259 4.26 -9.62 37.23
N LEU B 260 3.90 -10.33 36.14
CA LEU B 260 2.93 -11.41 36.18
C LEU B 260 3.57 -12.76 35.96
N LEU B 261 2.97 -13.80 36.54
CA LEU B 261 3.38 -15.19 36.36
C LEU B 261 2.18 -15.96 35.89
N GLY B 262 2.07 -16.07 34.58
CA GLY B 262 0.91 -16.72 33.96
C GLY B 262 1.10 -18.15 33.54
N GLU B 263 0.08 -18.96 33.71
CA GLU B 263 0.08 -20.29 33.17
C GLU B 263 -0.29 -20.16 31.71
N VAL B 264 0.51 -20.72 30.84
CA VAL B 264 0.32 -20.51 29.43
C VAL B 264 0.27 -21.83 28.75
N ALA B 265 -0.70 -21.99 27.89
CA ALA B 265 -0.95 -23.21 27.19
C ALA B 265 -0.22 -23.24 25.91
N LEU B 266 0.97 -23.77 25.94
CA LEU B 266 1.84 -23.72 24.77
C LEU B 266 1.59 -24.87 23.76
N GLY B 267 1.36 -26.09 24.24
CA GLY B 267 1.14 -27.26 23.39
C GLY B 267 2.33 -27.59 22.53
N ASN B 268 2.10 -27.70 21.21
CA ASN B 268 3.16 -27.94 20.23
C ASN B 268 3.63 -26.61 19.80
N MET B 269 4.90 -26.30 20.10
CA MET B 269 5.40 -24.98 19.75
C MET B 269 6.03 -24.97 18.38
N TYR B 270 5.89 -23.84 17.71
CA TYR B 270 6.49 -23.51 16.43
C TYR B 270 7.71 -22.71 16.80
N GLU B 271 8.82 -23.44 17.00
CA GLU B 271 10.08 -22.88 17.47
C GLU B 271 10.78 -22.17 16.32
N LEU B 272 11.05 -20.86 16.51
CA LEU B 272 11.67 -19.99 15.49
C LEU B 272 12.88 -19.28 16.07
N LYS B 273 13.80 -18.91 15.19
CA LYS B 273 15.05 -18.29 15.58
C LYS B 273 15.17 -16.88 15.01
N HIS B 274 14.38 -16.56 13.99
CA HIS B 274 14.43 -15.24 13.35
C HIS B 274 13.02 -14.66 13.13
N ALA B 275 12.89 -13.34 13.28
CA ALA B 275 11.66 -12.57 13.14
C ALA B 275 10.85 -12.97 11.93
N SER B 276 9.71 -13.58 12.19
CA SER B 276 8.74 -14.06 11.22
C SER B 276 7.38 -13.74 11.76
N HIS B 277 6.64 -12.85 11.08
CA HIS B 277 5.28 -12.47 11.50
C HIS B 277 4.31 -13.45 10.84
N ILE B 278 3.28 -13.89 11.61
CA ILE B 278 2.33 -14.90 11.11
C ILE B 278 0.90 -14.56 11.47
N SER B 279 0.55 -14.75 12.77
CA SER B 279 -0.79 -14.63 13.37
C SER B 279 -1.81 -15.63 12.67
N LYS B 280 -1.27 -16.72 12.03
CA LYS B 280 -1.93 -17.82 11.30
C LYS B 280 -1.07 -19.09 11.43
N LEU B 281 -0.88 -19.59 12.68
CA LEU B 281 -0.06 -20.74 13.07
C LEU B 281 -0.20 -22.00 12.19
N PRO B 282 0.86 -22.86 12.08
CA PRO B 282 0.72 -24.09 11.28
C PRO B 282 -0.21 -25.11 11.91
N LYS B 283 -0.68 -26.08 11.11
CA LYS B 283 -1.57 -27.13 11.60
C LYS B 283 -0.86 -27.97 12.65
N GLY B 284 -1.51 -28.15 13.78
CA GLY B 284 -0.96 -28.89 14.91
C GLY B 284 -0.36 -27.99 15.97
N LYS B 285 0.22 -26.86 15.56
CA LYS B 285 0.87 -25.91 16.47
C LYS B 285 -0.18 -25.09 17.27
N HIS B 286 0.21 -24.61 18.47
CA HIS B 286 -0.65 -23.82 19.35
C HIS B 286 0.02 -22.50 19.81
N SER B 287 1.36 -22.43 19.65
CA SER B 287 2.19 -21.29 20.06
C SER B 287 3.46 -21.17 19.21
N VAL B 288 4.27 -20.16 19.54
CA VAL B 288 5.60 -19.86 18.98
C VAL B 288 6.60 -19.86 20.15
N LYS B 289 7.83 -20.30 19.90
CA LYS B 289 8.87 -20.25 20.91
C LYS B 289 10.12 -19.73 20.25
N GLY B 290 10.43 -18.46 20.57
CA GLY B 290 11.64 -17.80 20.10
C GLY B 290 12.79 -18.48 20.81
N LEU B 291 13.56 -19.30 20.07
CA LEU B 291 14.70 -20.02 20.63
C LEU B 291 15.88 -19.08 20.84
N GLY B 292 16.27 -18.90 22.10
CA GLY B 292 17.39 -18.06 22.51
C GLY B 292 18.67 -18.83 22.77
N LYS B 293 19.80 -18.11 22.88
CA LYS B 293 21.10 -18.72 23.11
C LYS B 293 21.19 -19.18 24.55
N THR B 294 20.64 -18.41 25.49
CA THR B 294 20.61 -18.76 26.91
C THR B 294 19.22 -19.30 27.26
N THR B 295 19.15 -20.31 28.15
CA THR B 295 17.90 -20.95 28.56
C THR B 295 18.01 -21.40 30.03
N PRO B 296 16.92 -21.40 30.83
CA PRO B 296 17.02 -21.95 32.20
C PRO B 296 17.19 -23.48 32.12
N ASP B 297 18.20 -24.02 32.84
CA ASP B 297 18.59 -25.44 32.85
C ASP B 297 17.36 -26.38 32.85
N PRO B 298 17.11 -27.13 31.73
CA PRO B 298 15.93 -28.01 31.68
C PRO B 298 16.05 -29.14 32.69
N SER B 299 17.28 -29.50 33.08
CA SER B 299 17.53 -30.53 34.08
C SER B 299 17.36 -29.92 35.52
N ALA B 300 16.46 -28.91 35.64
CA ALA B 300 16.17 -28.23 36.90
C ALA B 300 14.73 -27.67 36.94
N ASN B 301 13.84 -28.06 36.00
CA ASN B 301 12.43 -27.63 35.99
C ASN B 301 11.66 -28.32 37.12
N ILE B 302 10.60 -27.69 37.64
CA ILE B 302 9.73 -28.29 38.68
C ILE B 302 8.29 -28.35 38.11
N SER B 303 7.37 -29.15 38.71
CA SER B 303 5.99 -29.26 38.24
C SER B 303 4.98 -28.75 39.30
N LEU B 304 4.48 -27.51 39.13
CA LEU B 304 3.48 -26.85 40.00
C LEU B 304 2.05 -27.26 39.55
N ASP B 305 1.74 -28.57 39.75
CA ASP B 305 0.50 -29.26 39.38
C ASP B 305 0.32 -29.27 37.84
N GLY B 306 1.14 -30.08 37.18
CA GLY B 306 1.16 -30.24 35.73
C GLY B 306 1.67 -29.04 34.96
N VAL B 307 2.14 -28.02 35.69
CA VAL B 307 2.66 -26.78 35.12
C VAL B 307 4.16 -26.78 35.36
N ASP B 308 4.94 -26.93 34.28
CA ASP B 308 6.39 -26.96 34.35
C ASP B 308 6.97 -25.54 34.47
N VAL B 309 7.62 -25.27 35.62
CA VAL B 309 8.26 -23.99 35.94
C VAL B 309 9.76 -24.09 35.60
N PRO B 310 10.26 -23.40 34.53
CA PRO B 310 11.70 -23.50 34.21
C PRO B 310 12.51 -22.56 35.11
N LEU B 311 12.58 -22.87 36.41
CA LEU B 311 13.28 -22.07 37.42
C LEU B 311 14.75 -22.46 37.56
N GLY B 312 15.29 -23.10 36.53
CA GLY B 312 16.69 -23.52 36.52
C GLY B 312 17.60 -22.34 36.22
N THR B 313 18.86 -22.43 36.67
CA THR B 313 19.87 -21.40 36.43
C THR B 313 20.08 -21.24 34.93
N GLY B 314 20.19 -20.00 34.46
CA GLY B 314 20.42 -19.71 33.05
C GLY B 314 21.67 -20.40 32.55
N ILE B 315 21.53 -21.25 31.50
CA ILE B 315 22.61 -22.02 30.86
C ILE B 315 22.58 -21.83 29.36
N SER B 316 23.67 -22.22 28.72
CA SER B 316 23.74 -22.15 27.28
C SER B 316 22.91 -23.27 26.67
N SER B 317 22.12 -22.94 25.63
CA SER B 317 21.41 -23.92 24.80
C SER B 317 22.39 -24.25 23.68
N GLY B 318 21.99 -25.03 22.69
CA GLY B 318 22.93 -25.31 21.61
C GLY B 318 22.60 -24.61 20.31
N VAL B 319 21.86 -23.51 20.39
CA VAL B 319 21.47 -22.78 19.18
C VAL B 319 22.35 -21.54 19.13
N ASN B 320 23.05 -21.28 18.00
CA ASN B 320 23.98 -20.11 17.90
C ASN B 320 23.78 -19.29 16.59
N ASP B 321 22.72 -19.66 15.85
CA ASP B 321 22.23 -19.18 14.56
C ASP B 321 20.86 -18.57 14.75
N THR B 322 20.70 -17.82 15.86
CA THR B 322 19.43 -17.20 16.25
C THR B 322 19.59 -15.70 16.56
N SER B 323 18.51 -14.93 16.39
CA SER B 323 18.49 -13.49 16.66
C SER B 323 18.17 -13.20 18.15
N LEU B 324 17.87 -14.23 18.90
CA LEU B 324 17.35 -14.08 20.23
C LEU B 324 18.37 -14.36 21.28
N LEU B 325 18.51 -13.44 22.22
CA LEU B 325 19.39 -13.68 23.32
C LEU B 325 18.84 -14.68 24.25
N TYR B 326 17.62 -14.46 24.73
CA TYR B 326 16.96 -15.41 25.60
C TYR B 326 15.66 -15.83 24.96
N ASN B 327 15.00 -16.84 25.53
CA ASN B 327 13.73 -17.36 25.00
C ASN B 327 12.54 -16.44 25.30
N GLU B 328 11.55 -16.49 24.39
CA GLU B 328 10.26 -15.81 24.48
C GLU B 328 9.21 -16.79 23.91
N TYR B 329 7.95 -16.62 24.37
CA TYR B 329 6.82 -17.50 24.09
C TYR B 329 5.59 -16.67 23.72
N ILE B 330 4.91 -17.04 22.61
CA ILE B 330 3.77 -16.25 22.12
C ILE B 330 2.52 -17.12 21.89
N VAL B 331 1.38 -16.66 22.42
CA VAL B 331 0.07 -17.28 22.21
C VAL B 331 -0.74 -16.30 21.37
N TYR B 332 -1.54 -16.82 20.44
CA TYR B 332 -2.29 -15.97 19.52
C TYR B 332 -3.78 -15.93 19.83
N ASP B 333 -4.18 -16.57 20.96
CA ASP B 333 -5.54 -16.59 21.51
C ASP B 333 -5.51 -16.19 22.97
N ILE B 334 -6.24 -15.13 23.28
CA ILE B 334 -6.28 -14.55 24.62
C ILE B 334 -6.71 -15.58 25.70
N ALA B 335 -7.48 -16.62 25.31
CA ALA B 335 -8.01 -17.68 26.20
C ALA B 335 -6.96 -18.77 26.59
N GLN B 336 -5.74 -18.74 25.95
CA GLN B 336 -4.60 -19.67 26.16
C GLN B 336 -3.72 -19.29 27.38
N VAL B 337 -4.14 -18.27 28.16
CA VAL B 337 -3.47 -17.74 29.36
C VAL B 337 -4.42 -17.84 30.58
N ASN B 338 -3.81 -18.02 31.77
CA ASN B 338 -4.49 -18.08 33.06
C ASN B 338 -3.55 -17.44 34.05
N LEU B 339 -3.72 -16.12 34.25
CA LEU B 339 -2.88 -15.32 35.15
C LEU B 339 -3.00 -15.86 36.55
N LYS B 340 -1.89 -16.34 37.12
CA LYS B 340 -1.90 -16.96 38.46
C LYS B 340 -1.35 -16.04 39.56
N TYR B 341 -0.15 -15.44 39.36
CA TYR B 341 0.52 -14.59 40.35
C TYR B 341 0.92 -13.24 39.79
N LEU B 342 1.12 -12.27 40.72
CA LEU B 342 1.53 -10.90 40.48
C LEU B 342 2.42 -10.48 41.64
N LEU B 343 3.67 -10.15 41.33
CA LEU B 343 4.68 -9.76 42.29
C LEU B 343 4.83 -8.24 42.37
N LYS B 344 5.48 -7.77 43.44
CA LYS B 344 5.86 -6.38 43.73
C LYS B 344 7.38 -6.44 43.85
N LEU B 345 8.11 -5.81 42.90
CA LEU B 345 9.57 -5.91 42.85
C LEU B 345 10.31 -4.65 43.19
N LYS B 346 11.45 -4.81 43.90
CA LYS B 346 12.35 -3.70 44.21
C LYS B 346 13.58 -3.86 43.34
N PHE B 347 13.76 -2.91 42.43
CA PHE B 347 14.91 -2.89 41.54
C PHE B 347 16.01 -2.06 42.19
N ASN B 348 17.15 -2.68 42.47
CA ASN B 348 18.30 -1.99 43.06
C ASN B 348 19.33 -1.82 41.95
N PHE B 349 19.62 -0.56 41.56
CA PHE B 349 20.52 -0.27 40.44
C PHE B 349 21.97 0.00 40.88
N LYS B 350 22.93 -0.65 40.20
CA LYS B 350 24.37 -0.48 40.44
C LYS B 350 24.88 0.81 39.78
N SER C 3 6.71 1.66 -58.46
CA SER C 3 6.21 2.60 -57.46
C SER C 3 7.24 3.70 -57.22
N LYS C 4 6.89 4.93 -57.60
CA LYS C 4 7.77 6.08 -57.47
C LYS C 4 7.71 6.69 -56.05
N LEU C 5 7.03 6.00 -55.10
CA LEU C 5 6.86 6.41 -53.70
C LEU C 5 8.03 6.03 -52.78
N PRO C 6 8.34 6.83 -51.72
CA PRO C 6 9.43 6.46 -50.80
C PRO C 6 9.21 5.11 -50.10
N LYS C 7 10.31 4.45 -49.69
CA LYS C 7 10.25 3.14 -49.03
C LYS C 7 9.42 3.22 -47.75
N PRO C 8 9.67 4.14 -46.77
CA PRO C 8 8.83 4.18 -45.57
C PRO C 8 7.35 4.44 -45.87
N VAL C 9 7.04 5.17 -46.97
CA VAL C 9 5.67 5.48 -47.43
C VAL C 9 5.03 4.18 -47.95
N GLN C 10 5.79 3.38 -48.71
CA GLN C 10 5.32 2.10 -49.21
C GLN C 10 5.04 1.17 -48.03
N ASP C 11 6.01 1.13 -47.08
CA ASP C 11 6.01 0.37 -45.82
C ASP C 11 4.87 0.79 -44.89
N LEU C 12 4.26 1.97 -45.15
CA LEU C 12 3.16 2.56 -44.41
C LEU C 12 1.80 2.13 -44.99
N ILE C 13 1.66 2.11 -46.34
CA ILE C 13 0.43 1.69 -47.02
C ILE C 13 0.16 0.21 -46.73
N LYS C 14 1.17 -0.65 -46.97
CA LYS C 14 1.18 -2.10 -46.77
C LYS C 14 0.66 -2.49 -45.37
N MET C 15 1.06 -1.72 -44.36
CA MET C 15 0.75 -1.87 -42.96
C MET C 15 -0.73 -1.61 -42.66
N ILE C 16 -1.25 -0.46 -43.13
CA ILE C 16 -2.61 0.02 -42.91
C ILE C 16 -3.67 -0.76 -43.75
N PHE C 17 -3.28 -1.31 -44.90
CA PHE C 17 -4.17 -2.08 -45.77
C PHE C 17 -3.75 -3.55 -45.78
N ASP C 18 -3.86 -4.22 -44.62
CA ASP C 18 -3.49 -5.63 -44.44
C ASP C 18 -4.74 -6.41 -44.03
N VAL C 19 -5.41 -7.03 -45.03
CA VAL C 19 -6.68 -7.76 -44.87
C VAL C 19 -6.58 -8.79 -43.73
N GLU C 20 -5.45 -9.51 -43.64
CA GLU C 20 -5.24 -10.50 -42.60
C GLU C 20 -5.14 -9.86 -41.21
N SER C 21 -4.67 -8.59 -41.13
CA SER C 21 -4.55 -7.89 -39.85
C SER C 21 -5.94 -7.47 -39.34
N MET C 22 -6.87 -7.27 -40.29
CA MET C 22 -8.28 -6.92 -40.07
C MET C 22 -9.04 -8.19 -39.70
N LYS C 23 -8.58 -9.33 -40.26
CA LYS C 23 -9.12 -10.65 -39.97
C LYS C 23 -8.71 -11.05 -38.54
N LYS C 24 -7.42 -10.84 -38.19
CA LYS C 24 -6.79 -11.14 -36.90
C LYS C 24 -7.52 -10.47 -35.75
N ALA C 25 -7.63 -9.12 -35.78
CA ALA C 25 -8.32 -8.31 -34.77
C ALA C 25 -9.74 -8.79 -34.56
N MET C 26 -10.47 -9.10 -35.66
CA MET C 26 -11.83 -9.61 -35.61
C MET C 26 -11.87 -10.87 -34.77
N VAL C 27 -10.87 -11.78 -34.94
CA VAL C 27 -10.76 -13.04 -34.17
C VAL C 27 -10.51 -12.69 -32.68
N GLU C 28 -9.62 -11.70 -32.42
CA GLU C 28 -9.23 -11.24 -31.08
C GLU C 28 -10.43 -10.73 -30.25
N TYR C 29 -11.56 -10.34 -30.93
CA TYR C 29 -12.82 -9.87 -30.35
C TYR C 29 -13.81 -11.03 -30.13
N GLU C 30 -13.40 -12.24 -30.53
CA GLU C 30 -14.15 -13.50 -30.49
C GLU C 30 -15.36 -13.44 -31.44
N ILE C 31 -15.18 -12.89 -32.65
CA ILE C 31 -16.23 -12.81 -33.68
C ILE C 31 -16.22 -14.13 -34.47
N ASP C 32 -17.38 -14.78 -34.62
CA ASP C 32 -17.48 -16.03 -35.38
C ASP C 32 -17.45 -15.68 -36.84
N LEU C 33 -16.33 -15.97 -37.49
CA LEU C 33 -16.13 -15.66 -38.91
C LEU C 33 -16.91 -16.60 -39.84
N GLN C 34 -17.64 -17.58 -39.27
CA GLN C 34 -18.51 -18.47 -40.02
C GLN C 34 -19.80 -17.74 -40.37
N LYS C 35 -20.36 -16.98 -39.41
CA LYS C 35 -21.59 -16.22 -39.60
C LYS C 35 -21.31 -14.71 -39.87
N MET C 36 -20.03 -14.25 -39.75
CA MET C 36 -19.65 -12.85 -40.00
C MET C 36 -18.16 -12.67 -40.50
N PRO C 37 -17.84 -12.97 -41.79
CA PRO C 37 -16.48 -12.70 -42.28
C PRO C 37 -16.33 -11.22 -42.70
N LEU C 38 -15.10 -10.79 -43.11
CA LEU C 38 -14.78 -9.39 -43.49
C LEU C 38 -15.74 -8.80 -44.52
N GLY C 39 -16.09 -9.58 -45.54
CA GLY C 39 -17.00 -9.16 -46.61
C GLY C 39 -18.37 -8.77 -46.09
N LYS C 40 -18.98 -9.65 -45.27
CA LYS C 40 -20.32 -9.48 -44.69
C LYS C 40 -20.41 -8.41 -43.57
N LEU C 41 -19.30 -7.69 -43.26
CA LEU C 41 -19.28 -6.62 -42.24
C LEU C 41 -20.09 -5.45 -42.75
N SER C 42 -21.28 -5.25 -42.19
CA SER C 42 -22.18 -4.21 -42.67
C SER C 42 -22.22 -2.97 -41.79
N LYS C 43 -22.11 -1.80 -42.45
CA LYS C 43 -22.21 -0.41 -41.96
C LYS C 43 -23.47 -0.26 -41.08
N ARG C 44 -24.57 -0.88 -41.55
CA ARG C 44 -25.91 -0.90 -40.99
C ARG C 44 -25.89 -1.69 -39.71
N GLN C 45 -25.37 -2.93 -39.74
CA GLN C 45 -25.23 -3.80 -38.58
C GLN C 45 -24.59 -3.03 -37.44
N ILE C 46 -23.35 -2.53 -37.66
CA ILE C 46 -22.53 -1.77 -36.72
C ILE C 46 -23.36 -0.65 -36.04
N GLN C 47 -24.06 0.18 -36.82
CA GLN C 47 -24.89 1.25 -36.25
C GLN C 47 -26.13 0.67 -35.54
N ALA C 48 -26.78 -0.39 -36.08
CA ALA C 48 -27.93 -1.05 -35.44
C ALA C 48 -27.49 -1.70 -34.14
N ALA C 49 -26.23 -2.21 -34.10
CA ALA C 49 -25.60 -2.81 -32.93
C ALA C 49 -25.39 -1.73 -31.89
N TYR C 50 -24.64 -0.64 -32.25
CA TYR C 50 -24.45 0.53 -31.40
C TYR C 50 -25.73 0.88 -30.66
N SER C 51 -26.88 0.77 -31.36
CA SER C 51 -28.24 1.07 -30.86
C SER C 51 -28.69 0.10 -29.76
N ILE C 52 -28.45 -1.21 -29.93
CA ILE C 52 -28.80 -2.24 -28.96
C ILE C 52 -28.01 -1.98 -27.65
N LEU C 53 -26.75 -1.51 -27.81
CA LEU C 53 -25.87 -1.16 -26.71
C LEU C 53 -26.40 0.07 -25.96
N SER C 54 -26.89 1.09 -26.70
CA SER C 54 -27.50 2.32 -26.13
C SER C 54 -28.73 1.94 -25.29
N GLU C 55 -29.55 0.98 -25.80
CA GLU C 55 -30.73 0.43 -25.17
C GLU C 55 -30.36 -0.26 -23.89
N VAL C 56 -29.15 -0.87 -23.83
CA VAL C 56 -28.66 -1.55 -22.65
C VAL C 56 -28.42 -0.50 -21.57
N GLN C 57 -27.66 0.59 -21.86
CA GLN C 57 -27.43 1.68 -20.91
C GLN C 57 -28.76 2.14 -20.27
N GLN C 58 -29.79 2.46 -21.11
CA GLN C 58 -31.14 2.89 -20.70
C GLN C 58 -31.78 1.86 -19.78
N ALA C 59 -31.70 0.57 -20.17
CA ALA C 59 -32.27 -0.57 -19.43
C ALA C 59 -31.62 -0.71 -18.04
N VAL C 60 -30.27 -0.71 -17.96
CA VAL C 60 -29.53 -0.81 -16.70
C VAL C 60 -29.85 0.47 -15.84
N SER C 61 -30.04 1.65 -16.49
CA SER C 61 -30.33 2.94 -15.84
C SER C 61 -31.67 2.97 -15.13
N GLN C 62 -32.78 2.76 -15.87
CA GLN C 62 -34.13 2.78 -15.30
C GLN C 62 -34.37 1.54 -14.40
N GLY C 63 -33.68 0.44 -14.71
CA GLY C 63 -33.77 -0.81 -13.96
C GLY C 63 -34.68 -1.81 -14.62
N SER C 64 -34.23 -2.35 -15.76
CA SER C 64 -35.00 -3.34 -16.51
C SER C 64 -34.96 -4.73 -15.83
N SER C 65 -35.78 -5.65 -16.37
CA SER C 65 -35.90 -7.04 -15.95
C SER C 65 -34.72 -7.89 -16.40
N ASP C 66 -34.52 -9.08 -15.78
CA ASP C 66 -33.43 -9.97 -16.16
C ASP C 66 -33.67 -10.54 -17.56
N SER C 67 -34.95 -10.75 -17.92
CA SER C 67 -35.34 -11.28 -19.23
C SER C 67 -35.08 -10.28 -20.37
N GLN C 68 -35.41 -8.97 -20.17
CA GLN C 68 -35.26 -7.91 -21.16
C GLN C 68 -33.78 -7.72 -21.53
N ILE C 69 -32.92 -7.55 -20.50
CA ILE C 69 -31.48 -7.42 -20.60
C ILE C 69 -30.92 -8.63 -21.38
N LEU C 70 -31.40 -9.86 -21.07
CA LEU C 70 -31.01 -11.09 -21.77
C LEU C 70 -31.45 -11.06 -23.23
N ASP C 71 -32.67 -10.59 -23.53
CA ASP C 71 -33.12 -10.53 -24.92
C ASP C 71 -32.35 -9.46 -25.71
N LEU C 72 -31.91 -8.39 -25.02
CA LEU C 72 -31.06 -7.34 -25.58
C LEU C 72 -29.70 -7.93 -25.84
N SER C 73 -29.19 -8.75 -24.89
CA SER C 73 -27.92 -9.46 -25.00
C SER C 73 -27.96 -10.40 -26.21
N ASN C 74 -29.06 -11.17 -26.32
CA ASN C 74 -29.31 -12.07 -27.44
C ASN C 74 -29.33 -11.28 -28.76
N ARG C 75 -30.18 -10.24 -28.86
CA ARG C 75 -30.30 -9.34 -30.03
C ARG C 75 -28.91 -8.96 -30.62
N PHE C 76 -27.98 -8.52 -29.73
CA PHE C 76 -26.64 -8.07 -30.06
C PHE C 76 -25.77 -9.16 -30.67
N TYR C 77 -25.65 -10.32 -30.00
CA TYR C 77 -24.82 -11.43 -30.47
C TYR C 77 -25.42 -12.08 -31.70
N THR C 78 -26.75 -11.99 -31.85
CA THR C 78 -27.51 -12.47 -33.01
C THR C 78 -27.15 -11.56 -34.20
N LEU C 79 -26.93 -10.26 -33.92
CA LEU C 79 -26.55 -9.28 -34.92
C LEU C 79 -25.07 -9.37 -35.29
N ILE C 80 -24.16 -9.36 -34.29
CA ILE C 80 -22.72 -9.50 -34.49
C ILE C 80 -22.31 -10.89 -33.93
N PRO C 81 -22.21 -11.92 -34.81
CA PRO C 81 -21.91 -13.28 -34.32
C PRO C 81 -20.54 -13.43 -33.67
N HIS C 82 -20.54 -14.05 -32.49
CA HIS C 82 -19.36 -14.30 -31.66
C HIS C 82 -19.14 -15.81 -31.41
N ASP C 83 -17.87 -16.28 -31.31
CA ASP C 83 -17.54 -17.68 -31.01
C ASP C 83 -16.70 -17.76 -29.72
N PHE C 84 -17.31 -18.29 -28.65
CA PHE C 84 -16.67 -18.36 -27.34
C PHE C 84 -16.18 -19.77 -26.94
N GLY C 85 -16.48 -20.78 -27.75
CA GLY C 85 -16.09 -22.16 -27.51
C GLY C 85 -17.06 -22.85 -26.56
N MET C 86 -16.58 -23.21 -25.35
CA MET C 86 -17.39 -23.83 -24.30
C MET C 86 -17.84 -22.80 -23.26
N LYS C 87 -17.05 -21.71 -23.15
CA LYS C 87 -17.26 -20.57 -22.28
C LYS C 87 -18.64 -19.93 -22.59
N LYS C 88 -19.47 -19.71 -21.56
CA LYS C 88 -20.80 -19.12 -21.75
C LYS C 88 -20.67 -17.64 -22.24
N PRO C 89 -21.57 -17.14 -23.13
CA PRO C 89 -21.40 -15.77 -23.66
C PRO C 89 -21.65 -14.67 -22.61
N PRO C 90 -20.82 -13.59 -22.59
CA PRO C 90 -21.02 -12.52 -21.61
C PRO C 90 -22.36 -11.80 -21.74
N LEU C 91 -23.08 -11.72 -20.61
CA LEU C 91 -24.34 -10.99 -20.55
C LEU C 91 -24.01 -9.50 -20.51
N LEU C 92 -24.59 -8.74 -21.42
CA LEU C 92 -24.36 -7.28 -21.50
C LEU C 92 -25.35 -6.63 -20.55
N ASN C 93 -24.90 -6.39 -19.28
CA ASN C 93 -25.73 -5.84 -18.18
C ASN C 93 -24.97 -4.81 -17.28
N ASN C 94 -23.80 -4.33 -17.75
CA ASN C 94 -22.98 -3.38 -16.98
C ASN C 94 -22.04 -2.58 -17.89
N ALA C 95 -21.57 -1.43 -17.35
CA ALA C 95 -20.64 -0.49 -17.95
C ALA C 95 -19.51 -1.20 -18.65
N ASP C 96 -18.71 -1.97 -17.89
CA ASP C 96 -17.55 -2.75 -18.37
C ASP C 96 -17.88 -3.59 -19.64
N SER C 97 -19.06 -4.25 -19.68
CA SER C 97 -19.52 -5.08 -20.78
C SER C 97 -19.92 -4.24 -21.98
N VAL C 98 -20.71 -3.18 -21.77
CA VAL C 98 -21.19 -2.31 -22.86
C VAL C 98 -20.03 -1.49 -23.41
N GLN C 99 -18.97 -1.31 -22.59
CA GLN C 99 -17.76 -0.58 -22.91
C GLN C 99 -16.93 -1.37 -23.91
N ALA C 100 -16.72 -2.66 -23.60
CA ALA C 100 -15.93 -3.62 -24.39
C ALA C 100 -16.50 -3.81 -25.82
N LYS C 101 -17.84 -3.81 -25.95
CA LYS C 101 -18.49 -4.01 -27.24
C LYS C 101 -18.63 -2.67 -27.99
N ALA C 102 -18.59 -1.54 -27.25
CA ALA C 102 -18.60 -0.23 -27.87
C ALA C 102 -17.22 0.01 -28.49
N GLU C 103 -16.14 -0.32 -27.74
CA GLU C 103 -14.74 -0.25 -28.19
C GLU C 103 -14.54 -1.12 -29.46
N MET C 104 -15.19 -2.30 -29.50
CA MET C 104 -15.12 -3.22 -30.63
C MET C 104 -15.71 -2.61 -31.91
N LEU C 105 -16.96 -2.11 -31.82
CA LEU C 105 -17.70 -1.56 -32.96
C LEU C 105 -17.00 -0.34 -33.55
N ASP C 106 -16.17 0.35 -32.76
CA ASP C 106 -15.35 1.49 -33.18
C ASP C 106 -14.33 1.02 -34.20
N ASN C 107 -13.76 -0.17 -33.97
CA ASN C 107 -12.77 -0.77 -34.84
C ASN C 107 -13.47 -1.32 -36.07
N LEU C 108 -14.58 -2.05 -35.87
CA LEU C 108 -15.38 -2.63 -36.95
C LEU C 108 -15.87 -1.55 -37.90
N LEU C 109 -16.11 -0.34 -37.34
CA LEU C 109 -16.52 0.86 -38.04
C LEU C 109 -15.46 1.26 -39.09
N ASP C 110 -14.18 1.29 -38.67
CA ASP C 110 -13.03 1.72 -39.46
C ASP C 110 -12.45 0.60 -40.35
N ILE C 111 -12.65 -0.65 -39.92
CA ILE C 111 -12.23 -1.85 -40.63
C ILE C 111 -13.15 -2.01 -41.86
N GLU C 112 -14.48 -1.78 -41.70
CA GLU C 112 -15.45 -1.86 -42.81
C GLU C 112 -15.16 -0.77 -43.82
N VAL C 113 -14.71 0.40 -43.34
CA VAL C 113 -14.33 1.51 -44.21
C VAL C 113 -13.09 1.05 -44.97
N ALA C 114 -12.01 0.66 -44.23
CA ALA C 114 -10.75 0.15 -44.78
C ALA C 114 -11.02 -0.91 -45.86
N TYR C 115 -11.95 -1.84 -45.60
CA TYR C 115 -12.35 -2.90 -46.52
C TYR C 115 -13.02 -2.37 -47.76
N SER C 116 -14.01 -1.47 -47.61
CA SER C 116 -14.74 -0.91 -48.75
C SER C 116 -13.82 0.00 -49.56
N LEU C 117 -12.87 0.62 -48.87
CA LEU C 117 -11.83 1.47 -49.45
C LEU C 117 -10.66 0.60 -50.00
N LEU C 118 -10.77 -0.73 -49.85
CA LEU C 118 -9.80 -1.72 -50.34
C LEU C 118 -10.61 -2.80 -51.08
N ARG C 119 -11.50 -2.35 -52.01
CA ARG C 119 -12.38 -3.19 -52.82
C ARG C 119 -13.07 -2.38 -53.91
N GLY C 120 -13.25 -1.08 -53.66
CA GLY C 120 -13.86 -0.17 -54.62
C GLY C 120 -12.98 0.03 -55.85
N GLY C 121 -13.62 0.36 -56.98
CA GLY C 121 -12.97 0.61 -58.26
C GLY C 121 -12.34 -0.60 -58.93
N SER C 122 -11.80 -0.38 -60.13
CA SER C 122 -11.15 -1.43 -60.91
C SER C 122 -9.75 -1.76 -60.33
N ASP C 123 -9.67 -2.84 -59.51
CA ASP C 123 -8.43 -3.35 -58.87
C ASP C 123 -7.56 -4.06 -59.98
N ASP C 124 -7.06 -3.28 -60.98
CA ASP C 124 -6.32 -3.80 -62.14
C ASP C 124 -4.81 -4.07 -61.89
N SER C 125 -4.23 -4.98 -62.73
CA SER C 125 -2.81 -5.40 -62.75
C SER C 125 -1.94 -4.38 -63.53
N SER C 126 -2.60 -3.44 -64.27
CA SER C 126 -1.94 -2.41 -65.09
C SER C 126 -1.18 -1.38 -64.23
N LYS C 127 -1.86 -0.78 -63.21
CA LYS C 127 -1.24 0.21 -62.31
C LYS C 127 -0.65 -0.49 -61.07
N ASP C 128 0.34 0.16 -60.41
CA ASP C 128 1.07 -0.31 -59.23
C ASP C 128 0.15 -0.62 -58.04
N PRO C 129 0.37 -1.75 -57.32
CA PRO C 129 -0.52 -2.10 -56.18
C PRO C 129 -0.49 -1.10 -55.01
N ILE C 130 0.71 -0.79 -54.49
CA ILE C 130 0.96 0.10 -53.36
C ILE C 130 0.50 1.53 -53.69
N ASP C 131 0.94 2.07 -54.87
CA ASP C 131 0.63 3.42 -55.36
C ASP C 131 -0.88 3.67 -55.40
N VAL C 132 -1.68 2.73 -55.98
CA VAL C 132 -3.14 2.85 -56.11
C VAL C 132 -3.81 3.06 -54.75
N ASN C 133 -3.45 2.21 -53.77
CA ASN C 133 -3.99 2.26 -52.41
C ASN C 133 -3.57 3.53 -51.66
N TYR C 134 -2.39 4.12 -52.04
CA TYR C 134 -1.91 5.39 -51.46
C TYR C 134 -2.84 6.55 -51.90
N GLU C 135 -3.33 6.48 -53.14
CA GLU C 135 -4.21 7.47 -53.73
C GLU C 135 -5.64 7.36 -53.15
N LYS C 136 -6.11 6.11 -52.93
CA LYS C 136 -7.44 5.73 -52.41
C LYS C 136 -7.90 6.49 -51.14
N LEU C 137 -6.95 6.90 -50.26
CA LEU C 137 -7.21 7.64 -49.02
C LEU C 137 -7.40 9.14 -49.25
N LYS C 138 -6.76 9.69 -50.31
CA LYS C 138 -6.77 11.11 -50.66
C LYS C 138 -5.92 11.88 -49.63
N THR C 139 -4.63 11.49 -49.49
CA THR C 139 -3.70 12.08 -48.52
C THR C 139 -2.25 12.11 -49.04
N ASP C 140 -1.53 13.24 -48.80
CA ASP C 140 -0.13 13.41 -49.20
C ASP C 140 0.83 13.14 -48.02
N ILE C 141 1.38 11.91 -48.01
CA ILE C 141 2.32 11.43 -47.01
C ILE C 141 3.75 11.74 -47.50
N LYS C 142 4.56 12.40 -46.64
CA LYS C 142 5.94 12.78 -46.97
C LYS C 142 6.88 12.42 -45.82
N VAL C 143 8.12 12.03 -46.16
CA VAL C 143 9.12 11.62 -45.16
C VAL C 143 9.84 12.87 -44.62
N VAL C 144 9.81 13.05 -43.28
CA VAL C 144 10.49 14.16 -42.60
C VAL C 144 11.94 13.69 -42.33
N ASP C 145 12.93 14.51 -42.74
CA ASP C 145 14.38 14.23 -42.62
C ASP C 145 14.81 13.88 -41.20
N ARG C 146 15.53 12.76 -41.08
CA ARG C 146 16.04 12.22 -39.81
C ARG C 146 17.11 13.14 -39.15
N ASP C 147 17.76 14.03 -39.94
CA ASP C 147 18.78 14.96 -39.44
C ASP C 147 18.26 16.44 -39.39
N SER C 148 16.94 16.65 -39.51
CA SER C 148 16.34 17.99 -39.51
C SER C 148 15.93 18.48 -38.11
N GLU C 149 15.70 19.81 -37.99
CA GLU C 149 15.23 20.49 -36.79
C GLU C 149 13.83 19.94 -36.43
N GLU C 150 13.02 19.65 -37.46
CA GLU C 150 11.68 19.06 -37.42
C GLU C 150 11.68 17.71 -36.70
N ALA C 151 12.60 16.81 -37.13
CA ALA C 151 12.76 15.47 -36.55
C ALA C 151 13.22 15.56 -35.09
N GLU C 152 14.22 16.44 -34.81
CA GLU C 152 14.77 16.72 -33.47
C GLU C 152 13.65 17.21 -32.52
N ILE C 153 12.76 18.10 -33.04
CA ILE C 153 11.63 18.67 -32.31
C ILE C 153 10.62 17.55 -31.94
N ILE C 154 10.24 16.71 -32.92
CA ILE C 154 9.28 15.61 -32.73
C ILE C 154 9.87 14.52 -31.79
N ARG C 155 11.15 14.15 -31.95
CA ARG C 155 11.82 13.18 -31.08
C ARG C 155 11.82 13.68 -29.65
N LYS C 156 12.12 14.99 -29.44
CA LYS C 156 12.12 15.70 -28.14
C LYS C 156 10.71 15.67 -27.52
N TYR C 157 9.65 15.68 -28.37
CA TYR C 157 8.26 15.62 -27.91
C TYR C 157 8.07 14.24 -27.28
N VAL C 158 8.28 13.17 -28.07
CA VAL C 158 8.17 11.76 -27.64
C VAL C 158 9.06 11.44 -26.39
N LYS C 159 10.32 11.92 -26.37
CA LYS C 159 11.28 11.68 -25.28
C LYS C 159 10.84 12.33 -23.94
N ASN C 160 10.55 13.64 -23.93
CA ASN C 160 10.13 14.33 -22.71
C ASN C 160 8.66 14.04 -22.25
N THR C 161 7.75 13.65 -23.18
CA THR C 161 6.34 13.43 -22.84
C THR C 161 5.98 11.92 -22.74
N HIS C 162 7.00 11.07 -22.48
CA HIS C 162 6.74 9.65 -22.26
C HIS C 162 6.22 9.49 -20.83
N ALA C 163 6.89 10.19 -19.89
CA ALA C 163 6.64 10.27 -18.44
C ALA C 163 5.27 9.65 -17.95
N THR C 164 5.26 8.62 -17.10
CA THR C 164 6.35 7.85 -16.49
C THR C 164 5.76 6.54 -15.96
N THR C 165 4.45 6.54 -15.66
CA THR C 165 3.71 5.37 -15.21
C THR C 165 3.62 4.39 -16.36
N HIS C 166 3.76 4.90 -17.59
CA HIS C 166 3.70 4.09 -18.78
C HIS C 166 5.02 3.37 -19.04
N ASN C 167 5.53 2.65 -18.03
CA ASN C 167 6.75 1.86 -18.19
C ASN C 167 6.32 0.62 -18.99
N ALA C 168 7.08 -0.49 -18.95
CA ALA C 168 6.77 -1.72 -19.69
C ALA C 168 7.04 -1.56 -21.19
N TYR C 169 7.25 -0.31 -21.68
CA TYR C 169 7.65 -0.03 -23.07
C TYR C 169 8.50 1.25 -23.20
N ASP C 170 9.41 1.17 -24.15
CA ASP C 170 10.35 2.20 -24.59
C ASP C 170 9.87 2.64 -25.94
N LEU C 171 9.88 3.94 -26.15
CA LEU C 171 9.39 4.51 -27.40
C LEU C 171 10.56 4.95 -28.26
N GLU C 172 10.59 4.42 -29.49
CA GLU C 172 11.60 4.73 -30.47
C GLU C 172 10.93 4.96 -31.83
N VAL C 173 11.07 6.19 -32.36
CA VAL C 173 10.49 6.65 -33.61
C VAL C 173 11.26 6.05 -34.78
N ILE C 174 10.59 5.21 -35.58
CA ILE C 174 11.14 4.56 -36.77
C ILE C 174 11.08 5.57 -37.93
N ASP C 175 9.89 6.13 -38.18
CA ASP C 175 9.64 7.11 -39.23
C ASP C 175 8.70 8.20 -38.75
N ILE C 176 8.81 9.40 -39.35
CA ILE C 176 8.00 10.59 -39.12
C ILE C 176 7.43 11.01 -40.48
N PHE C 177 6.11 10.96 -40.64
CA PHE C 177 5.51 11.34 -41.91
C PHE C 177 4.76 12.64 -41.79
N LYS C 178 4.84 13.47 -42.86
CA LYS C 178 4.15 14.75 -43.03
C LYS C 178 2.88 14.44 -43.81
N ILE C 179 1.73 14.62 -43.16
CA ILE C 179 0.41 14.27 -43.71
C ILE C 179 -0.48 15.50 -43.93
N GLU C 180 -1.35 15.39 -44.94
CA GLU C 180 -2.30 16.43 -45.31
C GLU C 180 -3.48 15.81 -46.06
N ARG C 181 -4.58 15.58 -45.32
CA ARG C 181 -5.81 15.01 -45.86
C ARG C 181 -6.43 15.96 -46.89
N GLU C 182 -7.20 15.42 -47.84
CA GLU C 182 -7.83 16.26 -48.87
C GLU C 182 -8.92 17.17 -48.26
N GLY C 183 -8.75 18.48 -48.47
CA GLY C 183 -9.67 19.55 -48.06
C GLY C 183 -9.78 19.90 -46.58
N GLU C 184 -8.93 19.26 -45.72
CA GLU C 184 -8.93 19.46 -44.27
C GLU C 184 -8.55 20.89 -43.85
N CYS C 185 -7.61 21.51 -44.56
CA CYS C 185 -7.12 22.87 -44.29
C CYS C 185 -8.22 23.90 -44.54
N GLN C 186 -8.99 23.71 -45.64
CA GLN C 186 -10.15 24.54 -45.97
C GLN C 186 -11.24 24.34 -44.92
N ARG C 187 -11.40 23.08 -44.45
CA ARG C 187 -12.36 22.70 -43.40
C ARG C 187 -11.96 23.36 -42.08
N TYR C 188 -10.65 23.50 -41.86
CA TYR C 188 -10.03 24.08 -40.69
C TYR C 188 -9.92 25.64 -40.79
N LYS C 189 -9.95 26.22 -42.02
CA LYS C 189 -9.84 27.67 -42.31
C LYS C 189 -10.44 28.57 -41.20
N PRO C 190 -11.71 28.40 -40.75
CA PRO C 190 -12.21 29.29 -39.69
C PRO C 190 -11.44 29.20 -38.37
N PHE C 191 -10.95 28.01 -38.01
CA PHE C 191 -10.24 27.77 -36.75
C PHE C 191 -8.73 28.02 -36.87
N LYS C 192 -8.23 28.39 -38.08
CA LYS C 192 -6.79 28.63 -38.31
C LYS C 192 -6.27 29.86 -37.59
N GLN C 193 -7.14 30.86 -37.40
CA GLN C 193 -6.80 32.15 -36.78
C GLN C 193 -7.11 32.16 -35.27
N LEU C 194 -7.75 31.11 -34.75
CA LEU C 194 -8.15 30.98 -33.34
C LEU C 194 -6.94 30.98 -32.39
N HIS C 195 -7.14 31.49 -31.17
CA HIS C 195 -6.11 31.51 -30.14
C HIS C 195 -5.90 30.08 -29.58
N ASN C 196 -4.85 29.89 -28.76
CA ASN C 196 -4.46 28.63 -28.10
C ASN C 196 -4.56 27.41 -29.06
N ARG C 197 -3.56 27.28 -29.94
CA ARG C 197 -3.46 26.17 -30.86
C ARG C 197 -2.26 25.31 -30.46
N ARG C 198 -2.53 24.03 -30.16
CA ARG C 198 -1.50 23.08 -29.73
C ARG C 198 -1.46 21.86 -30.65
N LEU C 199 -0.23 21.32 -30.90
CA LEU C 199 -0.04 20.12 -31.71
C LEU C 199 -0.03 18.95 -30.75
N LEU C 200 -1.13 18.18 -30.72
CA LEU C 200 -1.33 17.10 -29.76
C LEU C 200 -1.37 15.71 -30.40
N TRP C 201 -1.16 14.69 -29.56
CA TRP C 201 -1.15 13.28 -29.91
C TRP C 201 -2.52 12.69 -30.04
N HIS C 202 -2.67 11.71 -30.94
CA HIS C 202 -3.87 10.89 -31.10
C HIS C 202 -3.43 9.47 -31.43
N GLY C 203 -3.85 8.51 -30.61
CA GLY C 203 -3.50 7.11 -30.79
C GLY C 203 -4.68 6.25 -31.18
N SER C 204 -4.45 5.31 -32.10
CA SER C 204 -5.47 4.37 -32.58
C SER C 204 -4.83 3.08 -33.08
N ARG C 205 -5.66 2.04 -33.34
CA ARG C 205 -5.23 0.74 -33.83
C ARG C 205 -4.88 0.86 -35.29
N THR C 206 -3.79 0.19 -35.72
CA THR C 206 -3.28 0.14 -37.09
C THR C 206 -4.43 -0.10 -38.09
N THR C 207 -5.32 -1.04 -37.75
CA THR C 207 -6.49 -1.44 -38.51
C THR C 207 -7.46 -0.26 -38.84
N ASN C 208 -7.43 0.80 -38.03
CA ASN C 208 -8.34 1.93 -38.19
C ASN C 208 -7.80 3.04 -39.12
N PHE C 209 -6.45 3.24 -39.17
CA PHE C 209 -5.75 4.32 -39.90
C PHE C 209 -6.14 4.54 -41.37
N ALA C 210 -6.78 3.58 -42.06
CA ALA C 210 -7.20 3.84 -43.43
C ALA C 210 -8.39 4.78 -43.40
N GLY C 211 -9.30 4.60 -42.44
CA GLY C 211 -10.47 5.47 -42.24
C GLY C 211 -10.06 6.84 -41.74
N ILE C 212 -9.09 6.85 -40.80
CA ILE C 212 -8.46 8.04 -40.19
C ILE C 212 -7.82 8.93 -41.28
N LEU C 213 -7.30 8.31 -42.36
CA LEU C 213 -6.70 9.07 -43.47
C LEU C 213 -7.71 9.25 -44.61
N SER C 214 -8.82 8.48 -44.61
CA SER C 214 -9.85 8.58 -45.63
C SER C 214 -10.92 9.58 -45.16
N GLN C 215 -11.68 9.23 -44.08
CA GLN C 215 -12.78 10.03 -43.53
C GLN C 215 -12.29 10.98 -42.40
N GLY C 216 -11.04 10.82 -41.97
CA GLY C 216 -10.46 11.66 -40.93
C GLY C 216 -10.91 11.26 -39.54
N LEU C 217 -10.53 12.08 -38.54
CA LEU C 217 -10.94 11.84 -37.16
C LEU C 217 -12.41 12.23 -37.02
N ARG C 218 -13.22 11.29 -36.52
CA ARG C 218 -14.67 11.47 -36.37
C ARG C 218 -15.15 11.28 -34.91
N ILE C 219 -16.38 11.76 -34.66
CA ILE C 219 -17.11 11.64 -33.40
C ILE C 219 -18.04 10.42 -33.54
N ALA C 220 -18.33 9.71 -32.42
CA ALA C 220 -19.21 8.54 -32.38
C ALA C 220 -20.63 8.86 -32.95
N PRO C 221 -21.28 7.93 -33.70
CA PRO C 221 -22.62 8.26 -34.29
C PRO C 221 -23.72 8.49 -33.24
N PRO C 222 -24.89 9.10 -33.58
CA PRO C 222 -25.95 9.27 -32.56
C PRO C 222 -26.28 7.98 -31.80
N GLU C 223 -26.36 6.85 -32.54
CA GLU C 223 -26.67 5.48 -32.09
C GLU C 223 -25.71 4.90 -31.01
N ALA C 224 -24.45 5.36 -30.98
CA ALA C 224 -23.43 4.84 -30.06
C ALA C 224 -23.76 5.11 -28.57
N PRO C 225 -23.38 4.18 -27.65
CA PRO C 225 -23.60 4.43 -26.22
C PRO C 225 -22.58 5.44 -25.69
N VAL C 226 -22.82 6.02 -24.51
CA VAL C 226 -21.94 7.06 -23.98
C VAL C 226 -20.88 6.51 -22.99
N THR C 227 -21.16 5.38 -22.30
CA THR C 227 -20.21 4.77 -21.36
C THR C 227 -18.96 4.37 -22.17
N GLY C 228 -17.86 5.07 -21.88
CA GLY C 228 -16.57 4.87 -22.55
C GLY C 228 -15.82 6.16 -22.78
N TYR C 229 -16.57 7.27 -22.92
CA TYR C 229 -16.02 8.61 -23.15
C TYR C 229 -16.26 9.50 -21.88
N MET C 230 -15.19 9.77 -21.08
CA MET C 230 -15.19 10.59 -19.85
C MET C 230 -15.79 12.01 -20.07
N PHE C 231 -15.69 12.58 -21.30
CA PHE C 231 -16.21 13.92 -21.55
C PHE C 231 -17.18 13.98 -22.77
N GLY C 232 -18.03 12.96 -22.89
CA GLY C 232 -19.02 12.86 -23.95
C GLY C 232 -18.41 12.50 -25.29
N LYS C 233 -19.25 12.45 -26.34
CA LYS C 233 -18.84 12.11 -27.71
C LYS C 233 -18.06 13.25 -28.35
N GLY C 234 -16.73 13.09 -28.43
CA GLY C 234 -15.81 14.04 -29.05
C GLY C 234 -14.55 13.41 -29.64
N ILE C 235 -13.60 14.26 -30.07
CA ILE C 235 -12.30 13.85 -30.61
C ILE C 235 -11.29 14.11 -29.48
N TYR C 236 -10.67 13.03 -28.99
CA TYR C 236 -9.77 13.06 -27.86
C TYR C 236 -8.31 13.10 -28.30
N PHE C 237 -7.48 13.80 -27.52
CA PHE C 237 -6.03 14.01 -27.72
C PHE C 237 -5.31 14.09 -26.38
N ALA C 238 -3.95 14.13 -26.40
CA ALA C 238 -3.13 14.26 -25.18
C ALA C 238 -1.78 14.93 -25.46
N ASP C 239 -1.15 15.45 -24.38
CA ASP C 239 0.16 16.10 -24.42
C ASP C 239 1.26 15.18 -23.78
N MET C 240 1.02 13.88 -23.80
CA MET C 240 1.90 12.86 -23.23
C MET C 240 1.85 11.68 -24.17
N VAL C 241 2.86 11.56 -25.06
CA VAL C 241 2.92 10.54 -26.11
C VAL C 241 2.37 9.18 -25.66
N SER C 242 2.88 8.66 -24.52
CA SER C 242 2.54 7.35 -23.98
C SER C 242 1.03 7.18 -23.81
N LYS C 243 0.31 8.14 -23.19
CA LYS C 243 -1.15 8.07 -23.04
C LYS C 243 -1.79 7.67 -24.37
N SER C 244 -1.43 8.36 -25.47
CA SER C 244 -1.97 8.07 -26.78
C SER C 244 -1.30 6.83 -27.40
N ALA C 245 -0.06 6.49 -26.98
CA ALA C 245 0.69 5.30 -27.46
C ALA C 245 0.13 3.96 -26.86
N ASN C 246 -0.84 4.04 -25.93
CA ASN C 246 -1.50 2.89 -25.30
C ASN C 246 -2.79 2.50 -26.06
N TYR C 247 -3.16 3.27 -27.12
CA TYR C 247 -4.35 3.03 -27.94
C TYR C 247 -3.95 2.39 -29.27
N CYS C 248 -2.64 2.23 -29.50
CA CYS C 248 -2.14 1.54 -30.68
C CYS C 248 -2.31 0.02 -30.42
N HIS C 249 -2.57 -0.32 -29.12
CA HIS C 249 -2.77 -1.66 -28.54
C HIS C 249 -1.69 -2.62 -29.10
N THR C 250 -0.44 -2.16 -29.03
CA THR C 250 0.71 -2.91 -29.55
C THR C 250 1.23 -3.85 -28.48
N SER C 251 1.40 -5.12 -28.87
CA SER C 251 1.90 -6.21 -28.03
C SER C 251 3.32 -6.59 -28.45
N GLN C 252 3.93 -7.56 -27.74
CA GLN C 252 5.28 -8.08 -28.02
C GLN C 252 5.36 -8.71 -29.42
N GLY C 253 4.27 -9.32 -29.86
CA GLY C 253 4.13 -9.93 -31.18
C GLY C 253 4.19 -8.88 -32.27
N ASP C 254 3.25 -7.91 -32.26
CA ASP C 254 3.25 -6.81 -33.22
C ASP C 254 3.54 -5.51 -32.44
N PRO C 255 4.84 -5.14 -32.32
CA PRO C 255 5.21 -3.92 -31.57
C PRO C 255 5.24 -2.67 -32.45
N ILE C 256 4.60 -2.75 -33.62
CA ILE C 256 4.57 -1.64 -34.57
C ILE C 256 3.27 -0.86 -34.38
N GLY C 257 3.44 0.41 -34.03
CA GLY C 257 2.33 1.32 -33.79
C GLY C 257 2.45 2.66 -34.47
N LEU C 258 1.32 3.12 -35.04
CA LEU C 258 1.16 4.42 -35.71
C LEU C 258 0.48 5.41 -34.80
N ILE C 259 1.09 6.56 -34.61
CA ILE C 259 0.49 7.61 -33.80
C ILE C 259 0.27 8.84 -34.72
N LEU C 260 -0.52 9.82 -34.25
CA LEU C 260 -0.82 11.05 -34.96
C LEU C 260 -0.34 12.24 -34.18
N LEU C 261 -0.11 13.35 -34.88
CA LEU C 261 0.27 14.61 -34.32
C LEU C 261 -0.57 15.67 -35.02
N GLY C 262 -1.75 15.90 -34.43
CA GLY C 262 -2.73 16.84 -34.96
C GLY C 262 -2.70 18.20 -34.31
N GLU C 263 -2.95 19.24 -35.15
CA GLU C 263 -3.11 20.65 -34.79
C GLU C 263 -4.56 20.83 -34.41
N VAL C 264 -4.81 21.14 -33.14
CA VAL C 264 -6.18 21.31 -32.67
C VAL C 264 -6.32 22.73 -32.15
N ALA C 265 -7.40 23.40 -32.58
CA ALA C 265 -7.73 24.76 -32.19
C ALA C 265 -8.59 24.71 -30.92
N LEU C 266 -7.89 24.72 -29.78
CA LEU C 266 -8.46 24.63 -28.44
C LEU C 266 -9.22 25.90 -28.03
N GLY C 267 -8.59 27.06 -28.24
CA GLY C 267 -9.16 28.36 -27.93
C GLY C 267 -9.50 28.49 -26.48
N ASN C 268 -10.80 28.66 -26.17
CA ASN C 268 -11.28 28.74 -24.80
C ASN C 268 -11.66 27.37 -24.32
N MET C 269 -10.78 26.83 -23.48
CA MET C 269 -10.90 25.50 -22.89
C MET C 269 -11.73 25.55 -21.64
N TYR C 270 -12.51 24.50 -21.46
CA TYR C 270 -13.39 24.29 -20.33
C TYR C 270 -12.71 23.24 -19.50
N GLU C 271 -11.87 23.70 -18.57
CA GLU C 271 -10.98 22.92 -17.70
C GLU C 271 -11.72 22.18 -16.57
N LEU C 272 -11.90 20.85 -16.75
CA LEU C 272 -12.60 19.97 -15.80
C LEU C 272 -11.67 18.90 -15.23
N LYS C 273 -11.99 18.42 -14.02
CA LYS C 273 -11.18 17.44 -13.31
C LYS C 273 -11.83 16.07 -13.29
N HIS C 274 -13.17 16.01 -13.29
CA HIS C 274 -13.97 14.77 -13.14
C HIS C 274 -14.84 14.51 -14.37
N ALA C 275 -15.41 13.28 -14.49
CA ALA C 275 -16.22 12.87 -15.65
C ALA C 275 -17.45 13.72 -15.79
N SER C 276 -17.80 14.05 -17.04
CA SER C 276 -18.93 14.90 -17.37
C SER C 276 -19.26 14.77 -18.85
N HIS C 277 -20.46 14.24 -19.19
CA HIS C 277 -20.86 14.15 -20.60
C HIS C 277 -21.40 15.53 -20.90
N ILE C 278 -20.66 16.26 -21.74
CA ILE C 278 -20.90 17.66 -21.97
C ILE C 278 -22.17 18.01 -22.82
N SER C 279 -22.28 17.51 -24.09
CA SER C 279 -23.34 17.83 -25.08
C SER C 279 -23.01 19.20 -25.71
N LYS C 280 -23.57 20.33 -25.15
CA LYS C 280 -23.29 21.68 -25.64
C LYS C 280 -22.21 22.34 -24.76
N LEU C 281 -21.21 22.97 -25.38
CA LEU C 281 -20.14 23.66 -24.64
C LEU C 281 -20.66 24.97 -24.05
N PRO C 282 -20.16 25.48 -22.88
CA PRO C 282 -20.67 26.77 -22.39
C PRO C 282 -20.39 27.88 -23.39
N LYS C 283 -21.22 28.95 -23.39
CA LYS C 283 -21.04 30.05 -24.35
C LYS C 283 -19.61 30.58 -24.31
N GLY C 284 -19.00 30.68 -25.50
CA GLY C 284 -17.63 31.14 -25.67
C GLY C 284 -16.55 30.07 -25.57
N LYS C 285 -16.95 28.82 -25.26
CA LYS C 285 -16.00 27.71 -25.16
C LYS C 285 -15.99 26.97 -26.47
N HIS C 286 -14.82 26.40 -26.83
CA HIS C 286 -14.63 25.72 -28.11
C HIS C 286 -14.17 24.29 -27.90
N SER C 287 -13.54 24.05 -26.75
CA SER C 287 -13.03 22.74 -26.39
C SER C 287 -13.10 22.47 -24.87
N VAL C 288 -12.92 21.18 -24.50
CA VAL C 288 -12.84 20.67 -23.13
C VAL C 288 -11.40 20.21 -22.92
N LYS C 289 -10.84 20.58 -21.79
CA LYS C 289 -9.50 20.18 -21.42
C LYS C 289 -9.59 19.50 -20.07
N GLY C 290 -9.49 18.18 -20.06
CA GLY C 290 -9.51 17.38 -18.83
C GLY C 290 -8.20 17.59 -18.11
N LEU C 291 -8.24 18.31 -16.97
CA LEU C 291 -7.05 18.63 -16.16
C LEU C 291 -6.55 17.40 -15.41
N GLY C 292 -5.25 17.13 -15.55
CA GLY C 292 -4.57 15.99 -14.93
C GLY C 292 -3.50 16.36 -13.92
N LYS C 293 -3.07 15.35 -13.11
CA LYS C 293 -2.08 15.50 -12.04
C LYS C 293 -0.65 15.78 -12.59
N THR C 294 -0.40 15.46 -13.90
CA THR C 294 0.87 15.69 -14.60
C THR C 294 0.62 16.36 -15.97
N THR C 295 1.41 17.42 -16.23
CA THR C 295 1.40 18.19 -17.46
C THR C 295 2.85 18.55 -17.88
N PRO C 296 3.18 18.66 -19.21
CA PRO C 296 4.53 19.08 -19.61
C PRO C 296 4.89 20.45 -19.02
N ASP C 297 6.20 20.65 -18.69
CA ASP C 297 6.71 21.89 -18.09
C ASP C 297 6.34 23.10 -18.96
N PRO C 298 5.49 24.02 -18.43
CA PRO C 298 5.05 25.18 -19.23
C PRO C 298 6.21 26.13 -19.58
N SER C 299 7.16 26.27 -18.65
CA SER C 299 8.37 27.09 -18.81
C SER C 299 9.38 26.34 -19.71
N ALA C 300 8.85 25.60 -20.72
CA ALA C 300 9.61 24.79 -21.68
C ALA C 300 8.83 24.64 -23.01
N ASN C 301 7.60 25.23 -23.07
CA ASN C 301 6.73 25.21 -24.25
C ASN C 301 7.46 25.79 -25.47
N ILE C 302 7.29 25.14 -26.65
CA ILE C 302 7.95 25.56 -27.89
C ILE C 302 6.91 25.88 -28.99
N SER C 303 7.25 26.80 -29.91
CA SER C 303 6.37 27.16 -31.02
C SER C 303 6.87 26.55 -32.33
N LEU C 304 5.90 26.18 -33.19
CA LEU C 304 6.12 25.55 -34.50
C LEU C 304 4.99 26.00 -35.41
N ASP C 305 5.31 26.89 -36.38
CA ASP C 305 4.35 27.48 -37.32
C ASP C 305 3.15 28.06 -36.55
N GLY C 306 3.45 28.95 -35.61
CA GLY C 306 2.48 29.64 -34.75
C GLY C 306 1.67 28.78 -33.80
N VAL C 307 2.00 27.45 -33.72
CA VAL C 307 1.34 26.42 -32.89
C VAL C 307 2.26 26.05 -31.73
N ASP C 308 1.75 26.12 -30.50
CA ASP C 308 2.54 25.72 -29.34
C ASP C 308 2.64 24.17 -29.28
N VAL C 309 3.83 23.67 -28.92
CA VAL C 309 4.12 22.24 -28.78
C VAL C 309 4.55 22.01 -27.31
N PRO C 310 3.76 21.23 -26.53
CA PRO C 310 4.11 21.01 -25.11
C PRO C 310 5.13 19.89 -24.96
N LEU C 311 6.32 20.09 -25.51
CA LEU C 311 7.37 19.10 -25.46
C LEU C 311 8.19 19.20 -24.17
N GLY C 312 7.67 19.94 -23.20
CA GLY C 312 8.30 20.08 -21.90
C GLY C 312 8.26 18.78 -21.12
N THR C 313 9.28 18.58 -20.26
CA THR C 313 9.44 17.44 -19.36
C THR C 313 8.23 17.38 -18.44
N GLY C 314 7.80 16.16 -18.13
CA GLY C 314 6.65 15.91 -17.25
C GLY C 314 6.86 16.54 -15.89
N ILE C 315 6.14 17.63 -15.63
CA ILE C 315 6.23 18.35 -14.36
C ILE C 315 4.94 18.10 -13.53
N SER C 316 5.03 18.35 -12.22
CA SER C 316 3.92 18.11 -11.30
C SER C 316 2.88 19.20 -11.44
N SER C 317 1.76 18.91 -12.14
CA SER C 317 0.66 19.86 -12.37
C SER C 317 0.02 20.19 -11.02
N GLY C 318 -0.19 21.48 -10.77
CA GLY C 318 -0.72 21.95 -9.50
C GLY C 318 -2.12 21.55 -9.09
N VAL C 319 -2.98 21.07 -10.02
CA VAL C 319 -4.37 20.71 -9.73
C VAL C 319 -4.40 19.44 -8.89
N ASN C 320 -4.93 19.56 -7.68
CA ASN C 320 -4.93 18.46 -6.74
C ASN C 320 -6.16 17.51 -6.83
N ASP C 321 -7.38 18.04 -6.61
CA ASP C 321 -8.59 17.21 -6.57
C ASP C 321 -9.04 16.78 -7.99
N THR C 322 -8.27 15.91 -8.65
CA THR C 322 -8.63 15.48 -10.00
C THR C 322 -8.58 13.96 -10.19
N SER C 323 -9.39 13.53 -11.13
CA SER C 323 -9.57 12.15 -11.47
C SER C 323 -8.42 11.75 -12.30
N LEU C 324 -8.03 12.62 -13.22
CA LEU C 324 -7.12 12.30 -14.29
C LEU C 324 -5.70 12.41 -13.86
N LEU C 325 -4.86 11.57 -14.41
CA LEU C 325 -3.45 11.59 -14.05
C LEU C 325 -2.71 12.49 -15.04
N TYR C 326 -3.10 12.40 -16.30
CA TYR C 326 -2.55 13.18 -17.41
C TYR C 326 -3.68 13.91 -18.12
N ASN C 327 -3.44 15.15 -18.57
CA ASN C 327 -4.44 15.95 -19.31
C ASN C 327 -4.97 15.24 -20.55
N GLU C 328 -6.16 15.59 -20.99
CA GLU C 328 -6.72 15.16 -22.26
C GLU C 328 -7.52 16.34 -22.82
N TYR C 329 -7.60 16.42 -24.15
CA TYR C 329 -8.21 17.54 -24.87
C TYR C 329 -9.29 17.03 -25.82
N ILE C 330 -10.46 17.64 -25.77
CA ILE C 330 -11.56 17.14 -26.60
C ILE C 330 -12.13 18.26 -27.45
N VAL C 331 -12.53 17.94 -28.68
CA VAL C 331 -13.19 18.87 -29.59
C VAL C 331 -14.49 18.22 -30.07
N TYR C 332 -15.59 18.99 -30.09
CA TYR C 332 -16.93 18.49 -30.43
C TYR C 332 -17.43 19.03 -31.80
N ASP C 333 -16.50 19.13 -32.73
CA ASP C 333 -16.66 19.50 -34.14
C ASP C 333 -15.46 18.95 -34.86
N ILE C 334 -15.69 18.13 -35.89
CA ILE C 334 -14.61 17.51 -36.64
C ILE C 334 -13.63 18.56 -37.24
N ALA C 335 -14.17 19.68 -37.79
CA ALA C 335 -13.44 20.79 -38.45
C ALA C 335 -12.29 21.42 -37.62
N GLN C 336 -12.31 21.38 -36.26
CA GLN C 336 -11.30 21.97 -35.34
C GLN C 336 -9.98 21.17 -35.25
N VAL C 337 -9.80 20.22 -36.18
CA VAL C 337 -8.67 19.29 -36.28
C VAL C 337 -7.95 19.48 -37.62
N ASN C 338 -6.59 19.45 -37.58
CA ASN C 338 -5.68 19.53 -38.74
C ASN C 338 -4.49 18.60 -38.46
N LEU C 339 -4.54 17.37 -39.05
CA LEU C 339 -3.52 16.34 -38.87
C LEU C 339 -2.26 16.72 -39.63
N LYS C 340 -1.18 17.03 -38.88
CA LYS C 340 0.08 17.54 -39.40
C LYS C 340 1.19 16.50 -39.47
N TYR C 341 1.26 15.58 -38.52
CA TYR C 341 2.30 14.55 -38.54
C TYR C 341 1.78 13.17 -38.16
N LEU C 342 2.40 12.15 -38.78
CA LEU C 342 2.16 10.74 -38.56
C LEU C 342 3.48 10.11 -38.14
N LEU C 343 3.48 9.23 -37.15
CA LEU C 343 4.73 8.65 -36.65
C LEU C 343 4.66 7.14 -36.55
N LYS C 344 5.62 6.45 -37.18
CA LYS C 344 5.77 5.00 -37.12
C LYS C 344 6.67 4.71 -35.91
N LEU C 345 6.12 4.02 -34.89
CA LEU C 345 6.83 3.76 -33.63
C LEU C 345 7.17 2.28 -33.34
N LYS C 346 8.34 2.10 -32.72
CA LYS C 346 8.90 0.84 -32.23
C LYS C 346 8.66 0.81 -30.74
N PHE C 347 7.99 -0.24 -30.25
CA PHE C 347 7.69 -0.41 -28.84
C PHE C 347 8.64 -1.45 -28.26
N ASN C 348 9.70 -1.00 -27.58
CA ASN C 348 10.68 -1.90 -27.00
C ASN C 348 10.24 -2.25 -25.56
N PHE C 349 9.48 -3.36 -25.42
CA PHE C 349 8.94 -3.81 -24.13
C PHE C 349 10.03 -4.42 -23.22
N LYS C 350 9.78 -4.45 -21.90
CA LYS C 350 10.68 -4.99 -20.87
C LYS C 350 10.88 -6.51 -21.02
N SER D 3 31.70 49.58 6.85
CA SER D 3 31.80 48.37 6.03
C SER D 3 31.68 48.72 4.55
N LYS D 4 32.47 48.05 3.69
CA LYS D 4 32.49 48.35 2.25
C LYS D 4 31.73 47.31 1.43
N LEU D 5 31.95 46.01 1.71
CA LEU D 5 31.39 44.81 1.05
C LEU D 5 29.89 44.93 0.65
N PRO D 6 29.43 44.32 -0.49
CA PRO D 6 28.00 44.39 -0.85
C PRO D 6 27.06 43.86 0.23
N LYS D 7 25.83 44.42 0.30
CA LYS D 7 24.78 44.02 1.26
C LYS D 7 24.60 42.50 1.26
N PRO D 8 24.49 41.76 0.11
CA PRO D 8 24.36 40.29 0.20
C PRO D 8 25.48 39.61 0.98
N VAL D 9 26.73 40.12 0.86
CA VAL D 9 27.88 39.53 1.55
C VAL D 9 27.80 39.85 3.05
N GLN D 10 27.44 41.11 3.42
CA GLN D 10 27.27 41.54 4.81
C GLN D 10 26.14 40.74 5.52
N ASP D 11 25.08 40.37 4.75
CA ASP D 11 23.95 39.54 5.19
C ASP D 11 24.43 38.10 5.46
N LEU D 12 25.30 37.57 4.55
CA LEU D 12 25.88 36.23 4.62
C LEU D 12 26.75 36.10 5.86
N ILE D 13 27.70 37.06 6.08
CA ILE D 13 28.61 37.12 7.22
C ILE D 13 27.77 37.13 8.54
N LYS D 14 26.74 38.03 8.62
CA LYS D 14 25.82 38.24 9.76
C LYS D 14 25.12 36.97 10.21
N MET D 15 24.63 36.16 9.25
CA MET D 15 23.92 34.94 9.60
C MET D 15 24.87 33.83 9.99
N ILE D 16 26.04 33.70 9.30
CA ILE D 16 27.02 32.62 9.56
C ILE D 16 27.78 32.86 10.88
N PHE D 17 27.81 34.10 11.35
CA PHE D 17 28.44 34.46 12.62
C PHE D 17 27.38 34.91 13.63
N ASP D 18 26.21 34.24 13.63
CA ASP D 18 25.11 34.54 14.51
C ASP D 18 25.15 33.64 15.75
N VAL D 19 25.48 34.23 16.92
CA VAL D 19 25.60 33.61 18.25
C VAL D 19 24.24 33.04 18.72
N GLU D 20 23.10 33.62 18.26
CA GLU D 20 21.78 33.09 18.67
C GLU D 20 21.38 31.91 17.77
N SER D 21 21.94 31.81 16.55
CA SER D 21 21.74 30.67 15.63
C SER D 21 22.55 29.49 16.14
N MET D 22 23.63 29.79 16.90
CA MET D 22 24.53 28.83 17.55
C MET D 22 23.79 28.28 18.76
N LYS D 23 23.06 29.16 19.48
CA LYS D 23 22.23 28.81 20.62
C LYS D 23 20.95 28.11 20.16
N LYS D 24 20.35 28.56 19.03
CA LYS D 24 19.13 27.96 18.47
C LYS D 24 19.38 26.47 18.14
N ALA D 25 20.43 26.18 17.34
CA ALA D 25 20.87 24.84 16.92
C ALA D 25 21.08 23.89 18.11
N MET D 26 21.76 24.37 19.18
CA MET D 26 22.04 23.61 20.39
C MET D 26 20.77 23.30 21.17
N VAL D 27 19.91 24.34 21.42
CA VAL D 27 18.64 24.23 22.17
C VAL D 27 17.68 23.26 21.41
N GLU D 28 17.80 23.23 20.06
CA GLU D 28 17.08 22.35 19.16
C GLU D 28 17.48 20.85 19.45
N TYR D 29 18.74 20.59 19.94
CA TYR D 29 19.29 19.27 20.35
C TYR D 29 19.05 19.02 21.85
N GLU D 30 18.43 19.99 22.53
CA GLU D 30 18.09 20.04 23.96
C GLU D 30 19.34 19.82 24.85
N ILE D 31 20.42 20.55 24.49
CA ILE D 31 21.67 20.60 25.24
C ILE D 31 21.50 21.68 26.33
N ASP D 32 21.88 21.40 27.61
CA ASP D 32 21.80 22.38 28.71
C ASP D 32 22.82 23.53 28.48
N LEU D 33 22.43 24.79 28.69
CA LEU D 33 23.37 25.89 28.45
C LEU D 33 23.76 26.58 29.75
N GLN D 34 23.18 26.11 30.88
CA GLN D 34 23.49 26.59 32.22
C GLN D 34 24.64 25.75 32.76
N LYS D 35 24.84 24.56 32.12
CA LYS D 35 25.87 23.56 32.41
C LYS D 35 26.86 23.42 31.22
N MET D 36 26.42 23.80 30.00
CA MET D 36 27.23 23.66 28.79
C MET D 36 26.95 24.81 27.79
N PRO D 37 27.47 26.05 28.01
CA PRO D 37 27.25 27.13 27.02
C PRO D 37 28.29 27.07 25.89
N LEU D 38 28.17 27.97 24.90
CA LEU D 38 29.10 28.11 23.76
C LEU D 38 30.55 28.36 24.22
N GLY D 39 30.69 29.26 25.20
CA GLY D 39 31.97 29.65 25.78
C GLY D 39 32.50 28.67 26.79
N LYS D 40 32.23 27.37 26.55
CA LYS D 40 32.65 26.23 27.34
C LYS D 40 32.70 24.96 26.44
N LEU D 41 32.39 25.15 25.13
CA LEU D 41 32.45 24.10 24.13
C LEU D 41 33.87 23.95 23.67
N SER D 42 34.56 22.88 24.10
CA SER D 42 35.96 22.65 23.72
C SER D 42 36.09 21.57 22.64
N LYS D 43 37.18 21.58 21.84
CA LYS D 43 37.43 20.59 20.80
C LYS D 43 37.73 19.21 21.42
N ARG D 44 38.53 19.21 22.51
CA ARG D 44 38.96 18.03 23.28
C ARG D 44 37.84 17.57 24.25
N GLN D 45 36.60 17.86 23.86
CA GLN D 45 35.35 17.55 24.53
C GLN D 45 34.43 16.89 23.50
N ILE D 46 34.55 17.34 22.23
CA ILE D 46 33.79 16.87 21.07
C ILE D 46 34.40 15.55 20.58
N GLN D 47 35.73 15.50 20.31
CA GLN D 47 36.44 14.30 19.86
C GLN D 47 36.48 13.25 20.98
N ALA D 48 36.38 13.73 22.23
CA ALA D 48 36.28 12.89 23.40
C ALA D 48 34.93 12.17 23.35
N ALA D 49 33.83 12.94 23.17
CA ALA D 49 32.44 12.47 23.06
C ALA D 49 32.23 11.53 21.87
N TYR D 50 33.02 11.76 20.78
CA TYR D 50 33.02 10.94 19.59
C TYR D 50 33.40 9.49 19.93
N SER D 51 34.49 9.33 20.73
CA SER D 51 35.06 8.05 21.14
C SER D 51 34.09 7.23 21.96
N ILE D 52 33.27 7.90 22.82
CA ILE D 52 32.25 7.22 23.63
C ILE D 52 31.18 6.65 22.66
N LEU D 53 30.89 7.39 21.55
CA LEU D 53 29.96 6.93 20.53
C LEU D 53 30.58 5.73 19.80
N SER D 54 31.89 5.82 19.45
CA SER D 54 32.62 4.71 18.84
C SER D 54 32.70 3.50 19.81
N GLU D 55 32.79 3.77 21.14
CA GLU D 55 32.83 2.77 22.22
C GLU D 55 31.51 2.03 22.25
N VAL D 56 30.38 2.79 22.25
CA VAL D 56 29.01 2.25 22.24
C VAL D 56 28.85 1.41 20.96
N GLN D 57 29.21 1.97 19.79
CA GLN D 57 29.14 1.29 18.49
C GLN D 57 29.77 -0.13 18.57
N GLN D 58 30.98 -0.25 19.15
CA GLN D 58 31.68 -1.52 19.33
C GLN D 58 31.02 -2.40 20.43
N ALA D 59 30.70 -1.81 21.61
CA ALA D 59 30.07 -2.54 22.71
C ALA D 59 28.73 -3.17 22.30
N VAL D 60 27.98 -2.52 21.40
CA VAL D 60 26.72 -3.04 20.86
C VAL D 60 27.03 -4.22 19.89
N SER D 61 28.00 -4.02 18.96
CA SER D 61 28.40 -5.00 17.95
C SER D 61 29.34 -6.11 18.52
N GLN D 62 29.34 -6.29 19.84
CA GLN D 62 30.13 -7.31 20.55
C GLN D 62 29.27 -8.01 21.60
N GLY D 63 28.14 -7.40 21.95
CA GLY D 63 27.19 -7.91 22.92
C GLY D 63 27.54 -7.59 24.36
N SER D 64 27.81 -6.32 24.66
CA SER D 64 28.13 -5.94 26.04
C SER D 64 26.82 -5.83 26.85
N SER D 65 26.93 -5.97 28.16
CA SER D 65 25.83 -5.99 29.12
C SER D 65 25.22 -4.59 29.40
N ASP D 66 24.05 -4.58 30.07
CA ASP D 66 23.24 -3.42 30.47
C ASP D 66 24.06 -2.35 31.17
N SER D 67 24.69 -2.72 32.30
CA SER D 67 25.53 -1.84 33.11
C SER D 67 26.62 -1.19 32.28
N GLN D 68 27.16 -1.92 31.27
CA GLN D 68 28.20 -1.43 30.35
C GLN D 68 27.63 -0.37 29.41
N ILE D 69 26.41 -0.62 28.88
CA ILE D 69 25.67 0.29 27.99
C ILE D 69 25.35 1.57 28.77
N LEU D 70 24.69 1.41 29.94
CA LEU D 70 24.31 2.50 30.85
C LEU D 70 25.51 3.29 31.35
N ASP D 71 26.67 2.63 31.53
CA ASP D 71 27.93 3.25 31.98
C ASP D 71 28.54 4.12 30.89
N LEU D 72 28.23 3.80 29.63
CA LEU D 72 28.73 4.51 28.46
C LEU D 72 27.82 5.69 28.11
N SER D 73 26.50 5.50 28.23
CA SER D 73 25.49 6.52 27.98
C SER D 73 25.58 7.61 29.02
N ASN D 74 25.76 7.22 30.29
CA ASN D 74 25.93 8.15 31.41
C ASN D 74 27.25 8.88 31.26
N ARG D 75 28.27 8.25 30.65
CA ARG D 75 29.58 8.88 30.43
C ARG D 75 29.49 10.01 29.39
N PHE D 76 28.71 9.81 28.29
CA PHE D 76 28.53 10.81 27.22
C PHE D 76 27.67 11.97 27.73
N TYR D 77 26.63 11.67 28.53
CA TYR D 77 25.67 12.64 29.04
C TYR D 77 26.18 13.50 30.22
N THR D 78 27.14 12.98 30.99
CA THR D 78 27.74 13.74 32.09
C THR D 78 28.84 14.61 31.43
N LEU D 79 29.38 14.15 30.27
CA LEU D 79 30.37 14.87 29.48
C LEU D 79 29.68 15.99 28.65
N ILE D 80 28.59 15.65 27.94
CA ILE D 80 27.75 16.59 27.16
C ILE D 80 26.40 16.66 27.89
N PRO D 81 26.21 17.63 28.80
CA PRO D 81 24.94 17.69 29.55
C PRO D 81 23.78 18.16 28.69
N HIS D 82 22.64 17.48 28.83
CA HIS D 82 21.40 17.76 28.12
C HIS D 82 20.27 18.00 29.13
N ASP D 83 19.27 18.81 28.75
CA ASP D 83 18.07 19.04 29.58
C ASP D 83 16.88 18.50 28.78
N PHE D 84 16.53 17.24 29.01
CA PHE D 84 15.44 16.59 28.31
C PHE D 84 14.07 16.94 28.95
N GLY D 85 14.14 17.50 30.16
CA GLY D 85 12.97 17.90 30.93
C GLY D 85 12.56 16.80 31.89
N MET D 86 11.26 16.45 31.88
CA MET D 86 10.73 15.35 32.69
C MET D 86 10.89 14.02 31.91
N LYS D 87 11.26 14.14 30.59
CA LYS D 87 11.57 13.06 29.66
C LYS D 87 12.86 12.37 30.16
N LYS D 88 12.88 11.02 30.15
CA LYS D 88 14.06 10.24 30.57
C LYS D 88 15.19 10.40 29.51
N PRO D 89 16.50 10.41 29.91
CA PRO D 89 17.56 10.55 28.90
C PRO D 89 17.66 9.31 28.02
N PRO D 90 17.58 9.46 26.68
CA PRO D 90 17.69 8.30 25.79
C PRO D 90 19.01 7.56 25.97
N LEU D 91 18.88 6.26 26.20
CA LEU D 91 20.03 5.38 26.31
C LEU D 91 20.62 5.25 24.92
N LEU D 92 21.93 5.17 24.83
CA LEU D 92 22.57 5.02 23.53
C LEU D 92 23.01 3.57 23.47
N ASN D 93 22.28 2.79 22.65
CA ASN D 93 22.41 1.34 22.52
C ASN D 93 22.09 0.84 21.11
N ASN D 94 21.65 1.73 20.22
CA ASN D 94 21.29 1.34 18.84
C ASN D 94 21.85 2.35 17.85
N ALA D 95 21.80 2.01 16.54
CA ALA D 95 22.30 2.86 15.47
C ALA D 95 21.56 4.21 15.44
N ASP D 96 20.20 4.22 15.53
CA ASP D 96 19.44 5.49 15.55
C ASP D 96 19.98 6.44 16.66
N SER D 97 20.15 5.91 17.92
CA SER D 97 20.65 6.63 19.09
C SER D 97 22.06 7.20 18.91
N VAL D 98 22.99 6.46 18.24
CA VAL D 98 24.35 6.97 18.05
C VAL D 98 24.43 7.87 16.80
N GLN D 99 23.71 7.54 15.69
CA GLN D 99 23.73 8.32 14.44
C GLN D 99 23.15 9.71 14.62
N ALA D 100 22.27 9.88 15.63
CA ALA D 100 21.67 11.17 15.97
C ALA D 100 22.67 12.03 16.78
N LYS D 101 23.30 11.43 17.81
CA LYS D 101 24.27 12.08 18.67
C LYS D 101 25.59 12.29 17.91
N ALA D 102 25.77 11.56 16.78
CA ALA D 102 26.91 11.71 15.89
C ALA D 102 26.70 12.98 15.05
N GLU D 103 25.47 13.19 14.53
CA GLU D 103 25.06 14.34 13.72
C GLU D 103 25.11 15.65 14.56
N MET D 104 24.77 15.55 15.87
CA MET D 104 24.81 16.65 16.84
C MET D 104 26.25 17.13 17.05
N LEU D 105 27.23 16.19 17.10
CA LEU D 105 28.64 16.47 17.30
C LEU D 105 29.31 16.99 16.03
N ASP D 106 28.93 16.48 14.84
CA ASP D 106 29.48 16.93 13.55
C ASP D 106 29.11 18.38 13.29
N ASN D 107 28.04 18.83 13.98
CA ASN D 107 27.48 20.17 13.95
C ASN D 107 28.13 21.01 15.07
N LEU D 108 28.16 20.50 16.34
CA LEU D 108 28.80 21.13 17.51
C LEU D 108 30.28 21.44 17.25
N LEU D 109 30.90 20.66 16.33
CA LEU D 109 32.26 20.79 15.83
C LEU D 109 32.45 22.15 15.16
N ASP D 110 31.52 22.51 14.25
CA ASP D 110 31.57 23.72 13.44
C ASP D 110 30.96 24.94 14.12
N ILE D 111 30.14 24.70 15.15
CA ILE D 111 29.58 25.75 15.99
C ILE D 111 30.79 26.29 16.81
N GLU D 112 31.65 25.36 17.29
CA GLU D 112 32.87 25.62 18.06
C GLU D 112 33.92 26.33 17.20
N VAL D 113 34.02 25.98 15.90
CA VAL D 113 34.96 26.60 14.96
C VAL D 113 34.49 28.05 14.72
N ALA D 114 33.18 28.26 14.52
CA ALA D 114 32.60 29.59 14.33
C ALA D 114 32.86 30.51 15.53
N TYR D 115 32.44 30.10 16.74
CA TYR D 115 32.59 30.85 17.98
C TYR D 115 34.05 31.19 18.33
N SER D 116 34.99 30.23 18.15
CA SER D 116 36.42 30.44 18.43
C SER D 116 37.01 31.58 17.57
N LEU D 117 36.55 31.70 16.30
CA LEU D 117 36.98 32.77 15.37
C LEU D 117 36.50 34.13 15.88
N LEU D 118 35.28 34.17 16.45
CA LEU D 118 34.68 35.38 17.00
C LEU D 118 35.38 35.86 18.27
N ARG D 119 35.56 34.96 19.28
CA ARG D 119 36.21 35.28 20.56
C ARG D 119 37.68 35.68 20.38
N GLY D 120 38.37 35.02 19.45
CA GLY D 120 39.77 35.26 19.14
C GLY D 120 40.02 36.46 18.26
N GLY D 121 41.30 36.79 18.11
CA GLY D 121 41.79 37.90 17.31
C GLY D 121 42.12 39.14 18.12
N SER D 122 42.21 40.28 17.41
CA SER D 122 42.49 41.59 17.98
C SER D 122 41.34 42.53 17.61
N ASP D 123 40.36 42.63 18.53
CA ASP D 123 39.14 43.43 18.37
C ASP D 123 39.37 44.88 18.90
N ASP D 124 39.04 45.91 18.07
CA ASP D 124 39.22 47.34 18.43
C ASP D 124 37.93 48.17 18.20
N SER D 125 38.05 49.53 18.08
CA SER D 125 36.92 50.47 17.91
C SER D 125 36.89 51.19 16.53
N SER D 126 37.95 51.06 15.71
CA SER D 126 38.03 51.70 14.38
C SER D 126 37.67 50.72 13.26
N LYS D 127 38.10 49.45 13.38
CA LYS D 127 37.83 48.40 12.41
C LYS D 127 36.36 47.95 12.45
N ASP D 128 35.73 47.81 11.25
CA ASP D 128 34.33 47.39 11.10
C ASP D 128 34.13 45.92 11.58
N PRO D 129 33.17 45.64 12.48
CA PRO D 129 33.00 44.26 13.00
C PRO D 129 32.72 43.18 11.94
N ILE D 130 31.87 43.50 10.92
CA ILE D 130 31.47 42.60 9.81
C ILE D 130 32.70 42.20 8.98
N ASP D 131 33.45 43.22 8.49
CA ASP D 131 34.64 43.05 7.65
C ASP D 131 35.76 42.29 8.40
N VAL D 132 35.90 42.54 9.73
CA VAL D 132 36.86 41.87 10.61
C VAL D 132 36.59 40.35 10.59
N ASN D 133 35.30 39.96 10.57
CA ASN D 133 34.85 38.57 10.55
C ASN D 133 34.90 37.93 9.15
N TYR D 134 34.78 38.73 8.06
CA TYR D 134 34.91 38.22 6.69
C TYR D 134 36.37 37.82 6.41
N GLU D 135 37.31 38.63 6.93
CA GLU D 135 38.74 38.39 6.80
C GLU D 135 39.16 37.27 7.74
N LYS D 136 38.37 37.01 8.81
CA LYS D 136 38.62 35.96 9.80
C LYS D 136 38.35 34.58 9.18
N LEU D 137 37.45 34.55 8.19
CA LEU D 137 37.04 33.38 7.44
C LEU D 137 38.11 32.92 6.48
N LYS D 138 39.02 33.82 6.06
CA LYS D 138 40.12 33.59 5.11
C LYS D 138 39.57 33.09 3.73
N THR D 139 38.41 33.64 3.30
CA THR D 139 37.70 33.30 2.07
C THR D 139 37.34 34.57 1.32
N ASP D 140 37.51 34.55 0.00
CA ASP D 140 37.19 35.68 -0.87
C ASP D 140 35.86 35.41 -1.58
N ILE D 141 34.79 35.98 -1.00
CA ILE D 141 33.41 35.89 -1.47
C ILE D 141 33.16 37.01 -2.50
N LYS D 142 32.52 36.64 -3.62
CA LYS D 142 32.12 37.55 -4.68
C LYS D 142 30.70 37.20 -5.11
N VAL D 143 29.90 38.20 -5.54
CA VAL D 143 28.49 37.99 -5.91
C VAL D 143 28.37 37.77 -7.42
N VAL D 144 27.76 36.64 -7.80
CA VAL D 144 27.44 36.33 -9.18
C VAL D 144 26.21 37.17 -9.52
N ASP D 145 26.22 37.87 -10.66
CA ASP D 145 25.07 38.70 -11.05
C ASP D 145 23.87 37.82 -11.43
N ARG D 146 22.67 38.18 -10.93
CA ARG D 146 21.41 37.47 -11.21
C ARG D 146 21.16 37.38 -12.73
N ASP D 147 21.47 38.48 -13.44
CA ASP D 147 21.29 38.62 -14.89
C ASP D 147 22.33 37.78 -15.68
N SER D 148 23.44 37.33 -15.03
CA SER D 148 24.51 36.59 -15.72
C SER D 148 24.05 35.22 -16.23
N GLU D 149 24.64 34.79 -17.37
CA GLU D 149 24.41 33.51 -18.04
C GLU D 149 24.92 32.40 -17.14
N GLU D 150 25.85 32.77 -16.24
CA GLU D 150 26.47 31.94 -15.21
C GLU D 150 25.41 31.58 -14.14
N ALA D 151 24.62 32.57 -13.68
CA ALA D 151 23.55 32.40 -12.68
C ALA D 151 22.34 31.64 -13.25
N GLU D 152 22.08 31.81 -14.57
CA GLU D 152 21.03 31.17 -15.38
C GLU D 152 21.18 29.63 -15.35
N ILE D 153 22.44 29.16 -15.56
CA ILE D 153 22.89 27.76 -15.61
C ILE D 153 22.82 27.11 -14.21
N ILE D 154 23.25 27.83 -13.15
CA ILE D 154 23.17 27.36 -11.77
C ILE D 154 21.67 27.23 -11.37
N ARG D 155 20.78 28.10 -11.90
CA ARG D 155 19.35 28.02 -11.60
C ARG D 155 18.70 26.80 -12.29
N LYS D 156 19.22 26.38 -13.46
CA LYS D 156 18.73 25.21 -14.20
C LYS D 156 19.05 23.92 -13.43
N TYR D 157 20.28 23.83 -12.90
CA TYR D 157 20.79 22.73 -12.07
C TYR D 157 19.91 22.63 -10.80
N VAL D 158 19.43 23.78 -10.29
CA VAL D 158 18.51 23.80 -9.15
C VAL D 158 17.10 23.31 -9.63
N LYS D 159 16.56 23.92 -10.73
CA LYS D 159 15.27 23.58 -11.34
C LYS D 159 15.15 22.08 -11.64
N ASN D 160 15.90 21.60 -12.65
CA ASN D 160 15.92 20.25 -13.22
C ASN D 160 16.20 19.07 -12.26
N THR D 161 17.12 19.24 -11.30
CA THR D 161 17.52 18.16 -10.42
C THR D 161 16.74 18.18 -9.10
N HIS D 162 15.55 18.81 -9.09
CA HIS D 162 14.66 18.77 -7.93
C HIS D 162 13.96 17.45 -8.02
N ALA D 163 14.21 16.54 -7.06
CA ALA D 163 13.61 15.20 -7.06
C ALA D 163 12.16 15.29 -6.66
N THR D 164 11.32 14.49 -7.34
CA THR D 164 9.86 14.46 -7.13
C THR D 164 9.52 14.08 -5.68
N THR D 165 10.26 13.13 -5.09
CA THR D 165 10.10 12.65 -3.71
C THR D 165 10.12 13.81 -2.68
N HIS D 166 10.96 14.84 -2.91
CA HIS D 166 11.12 15.93 -1.95
C HIS D 166 10.09 17.04 -2.11
N ASN D 167 8.84 16.66 -2.48
CA ASN D 167 7.69 17.52 -2.79
C ASN D 167 7.13 18.38 -1.62
N ALA D 168 7.78 18.37 -0.44
CA ALA D 168 7.33 19.18 0.71
C ALA D 168 7.66 20.70 0.54
N TYR D 169 8.65 21.05 -0.32
CA TYR D 169 9.03 22.44 -0.57
C TYR D 169 9.36 22.72 -2.06
N ASP D 170 9.43 24.03 -2.38
CA ASP D 170 9.88 24.62 -3.64
C ASP D 170 11.20 25.31 -3.33
N LEU D 171 12.07 25.45 -4.32
CA LEU D 171 13.37 26.06 -4.03
C LEU D 171 13.61 27.28 -4.91
N GLU D 172 13.86 28.45 -4.25
CA GLU D 172 14.14 29.75 -4.89
C GLU D 172 15.57 30.21 -4.57
N VAL D 173 16.32 30.63 -5.59
CA VAL D 173 17.69 31.11 -5.37
C VAL D 173 17.70 32.62 -5.29
N ILE D 174 18.36 33.18 -4.26
CA ILE D 174 18.46 34.63 -4.03
C ILE D 174 19.86 35.13 -4.48
N ASP D 175 20.86 35.06 -3.59
CA ASP D 175 22.22 35.51 -3.85
C ASP D 175 23.09 34.30 -4.16
N ILE D 176 23.84 34.37 -5.27
CA ILE D 176 24.81 33.35 -5.71
C ILE D 176 26.18 33.90 -5.40
N PHE D 177 27.01 33.15 -4.68
CA PHE D 177 28.34 33.65 -4.35
C PHE D 177 29.42 32.77 -4.90
N LYS D 178 30.44 33.38 -5.52
CA LYS D 178 31.67 32.72 -6.00
C LYS D 178 32.65 32.82 -4.84
N ILE D 179 33.11 31.68 -4.32
CA ILE D 179 33.98 31.66 -3.14
C ILE D 179 35.33 30.97 -3.40
N GLU D 180 36.32 31.28 -2.54
CA GLU D 180 37.67 30.70 -2.56
C GLU D 180 38.36 30.94 -1.23
N ARG D 181 38.71 29.84 -0.55
CA ARG D 181 39.38 29.89 0.75
C ARG D 181 40.90 29.86 0.56
N GLU D 182 41.61 30.39 1.57
CA GLU D 182 43.08 30.50 1.66
C GLU D 182 43.67 29.08 1.62
N GLY D 183 44.49 28.82 0.60
CA GLY D 183 45.15 27.55 0.35
C GLY D 183 44.21 26.48 -0.15
N GLU D 184 43.66 26.67 -1.36
CA GLU D 184 42.71 25.67 -1.88
C GLU D 184 42.93 25.35 -3.34
N CYS D 185 43.48 26.25 -4.15
CA CYS D 185 43.71 25.80 -5.51
C CYS D 185 45.05 25.11 -5.58
N GLN D 186 45.94 25.47 -4.64
CA GLN D 186 47.27 24.88 -4.48
C GLN D 186 47.15 23.51 -3.91
N ARG D 187 46.22 23.34 -2.96
CA ARG D 187 45.90 22.07 -2.30
C ARG D 187 45.19 21.10 -3.26
N TYR D 188 44.48 21.66 -4.26
CA TYR D 188 43.71 20.95 -5.29
C TYR D 188 44.56 20.74 -6.55
N LYS D 189 45.67 21.50 -6.67
CA LYS D 189 46.59 21.51 -7.81
C LYS D 189 46.82 20.09 -8.44
N PRO D 190 47.15 18.97 -7.73
CA PRO D 190 47.41 17.70 -8.46
C PRO D 190 46.19 17.10 -9.16
N PHE D 191 45.03 17.26 -8.51
CA PHE D 191 43.73 16.73 -8.93
C PHE D 191 43.05 17.66 -9.93
N LYS D 192 43.60 18.89 -10.13
CA LYS D 192 43.10 19.95 -11.01
C LYS D 192 42.98 19.52 -12.50
N GLN D 193 43.80 18.55 -12.95
CA GLN D 193 43.85 18.09 -14.33
C GLN D 193 43.21 16.70 -14.55
N LEU D 194 42.86 16.00 -13.46
CA LEU D 194 42.24 14.65 -13.47
C LEU D 194 40.92 14.59 -14.28
N HIS D 195 40.67 13.45 -14.94
CA HIS D 195 39.45 13.19 -15.73
C HIS D 195 38.23 12.97 -14.80
N ASN D 196 36.99 13.09 -15.34
CA ASN D 196 35.72 12.94 -14.64
C ASN D 196 35.70 13.85 -13.39
N ARG D 197 36.03 15.12 -13.62
CA ARG D 197 35.99 16.18 -12.63
C ARG D 197 34.59 16.79 -12.72
N ARG D 198 33.80 16.80 -11.62
CA ARG D 198 32.42 17.29 -11.67
C ARG D 198 32.08 18.35 -10.64
N LEU D 199 30.95 19.05 -10.89
CA LEU D 199 30.37 20.08 -10.01
C LEU D 199 29.08 19.54 -9.40
N LEU D 200 29.14 19.22 -8.11
CA LEU D 200 28.02 18.60 -7.39
C LEU D 200 27.66 19.31 -6.09
N TRP D 201 26.41 19.14 -5.68
CA TRP D 201 25.77 19.76 -4.55
C TRP D 201 26.30 19.32 -3.20
N HIS D 202 26.17 20.20 -2.21
CA HIS D 202 26.51 19.91 -0.82
C HIS D 202 25.67 20.80 0.10
N GLY D 203 24.87 20.19 0.96
CA GLY D 203 24.04 20.92 1.91
C GLY D 203 24.65 20.82 3.28
N SER D 204 24.19 21.65 4.23
CA SER D 204 24.66 21.71 5.62
C SER D 204 23.96 22.84 6.36
N ARG D 205 23.76 22.65 7.68
CA ARG D 205 23.15 23.62 8.56
C ARG D 205 23.95 24.87 8.50
N THR D 206 23.31 25.99 8.12
CA THR D 206 23.94 27.31 8.02
C THR D 206 25.01 27.46 9.13
N THR D 207 24.64 27.11 10.40
CA THR D 207 25.43 27.18 11.66
C THR D 207 26.82 26.53 11.57
N ASN D 208 27.14 25.89 10.44
CA ASN D 208 28.42 25.22 10.25
C ASN D 208 29.38 25.95 9.30
N PHE D 209 28.84 26.76 8.35
CA PHE D 209 29.57 27.45 7.28
C PHE D 209 30.80 28.28 7.73
N ALA D 210 30.77 28.89 8.92
CA ALA D 210 31.90 29.62 9.47
C ALA D 210 33.06 28.66 9.74
N GLY D 211 32.72 27.39 9.94
CA GLY D 211 33.71 26.32 10.09
C GLY D 211 34.13 25.80 8.73
N ILE D 212 33.14 25.62 7.80
CA ILE D 212 33.31 25.09 6.43
C ILE D 212 34.20 26.00 5.59
N LEU D 213 34.05 27.31 5.72
CA LEU D 213 34.82 28.24 4.88
C LEU D 213 36.23 28.54 5.49
N SER D 214 36.40 28.40 6.82
CA SER D 214 37.68 28.67 7.49
C SER D 214 38.56 27.42 7.57
N GLN D 215 38.01 26.23 7.31
CA GLN D 215 38.77 24.98 7.39
C GLN D 215 38.52 24.07 6.19
N GLY D 216 37.41 24.30 5.48
CA GLY D 216 37.02 23.51 4.31
C GLY D 216 36.12 22.34 4.64
N LEU D 217 35.84 21.52 3.62
CA LEU D 217 35.03 20.32 3.78
C LEU D 217 35.96 19.22 4.30
N ARG D 218 35.70 18.78 5.55
CA ARG D 218 36.47 17.76 6.26
C ARG D 218 35.78 16.38 6.34
N ILE D 219 36.56 15.41 6.76
CA ILE D 219 36.24 14.03 7.03
C ILE D 219 36.28 13.93 8.55
N ALA D 220 35.24 13.33 9.17
CA ALA D 220 35.16 13.14 10.63
C ALA D 220 36.42 12.36 11.14
N PRO D 221 36.99 12.76 12.31
CA PRO D 221 38.23 12.11 12.78
C PRO D 221 38.06 10.65 13.17
N PRO D 222 39.17 9.86 13.23
CA PRO D 222 39.06 8.44 13.65
C PRO D 222 38.16 8.20 14.86
N GLU D 223 38.14 9.15 15.83
CA GLU D 223 37.36 9.12 17.06
C GLU D 223 35.85 8.98 16.83
N ALA D 224 35.34 9.35 15.64
CA ALA D 224 33.90 9.31 15.30
C ALA D 224 33.39 7.93 14.86
N PRO D 225 32.17 7.51 15.27
CA PRO D 225 31.63 6.22 14.79
C PRO D 225 31.35 6.24 13.27
N VAL D 226 31.39 5.05 12.60
CA VAL D 226 31.20 4.92 11.14
C VAL D 226 29.70 4.88 10.74
N THR D 227 28.78 4.63 11.70
CA THR D 227 27.33 4.57 11.43
C THR D 227 26.81 5.97 11.08
N GLY D 228 26.02 6.04 10.01
CA GLY D 228 25.44 7.28 9.50
C GLY D 228 25.87 7.55 8.07
N TYR D 229 27.14 7.24 7.76
CA TYR D 229 27.74 7.38 6.43
C TYR D 229 27.58 6.05 5.67
N MET D 230 26.72 6.01 4.61
CA MET D 230 26.46 4.79 3.82
C MET D 230 27.72 4.23 3.10
N PHE D 231 28.77 5.03 2.90
CA PHE D 231 29.98 4.55 2.24
C PHE D 231 31.24 4.91 3.03
N GLY D 232 31.06 5.07 4.35
CA GLY D 232 32.14 5.41 5.28
C GLY D 232 32.58 6.87 5.31
N LYS D 233 33.63 7.13 6.11
CA LYS D 233 34.28 8.42 6.39
C LYS D 233 34.95 9.05 5.14
N GLY D 234 34.21 9.96 4.53
CA GLY D 234 34.64 10.72 3.36
C GLY D 234 33.78 11.94 3.22
N ILE D 235 33.87 12.62 2.07
CA ILE D 235 33.06 13.82 1.82
C ILE D 235 32.01 13.43 0.76
N TYR D 236 30.70 13.63 1.12
CA TYR D 236 29.55 13.25 0.29
C TYR D 236 28.94 14.41 -0.47
N PHE D 237 28.52 14.14 -1.72
CA PHE D 237 27.94 15.09 -2.68
C PHE D 237 26.81 14.42 -3.42
N ALA D 238 25.93 15.21 -4.06
CA ALA D 238 24.81 14.69 -4.83
C ALA D 238 24.65 15.44 -6.12
N ASP D 239 24.12 14.78 -7.17
CA ASP D 239 23.84 15.46 -8.42
C ASP D 239 22.35 15.91 -8.48
N MET D 240 21.60 15.69 -7.37
CA MET D 240 20.19 16.06 -7.19
C MET D 240 20.10 17.10 -6.05
N VAL D 241 19.77 18.37 -6.40
CA VAL D 241 19.73 19.53 -5.51
C VAL D 241 18.95 19.26 -4.20
N SER D 242 17.74 18.69 -4.31
CA SER D 242 16.85 18.40 -3.17
C SER D 242 17.48 17.43 -2.18
N LYS D 243 18.19 16.41 -2.68
CA LYS D 243 18.87 15.43 -1.83
C LYS D 243 19.92 16.16 -0.95
N SER D 244 20.58 17.21 -1.49
CA SER D 244 21.56 18.00 -0.73
C SER D 244 20.86 19.14 0.07
N ALA D 245 19.79 19.78 -0.51
CA ALA D 245 18.96 20.80 0.16
C ALA D 245 18.36 20.26 1.48
N ASN D 246 17.99 18.96 1.50
CA ASN D 246 17.45 18.24 2.66
C ASN D 246 18.36 18.35 3.91
N TYR D 247 19.71 18.31 3.69
CA TYR D 247 20.74 18.38 4.75
C TYR D 247 20.97 19.82 5.25
N CYS D 248 20.20 20.82 4.72
CA CYS D 248 20.23 22.21 5.20
C CYS D 248 19.50 22.27 6.54
N HIS D 249 18.42 21.44 6.65
CA HIS D 249 17.48 21.32 7.77
C HIS D 249 16.77 22.66 8.06
N THR D 250 16.27 23.30 6.99
CA THR D 250 15.50 24.54 7.10
C THR D 250 14.05 24.19 7.44
N SER D 251 13.36 25.07 8.17
CA SER D 251 11.98 24.86 8.60
C SER D 251 11.09 26.04 8.20
N GLN D 252 9.78 25.98 8.48
CA GLN D 252 8.84 27.05 8.15
C GLN D 252 9.22 28.35 8.85
N GLY D 253 9.80 28.23 10.04
CA GLY D 253 10.26 29.36 10.86
C GLY D 253 11.60 29.95 10.45
N ASP D 254 12.39 29.20 9.63
CA ASP D 254 13.70 29.61 9.10
C ASP D 254 13.95 28.85 7.78
N PRO D 255 13.36 29.33 6.66
CA PRO D 255 13.52 28.60 5.38
C PRO D 255 14.69 29.13 4.56
N ILE D 256 15.67 29.75 5.23
CA ILE D 256 16.83 30.29 4.54
C ILE D 256 18.02 29.33 4.74
N GLY D 257 18.41 28.66 3.66
CA GLY D 257 19.49 27.68 3.67
C GLY D 257 20.60 27.98 2.69
N LEU D 258 21.83 27.59 3.05
CA LEU D 258 23.01 27.80 2.18
C LEU D 258 23.47 26.48 1.60
N ILE D 259 23.64 26.43 0.27
CA ILE D 259 24.10 25.23 -0.43
C ILE D 259 25.44 25.52 -1.10
N LEU D 260 26.22 24.47 -1.39
CA LEU D 260 27.50 24.57 -2.05
C LEU D 260 27.45 23.97 -3.45
N LEU D 261 28.51 24.23 -4.21
CA LEU D 261 28.74 23.75 -5.56
C LEU D 261 30.23 23.57 -5.75
N GLY D 262 30.73 22.38 -5.42
CA GLY D 262 32.16 22.08 -5.45
C GLY D 262 32.71 21.46 -6.72
N GLU D 263 33.98 21.78 -7.05
CA GLU D 263 34.73 21.18 -8.15
C GLU D 263 35.39 19.96 -7.49
N VAL D 264 34.80 18.75 -7.68
CA VAL D 264 35.30 17.55 -7.02
C VAL D 264 35.90 16.52 -8.03
N ALA D 265 37.15 16.12 -7.77
CA ALA D 265 37.96 15.19 -8.57
C ALA D 265 37.45 13.73 -8.40
N LEU D 266 36.67 13.23 -9.38
CA LEU D 266 36.08 11.89 -9.22
C LEU D 266 36.87 10.79 -9.87
N GLY D 267 37.42 11.06 -11.06
CA GLY D 267 38.21 10.09 -11.82
C GLY D 267 37.46 8.80 -12.05
N ASN D 268 38.12 7.69 -11.73
CA ASN D 268 37.54 6.35 -11.86
C ASN D 268 36.72 6.11 -10.66
N MET D 269 35.44 5.91 -10.88
CA MET D 269 34.52 5.70 -9.79
C MET D 269 34.26 4.23 -9.57
N TYR D 270 34.13 3.86 -8.30
CA TYR D 270 33.80 2.53 -7.79
C TYR D 270 32.31 2.55 -7.57
N GLU D 271 31.57 2.11 -8.58
CA GLU D 271 30.11 2.18 -8.59
C GLU D 271 29.45 1.07 -7.78
N LEU D 272 29.09 1.41 -6.53
CA LEU D 272 28.41 0.58 -5.55
C LEU D 272 26.88 0.81 -5.59
N LYS D 273 26.10 -0.03 -4.87
CA LYS D 273 24.63 0.05 -4.84
C LYS D 273 24.09 -0.12 -3.44
N HIS D 274 24.85 -0.76 -2.58
CA HIS D 274 24.45 -1.06 -1.21
C HIS D 274 25.47 -0.52 -0.24
N ALA D 275 25.10 -0.41 1.05
CA ALA D 275 25.97 0.12 2.10
C ALA D 275 27.22 -0.73 2.22
N SER D 276 28.39 -0.12 1.93
CA SER D 276 29.69 -0.78 1.96
C SER D 276 30.77 0.18 2.45
N HIS D 277 31.14 0.10 3.73
CA HIS D 277 32.16 0.99 4.30
C HIS D 277 33.53 0.45 3.95
N ILE D 278 34.19 1.11 3.00
CA ILE D 278 35.51 0.64 2.56
C ILE D 278 36.61 1.51 3.15
N SER D 279 36.50 2.85 2.95
CA SER D 279 37.46 3.87 3.39
C SER D 279 38.89 3.69 2.76
N LYS D 280 39.29 2.43 2.38
CA LYS D 280 40.58 2.07 1.72
C LYS D 280 40.32 1.58 0.26
N LEU D 281 40.20 2.56 -0.64
CA LEU D 281 39.88 2.52 -2.06
C LEU D 281 40.60 1.44 -2.89
N PRO D 282 39.88 0.77 -3.83
CA PRO D 282 40.51 -0.26 -4.68
C PRO D 282 41.48 0.35 -5.67
N LYS D 283 42.48 -0.42 -6.14
CA LYS D 283 43.53 0.09 -7.05
C LYS D 283 42.91 0.66 -8.34
N GLY D 284 43.37 1.83 -8.73
CA GLY D 284 42.84 2.49 -9.90
C GLY D 284 41.64 3.42 -9.67
N LYS D 285 40.86 3.24 -8.57
CA LYS D 285 39.71 4.11 -8.27
C LYS D 285 40.14 5.37 -7.47
N HIS D 286 39.39 6.50 -7.63
CA HIS D 286 39.66 7.80 -6.98
C HIS D 286 38.47 8.26 -6.12
N SER D 287 37.29 7.78 -6.46
CA SER D 287 36.03 8.08 -5.79
C SER D 287 35.14 6.83 -5.66
N VAL D 288 34.03 7.00 -4.92
CA VAL D 288 32.97 6.03 -4.76
C VAL D 288 31.70 6.70 -5.34
N LYS D 289 30.85 5.91 -5.99
CA LYS D 289 29.64 6.44 -6.58
C LYS D 289 28.43 5.54 -6.28
N GLY D 290 27.55 6.03 -5.42
CA GLY D 290 26.31 5.37 -5.06
C GLY D 290 25.29 5.52 -6.17
N LEU D 291 24.85 4.40 -6.72
CA LEU D 291 23.93 4.39 -7.84
C LEU D 291 22.52 4.41 -7.33
N GLY D 292 21.76 5.40 -7.80
CA GLY D 292 20.35 5.58 -7.44
C GLY D 292 19.38 5.07 -8.50
N LYS D 293 18.14 4.78 -8.09
CA LYS D 293 17.09 4.31 -9.00
C LYS D 293 16.75 5.42 -10.05
N THR D 294 17.07 6.70 -9.73
CA THR D 294 16.86 7.87 -10.60
C THR D 294 18.20 8.69 -10.72
N THR D 295 18.41 9.23 -11.92
CA THR D 295 19.60 10.00 -12.27
C THR D 295 19.29 11.26 -13.14
N PRO D 296 20.03 12.39 -12.99
CA PRO D 296 19.87 13.50 -13.96
C PRO D 296 20.23 12.97 -15.34
N ASP D 297 19.40 13.21 -16.36
CA ASP D 297 19.62 12.72 -17.72
C ASP D 297 21.07 13.01 -18.21
N PRO D 298 21.91 11.94 -18.37
CA PRO D 298 23.30 12.12 -18.81
C PRO D 298 23.38 12.37 -20.31
N SER D 299 22.19 12.32 -20.98
CA SER D 299 21.97 12.62 -22.39
C SER D 299 21.57 14.11 -22.48
N ALA D 300 22.09 14.92 -21.51
CA ALA D 300 21.84 16.35 -21.30
C ALA D 300 22.92 16.99 -20.41
N ASN D 301 24.14 16.43 -20.44
CA ASN D 301 25.26 16.95 -19.65
C ASN D 301 25.83 18.25 -20.27
N ILE D 302 26.39 19.12 -19.40
CA ILE D 302 26.91 20.43 -19.77
C ILE D 302 28.29 20.70 -19.12
N SER D 303 29.05 21.65 -19.71
CA SER D 303 30.39 22.03 -19.26
C SER D 303 30.49 23.54 -18.90
N LEU D 304 30.95 23.83 -17.66
CA LEU D 304 31.17 25.15 -17.05
C LEU D 304 32.61 25.21 -16.50
N ASP D 305 33.50 25.94 -17.21
CA ASP D 305 34.93 26.17 -16.91
C ASP D 305 35.75 24.85 -16.91
N GLY D 306 35.40 23.94 -17.82
CA GLY D 306 36.09 22.67 -17.99
C GLY D 306 35.67 21.56 -17.04
N VAL D 307 34.66 21.83 -16.19
CA VAL D 307 34.12 20.86 -15.24
C VAL D 307 32.70 20.46 -15.71
N ASP D 308 32.21 19.29 -15.30
CA ASP D 308 30.89 18.84 -15.73
C ASP D 308 29.77 19.24 -14.79
N VAL D 309 28.65 19.67 -15.38
CA VAL D 309 27.44 20.06 -14.66
C VAL D 309 26.28 19.09 -15.04
N PRO D 310 25.93 18.11 -14.15
CA PRO D 310 24.84 17.15 -14.46
C PRO D 310 23.44 17.72 -14.10
N LEU D 311 22.96 18.66 -14.93
CA LEU D 311 21.69 19.39 -14.80
C LEU D 311 20.54 18.77 -15.64
N GLY D 312 20.71 17.56 -16.13
CA GLY D 312 19.66 16.89 -16.88
C GLY D 312 18.44 16.64 -16.01
N THR D 313 17.27 16.57 -16.64
CA THR D 313 15.99 16.28 -15.95
C THR D 313 16.08 14.92 -15.28
N GLY D 314 15.40 14.77 -14.15
CA GLY D 314 15.33 13.53 -13.40
C GLY D 314 14.72 12.41 -14.23
N ILE D 315 15.55 11.41 -14.57
CA ILE D 315 15.18 10.25 -15.38
C ILE D 315 15.58 8.98 -14.63
N SER D 316 14.85 7.89 -14.85
CA SER D 316 15.12 6.62 -14.18
C SER D 316 16.31 5.91 -14.81
N SER D 317 17.38 5.62 -14.01
CA SER D 317 18.53 4.82 -14.47
C SER D 317 18.09 3.37 -14.49
N GLY D 318 18.65 2.56 -15.37
CA GLY D 318 18.24 1.16 -15.44
C GLY D 318 18.69 0.29 -14.28
N VAL D 319 18.62 0.80 -13.02
CA VAL D 319 19.01 0.12 -11.77
C VAL D 319 17.89 0.26 -10.70
N ASN D 320 17.13 -0.80 -10.39
CA ASN D 320 16.04 -0.71 -9.37
C ASN D 320 16.26 -1.72 -8.21
N ASP D 321 17.37 -2.45 -8.32
CA ASP D 321 17.92 -3.48 -7.44
C ASP D 321 18.77 -2.85 -6.34
N THR D 322 19.14 -1.59 -6.53
CA THR D 322 19.96 -0.76 -5.64
C THR D 322 19.17 -0.25 -4.39
N SER D 323 19.94 0.10 -3.31
CA SER D 323 19.41 0.62 -2.04
C SER D 323 19.04 2.13 -2.08
N LEU D 324 19.59 2.90 -3.06
CA LEU D 324 19.48 4.36 -3.24
C LEU D 324 18.39 4.78 -4.22
N LEU D 325 17.69 5.88 -3.90
CA LEU D 325 16.67 6.45 -4.77
C LEU D 325 17.32 7.37 -5.77
N TYR D 326 18.42 8.02 -5.32
CA TYR D 326 19.22 8.99 -6.06
C TYR D 326 20.74 8.77 -5.78
N ASN D 327 21.56 9.16 -6.76
CA ASN D 327 23.03 9.02 -6.78
C ASN D 327 23.74 9.65 -5.57
N GLU D 328 24.96 9.15 -5.27
CA GLU D 328 25.87 9.57 -4.21
C GLU D 328 27.24 9.71 -4.77
N TYR D 329 27.99 10.69 -4.29
CA TYR D 329 29.34 10.91 -4.75
C TYR D 329 30.22 11.12 -3.54
N ILE D 330 31.30 10.35 -3.46
CA ILE D 330 32.18 10.40 -2.29
C ILE D 330 33.64 10.39 -2.70
N VAL D 331 34.43 11.29 -2.08
CA VAL D 331 35.89 11.38 -2.21
C VAL D 331 36.45 11.17 -0.81
N TYR D 332 37.63 10.53 -0.71
CA TYR D 332 38.17 10.20 0.61
C TYR D 332 39.44 10.99 0.94
N ASP D 333 39.75 12.04 0.14
CA ASP D 333 40.84 13.00 0.39
C ASP D 333 40.29 14.43 0.26
N ILE D 334 40.41 15.21 1.36
CA ILE D 334 39.96 16.61 1.42
C ILE D 334 40.57 17.44 0.28
N ALA D 335 41.76 17.07 -0.20
CA ALA D 335 42.48 17.72 -1.30
C ALA D 335 41.76 17.63 -2.68
N GLN D 336 40.75 16.75 -2.78
CA GLN D 336 40.02 16.51 -4.03
C GLN D 336 38.79 17.44 -4.14
N VAL D 337 38.62 18.36 -3.15
CA VAL D 337 37.50 19.32 -3.05
C VAL D 337 37.96 20.76 -3.33
N ASN D 338 37.30 21.45 -4.29
CA ASN D 338 37.54 22.85 -4.61
C ASN D 338 36.22 23.58 -4.66
N LEU D 339 35.79 24.09 -3.49
CA LEU D 339 34.53 24.80 -3.36
C LEU D 339 34.50 25.96 -4.36
N LYS D 340 33.41 26.04 -5.13
CA LYS D 340 33.27 27.09 -6.12
C LYS D 340 32.24 28.12 -5.72
N TYR D 341 30.99 27.69 -5.46
CA TYR D 341 29.85 28.55 -5.11
C TYR D 341 29.18 28.28 -3.76
N LEU D 342 28.42 29.28 -3.27
CA LEU D 342 27.62 29.28 -2.05
C LEU D 342 26.31 30.01 -2.36
N LEU D 343 25.20 29.26 -2.39
CA LEU D 343 23.89 29.80 -2.72
C LEU D 343 23.04 30.04 -1.46
N LYS D 344 22.24 31.12 -1.48
CA LYS D 344 21.31 31.47 -0.42
C LYS D 344 19.92 31.07 -0.93
N LEU D 345 19.32 30.02 -0.35
CA LEU D 345 18.04 29.45 -0.79
C LEU D 345 16.84 29.74 0.13
N LYS D 346 15.70 30.07 -0.52
CA LYS D 346 14.38 30.31 0.08
C LYS D 346 13.57 29.03 -0.10
N PHE D 347 13.24 28.35 1.01
CA PHE D 347 12.44 27.12 0.98
C PHE D 347 10.94 27.50 1.05
N ASN D 348 10.24 27.39 -0.10
CA ASN D 348 8.80 27.67 -0.19
C ASN D 348 8.06 26.43 0.28
N PHE D 349 7.87 26.29 1.61
CA PHE D 349 7.22 25.13 2.22
C PHE D 349 5.76 25.00 1.83
N LYS D 350 5.30 23.73 1.74
CA LYS D 350 3.96 23.27 1.34
C LYS D 350 3.79 23.33 -0.18
#